data_6VJF
#
_entry.id   6VJF
#
_cell.length_a   81.873
_cell.length_b   119.032
_cell.length_c   84.576
_cell.angle_alpha   90.000
_cell.angle_beta   100.950
_cell.angle_gamma   90.000
#
_symmetry.space_group_name_H-M   'P 1 21 1'
#
loop_
_entity.id
_entity.type
_entity.pdbx_description
1 polymer 'Putative sorting protein Vps1'
2 non-polymer 'PHOSPHOMETHYLPHOSPHONIC ACID GUANYLATE ESTER'
3 non-polymer 'MAGNESIUM ION'
4 water water
#
_entity_poly.entity_id   1
_entity_poly.type   'polypeptide(L)'
_entity_poly.pdbx_seq_one_letter_code
;GPMTADAPAGTLAQPGGISDPNLIKLVNKLQDVFTTVGVNNPIDLPQIVVVGSQSSGASSVLENIVGRDFLPRGQGIVTR
RPLVLQLINRQSSGNANGFDERLADSTDKAANLDEWGEFLHLPGQKFYDFNKIRDEINRETEAKVGRNAGISPAPINLRI
YSPHVLNLTLVDLPGLTRVPVGDQPRDIERQIRDMILKYIQKPNAIILAVTAANVDLANSDGLKLAREVDPEGQRTIGVL
TKVDLMDEGTDVVDILAGRIIPLRLGYVPVVNRGQRDIDNKKPITAALEAEKAFFENHKAYRNKSAYCGTPYLARKLNLI
LMMHIKQTLPDIKQRISSSLQKYQQELEALGPSLLGAGAGAESDYTVRRRKECQQMVESLQRAAEIVSQVQ
;
_entity_poly.pdbx_strand_id   A,B,C,D
#
loop_
_chem_comp.id
_chem_comp.type
_chem_comp.name
_chem_comp.formula
GCP non-polymer 'PHOSPHOMETHYLPHOSPHONIC ACID GUANYLATE ESTER' 'C11 H18 N5 O13 P3'
MG non-polymer 'MAGNESIUM ION' 'Mg 2'
#
# COMPACT_ATOMS: atom_id res chain seq x y z
N THR A 11 21.04 -30.95 15.73
CA THR A 11 20.74 -30.40 17.09
C THR A 11 19.61 -29.35 16.94
N LEU A 12 18.53 -29.47 17.73
CA LEU A 12 17.30 -28.60 17.75
C LEU A 12 17.60 -27.21 18.35
N ALA A 13 18.83 -26.94 18.82
CA ALA A 13 19.31 -25.59 19.15
C ALA A 13 19.22 -24.74 17.88
N GLN A 14 18.57 -23.59 17.99
CA GLN A 14 18.30 -22.64 16.88
C GLN A 14 18.30 -21.25 17.51
N PRO A 15 19.37 -20.45 17.27
CA PRO A 15 19.38 -19.05 17.71
C PRO A 15 18.13 -18.33 17.24
N GLY A 16 17.64 -17.35 18.02
CA GLY A 16 16.56 -16.46 17.63
C GLY A 16 15.16 -17.06 17.89
N GLY A 17 15.01 -18.37 18.02
CA GLY A 17 13.70 -19.07 18.04
C GLY A 17 13.29 -19.56 19.42
N ILE A 18 12.45 -20.59 19.48
CA ILE A 18 11.91 -21.05 20.79
C ILE A 18 12.95 -21.91 21.51
N SER A 19 14.00 -22.33 20.79
CA SER A 19 15.14 -23.12 21.33
C SER A 19 16.44 -22.33 21.17
N ASP A 20 16.34 -21.02 21.38
CA ASP A 20 17.49 -20.12 21.47
C ASP A 20 18.32 -20.53 22.68
N PRO A 21 19.64 -20.81 22.52
CA PRO A 21 20.50 -21.16 23.67
C PRO A 21 20.41 -20.19 24.85
N ASN A 22 20.31 -18.87 24.60
CA ASN A 22 20.23 -17.84 25.67
C ASN A 22 18.92 -17.96 26.47
N LEU A 23 17.84 -18.33 25.82
CA LEU A 23 16.53 -18.53 26.48
C LEU A 23 16.65 -19.74 27.39
N ILE A 24 17.29 -20.82 26.93
CA ILE A 24 17.54 -22.05 27.76
C ILE A 24 18.45 -21.64 28.95
N LYS A 25 19.52 -20.92 28.70
CA LYS A 25 20.48 -20.52 29.77
C LYS A 25 19.71 -19.73 30.83
N LEU A 26 18.87 -18.78 30.41
CA LEU A 26 18.08 -17.89 31.32
C LEU A 26 17.18 -18.71 32.26
N VAL A 27 16.47 -19.71 31.73
CA VAL A 27 15.53 -20.57 32.50
C VAL A 27 16.33 -21.41 33.51
N ASN A 28 17.49 -21.98 33.14
CA ASN A 28 18.37 -22.77 34.03
C ASN A 28 18.87 -21.89 35.20
N LYS A 29 19.27 -20.64 34.89
CA LYS A 29 19.77 -19.66 35.89
C LYS A 29 18.63 -19.35 36.89
N LEU A 30 17.42 -19.09 36.40
CA LEU A 30 16.27 -18.78 37.28
C LEU A 30 15.84 -20.01 38.09
N GLN A 31 15.91 -21.22 37.53
CA GLN A 31 15.58 -22.46 38.26
C GLN A 31 16.58 -22.62 39.42
N ASP A 32 17.85 -22.24 39.21
CA ASP A 32 18.88 -22.34 40.27
C ASP A 32 18.52 -21.32 41.37
N VAL A 33 18.14 -20.10 41.01
CA VAL A 33 17.64 -19.06 41.96
C VAL A 33 16.45 -19.61 42.76
N PHE A 34 15.39 -20.08 42.11
CA PHE A 34 14.13 -20.54 42.76
C PHE A 34 14.45 -21.62 43.81
N THR A 35 15.33 -22.58 43.50
CA THR A 35 15.82 -23.64 44.41
C THR A 35 16.48 -23.05 45.66
N THR A 36 17.39 -22.10 45.49
CA THR A 36 18.13 -21.50 46.63
C THR A 36 17.16 -20.65 47.48
N VAL A 37 16.11 -20.06 46.90
CA VAL A 37 15.14 -19.22 47.67
C VAL A 37 13.92 -20.03 48.12
N GLY A 38 13.79 -21.29 47.70
CA GLY A 38 12.81 -22.25 48.22
C GLY A 38 11.44 -22.10 47.58
N VAL A 39 11.39 -21.90 46.26
CA VAL A 39 10.13 -21.92 45.45
C VAL A 39 10.24 -23.08 44.45
N ASN A 40 9.21 -23.91 44.33
CA ASN A 40 8.89 -24.64 43.08
C ASN A 40 8.80 -23.61 41.97
N ASN A 41 9.46 -23.88 40.85
CA ASN A 41 9.58 -23.00 39.67
C ASN A 41 8.18 -22.60 39.22
N PRO A 42 7.80 -21.30 39.31
CA PRO A 42 6.48 -20.85 38.92
C PRO A 42 6.38 -20.43 37.45
N ILE A 43 7.47 -20.54 36.67
CA ILE A 43 7.45 -20.19 35.22
C ILE A 43 6.40 -21.06 34.52
N ASP A 44 5.36 -20.42 34.01
CA ASP A 44 4.22 -21.10 33.32
C ASP A 44 4.21 -20.70 31.83
N LEU A 45 4.99 -21.40 31.00
CA LEU A 45 5.12 -21.08 29.57
C LEU A 45 3.84 -21.42 28.85
N PRO A 46 3.34 -20.52 27.96
CA PRO A 46 2.13 -20.80 27.20
C PRO A 46 2.37 -22.00 26.26
N GLN A 47 1.30 -22.71 25.95
CA GLN A 47 1.27 -23.65 24.82
C GLN A 47 1.27 -22.81 23.53
N ILE A 48 1.74 -23.40 22.44
CA ILE A 48 1.65 -22.81 21.09
C ILE A 48 0.74 -23.68 20.24
N VAL A 49 -0.36 -23.13 19.75
CA VAL A 49 -1.42 -23.88 19.03
C VAL A 49 -1.59 -23.28 17.63
N VAL A 50 -1.51 -24.10 16.58
CA VAL A 50 -1.81 -23.68 15.20
C VAL A 50 -3.25 -24.04 14.84
N VAL A 51 -3.92 -23.09 14.19
CA VAL A 51 -5.35 -23.22 13.85
C VAL A 51 -5.55 -22.53 12.52
N GLY A 52 -6.26 -23.20 11.63
CA GLY A 52 -6.71 -22.61 10.37
C GLY A 52 -7.60 -23.52 9.62
N SER A 53 -7.97 -23.07 8.43
CA SER A 53 -8.70 -23.90 7.46
C SER A 53 -7.82 -25.11 7.11
N GLN A 54 -8.45 -26.17 6.69
CA GLN A 54 -7.81 -27.38 6.18
C GLN A 54 -6.99 -26.94 4.97
N SER A 55 -5.74 -27.38 4.90
CA SER A 55 -4.72 -27.18 3.83
C SER A 55 -4.20 -25.74 3.78
N SER A 56 -4.34 -24.94 4.85
CA SER A 56 -3.70 -23.63 5.06
C SER A 56 -2.20 -23.79 5.29
N GLY A 57 -1.72 -24.98 5.69
CA GLY A 57 -0.27 -25.16 5.88
C GLY A 57 0.14 -25.18 7.34
N ALA A 58 -0.77 -25.55 8.22
CA ALA A 58 -0.58 -25.51 9.68
C ALA A 58 0.55 -26.43 10.12
N SER A 59 0.51 -27.70 9.71
CA SER A 59 1.51 -28.70 10.12
C SER A 59 2.91 -28.19 9.67
N SER A 60 3.04 -27.58 8.50
CA SER A 60 4.36 -27.05 8.03
C SER A 60 4.81 -25.89 8.91
N VAL A 61 3.89 -25.00 9.28
CA VAL A 61 4.30 -23.89 10.18
C VAL A 61 4.82 -24.43 11.51
N LEU A 62 4.14 -25.42 12.11
CA LEU A 62 4.49 -25.94 13.44
C LEU A 62 5.84 -26.62 13.34
N GLU A 63 6.04 -27.49 12.35
CA GLU A 63 7.32 -28.19 12.09
C GLU A 63 8.48 -27.19 12.04
N ASN A 64 8.32 -26.08 11.31
CA ASN A 64 9.37 -25.05 11.18
C ASN A 64 9.73 -24.45 12.53
N ILE A 65 8.79 -24.31 13.45
CA ILE A 65 9.09 -23.71 14.79
C ILE A 65 9.93 -24.69 15.60
N VAL A 66 9.66 -25.98 15.50
CA VAL A 66 10.47 -27.03 16.17
C VAL A 66 11.85 -27.12 15.51
N GLY A 67 11.96 -27.03 14.18
CA GLY A 67 13.23 -26.94 13.45
C GLY A 67 13.72 -28.27 12.89
N ARG A 68 13.01 -29.38 13.10
CA ARG A 68 13.31 -30.67 12.42
C ARG A 68 11.99 -31.25 11.90
N ASP A 69 12.04 -31.98 10.78
CA ASP A 69 10.84 -32.57 10.15
C ASP A 69 10.35 -33.74 11.02
N PHE A 70 9.06 -33.77 11.34
CA PHE A 70 8.40 -34.94 11.96
C PHE A 70 6.88 -34.96 11.73
N LEU A 71 6.23 -33.92 11.19
CA LEU A 71 4.74 -33.94 11.08
C LEU A 71 4.35 -34.32 9.68
N PRO A 72 3.33 -35.18 9.51
CA PRO A 72 2.80 -35.46 8.19
C PRO A 72 2.30 -34.16 7.57
N ARG A 73 2.71 -33.94 6.33
CA ARG A 73 2.35 -32.79 5.47
C ARG A 73 2.05 -33.35 4.08
N GLY A 74 1.04 -32.79 3.40
CA GLY A 74 0.70 -33.21 2.03
C GLY A 74 -0.62 -32.64 1.58
N GLN A 75 -1.09 -33.18 0.48
CA GLN A 75 -2.41 -32.90 -0.15
C GLN A 75 -3.51 -33.72 0.52
N GLY A 76 -4.77 -33.34 0.32
CA GLY A 76 -5.93 -33.91 1.01
C GLY A 76 -5.96 -33.55 2.50
N ILE A 77 -6.70 -34.36 3.24
CA ILE A 77 -6.91 -34.21 4.70
C ILE A 77 -5.82 -35.02 5.37
N VAL A 78 -4.89 -34.38 6.08
CA VAL A 78 -3.67 -35.05 6.58
C VAL A 78 -3.75 -35.17 8.11
N THR A 79 -3.79 -34.08 8.86
CA THR A 79 -3.89 -34.08 10.34
C THR A 79 -5.33 -34.41 10.71
N ARG A 80 -5.58 -35.58 11.30
CA ARG A 80 -6.94 -36.12 11.55
C ARG A 80 -7.12 -36.42 13.04
N ARG A 81 -6.09 -36.15 13.85
CA ARG A 81 -6.15 -36.18 15.32
C ARG A 81 -5.23 -35.07 15.82
N PRO A 82 -5.49 -34.50 17.02
CA PRO A 82 -4.56 -33.54 17.62
C PRO A 82 -3.22 -34.24 17.91
N LEU A 83 -2.12 -33.52 17.65
CA LEU A 83 -0.75 -33.91 18.00
C LEU A 83 -0.30 -32.93 19.08
N VAL A 84 -0.27 -33.42 20.32
CA VAL A 84 0.18 -32.69 21.53
C VAL A 84 1.63 -33.08 21.74
N LEU A 85 2.51 -32.14 21.44
CA LEU A 85 3.98 -32.35 21.53
C LEU A 85 4.45 -31.68 22.83
N GLN A 86 5.02 -32.45 23.76
CA GLN A 86 5.71 -31.89 24.95
C GLN A 86 7.22 -31.88 24.68
N LEU A 87 7.80 -30.70 24.50
CA LEU A 87 9.27 -30.56 24.47
C LEU A 87 9.75 -30.60 25.91
N ILE A 88 10.72 -31.44 26.22
CA ILE A 88 11.25 -31.59 27.61
C ILE A 88 12.78 -31.50 27.57
N ASN A 89 13.31 -30.52 28.31
CA ASN A 89 14.76 -30.28 28.51
C ASN A 89 15.38 -31.46 29.26
N ARG A 90 16.39 -32.11 28.68
CA ARG A 90 17.17 -33.22 29.32
C ARG A 90 18.62 -33.13 28.91
N GLN A 91 19.53 -32.90 29.88
CA GLN A 91 21.00 -32.89 29.67
C GLN A 91 21.46 -34.33 29.40
N SER A 92 22.44 -34.52 28.51
CA SER A 92 23.22 -35.78 28.36
C SER A 92 24.29 -35.86 29.45
N ASP A 100 27.53 -44.25 16.81
CA ASP A 100 27.06 -45.28 17.77
C ASP A 100 26.16 -46.29 17.04
N GLU A 101 26.24 -47.57 17.41
CA GLU A 101 25.47 -48.71 16.81
C GLU A 101 23.96 -48.46 16.85
N ARG A 102 23.44 -47.81 17.92
CA ARG A 102 21.99 -47.54 18.16
C ARG A 102 21.34 -46.72 17.02
N LEU A 103 22.14 -46.12 16.12
CA LEU A 103 21.68 -45.29 14.98
C LEU A 103 21.93 -46.02 13.65
N ALA A 104 22.20 -47.32 13.71
CA ALA A 104 22.40 -48.21 12.53
C ALA A 104 21.10 -48.22 11.70
N ASP A 105 21.14 -47.56 10.55
CA ASP A 105 20.07 -47.49 9.53
C ASP A 105 18.96 -46.53 10.01
N SER A 106 19.36 -45.47 10.71
CA SER A 106 18.68 -44.15 10.75
C SER A 106 18.69 -43.56 9.34
N THR A 107 17.57 -42.96 8.92
CA THR A 107 17.45 -42.18 7.67
C THR A 107 17.50 -40.68 8.00
N ASP A 108 17.73 -40.33 9.26
CA ASP A 108 17.69 -38.94 9.74
C ASP A 108 19.15 -38.48 9.98
N LYS A 109 19.67 -37.63 9.08
CA LYS A 109 21.05 -37.08 9.11
C LYS A 109 21.30 -36.24 10.37
N ALA A 110 20.24 -35.86 11.12
CA ALA A 110 20.36 -35.06 12.35
C ALA A 110 20.28 -35.94 13.60
N ALA A 111 20.08 -37.27 13.43
CA ALA A 111 19.82 -38.22 14.54
C ALA A 111 21.04 -38.25 15.47
N ASN A 112 20.82 -38.17 16.79
CA ASN A 112 21.89 -38.12 17.83
C ASN A 112 21.31 -38.59 19.19
N LEU A 113 22.17 -39.12 20.07
CA LEU A 113 21.77 -39.83 21.31
C LEU A 113 21.18 -38.87 22.35
N ASP A 114 21.33 -37.57 22.17
CA ASP A 114 20.79 -36.55 23.12
C ASP A 114 19.32 -36.21 22.82
N GLU A 115 18.79 -36.58 21.65
CA GLU A 115 17.44 -36.14 21.19
C GLU A 115 16.64 -37.33 20.67
N TRP A 116 15.49 -37.61 21.31
CA TRP A 116 14.55 -38.67 20.87
C TRP A 116 13.10 -38.32 21.23
N GLY A 117 12.18 -39.00 20.55
CA GLY A 117 10.74 -38.94 20.84
C GLY A 117 10.25 -40.20 21.57
N GLU A 118 9.26 -40.03 22.45
CA GLU A 118 8.47 -41.11 23.07
C GLU A 118 6.98 -40.79 22.95
N PHE A 119 6.22 -41.72 22.41
CA PHE A 119 4.75 -41.68 22.34
C PHE A 119 4.18 -42.39 23.56
N LEU A 120 3.26 -41.72 24.26
CA LEU A 120 2.43 -42.30 25.34
C LEU A 120 1.92 -43.71 24.97
N HIS A 121 1.42 -43.90 23.77
CA HIS A 121 0.78 -45.17 23.35
C HIS A 121 1.85 -46.22 23.05
N LEU A 122 3.13 -45.87 23.01
CA LEU A 122 4.26 -46.84 22.87
C LEU A 122 5.24 -46.70 24.03
N PRO A 123 4.87 -47.11 25.26
CA PRO A 123 5.74 -46.89 26.43
C PRO A 123 7.11 -47.58 26.27
N GLY A 124 8.19 -46.84 26.52
CA GLY A 124 9.59 -47.34 26.52
C GLY A 124 10.26 -47.40 25.15
N GLN A 125 9.52 -47.18 24.04
CA GLN A 125 10.16 -47.04 22.72
C GLN A 125 10.71 -45.62 22.58
N LYS A 126 11.91 -45.50 22.00
CA LYS A 126 12.63 -44.22 21.78
C LYS A 126 12.83 -44.06 20.27
N PHE A 127 12.52 -42.88 19.71
CA PHE A 127 12.70 -42.59 18.26
C PHE A 127 13.76 -41.50 18.13
N TYR A 128 14.94 -41.90 17.69
CA TYR A 128 16.08 -41.01 17.41
C TYR A 128 15.89 -40.47 16.01
N ASP A 129 15.23 -41.25 15.15
CA ASP A 129 14.96 -40.94 13.72
C ASP A 129 13.59 -40.25 13.61
N PHE A 130 13.56 -38.96 13.25
CA PHE A 130 12.33 -38.12 13.26
C PHE A 130 11.43 -38.52 12.08
N ASN A 131 11.98 -39.14 11.05
CA ASN A 131 11.16 -39.74 9.96
C ASN A 131 10.30 -40.86 10.57
N LYS A 132 10.80 -41.57 11.57
CA LYS A 132 10.01 -42.70 12.14
C LYS A 132 8.92 -42.11 13.01
N ILE A 133 9.20 -40.99 13.64
CA ILE A 133 8.14 -40.26 14.40
C ILE A 133 7.02 -39.93 13.40
N ARG A 134 7.37 -39.41 12.24
CA ARG A 134 6.39 -39.02 11.21
C ARG A 134 5.56 -40.26 10.83
N ASP A 135 6.24 -41.36 10.48
CA ASP A 135 5.63 -42.66 10.11
C ASP A 135 4.68 -43.11 11.24
N GLU A 136 5.06 -42.96 12.49
CA GLU A 136 4.23 -43.44 13.63
C GLU A 136 2.96 -42.58 13.75
N ILE A 137 3.07 -41.28 13.49
CA ILE A 137 1.88 -40.37 13.57
C ILE A 137 0.91 -40.81 12.48
N ASN A 138 1.39 -41.11 11.27
CA ASN A 138 0.53 -41.63 10.18
C ASN A 138 -0.12 -42.94 10.60
N ARG A 139 0.62 -43.87 11.22
CA ARG A 139 0.13 -45.24 11.55
C ARG A 139 -0.91 -45.13 12.68
N GLU A 140 -0.59 -44.41 13.74
CA GLU A 140 -1.50 -44.24 14.90
C GLU A 140 -2.75 -43.48 14.46
N THR A 141 -2.65 -42.60 13.48
CA THR A 141 -3.83 -41.90 12.93
C THR A 141 -4.74 -42.95 12.26
N GLU A 142 -4.20 -43.76 11.36
CA GLU A 142 -4.97 -44.80 10.61
C GLU A 142 -5.53 -45.87 11.57
N ALA A 143 -4.80 -46.27 12.60
CA ALA A 143 -5.26 -47.29 13.58
C ALA A 143 -6.60 -46.86 14.17
N LYS A 144 -6.80 -45.56 14.46
CA LYS A 144 -7.99 -45.06 15.20
C LYS A 144 -9.07 -44.53 14.26
N VAL A 145 -8.72 -43.95 13.10
CA VAL A 145 -9.73 -43.24 12.25
C VAL A 145 -9.60 -43.62 10.79
N GLY A 146 -8.83 -44.67 10.47
CA GLY A 146 -8.85 -45.31 9.14
C GLY A 146 -8.25 -44.41 8.09
N ARG A 147 -8.57 -44.67 6.83
CA ARG A 147 -7.92 -44.07 5.64
C ARG A 147 -8.96 -43.46 4.71
N ASN A 148 -10.12 -43.06 5.23
CA ASN A 148 -11.18 -42.41 4.41
C ASN A 148 -11.64 -41.12 5.12
N ALA A 149 -10.69 -40.39 5.72
CA ALA A 149 -10.82 -38.98 6.12
C ALA A 149 -11.48 -38.83 7.49
N GLY A 150 -11.73 -39.94 8.20
CA GLY A 150 -12.27 -39.89 9.57
C GLY A 150 -11.43 -39.00 10.48
N ILE A 151 -12.05 -38.38 11.46
CA ILE A 151 -11.35 -37.49 12.42
C ILE A 151 -11.75 -37.81 13.86
N SER A 152 -10.81 -37.71 14.80
CA SER A 152 -11.07 -37.98 16.23
C SER A 152 -10.42 -36.90 17.07
N PRO A 153 -11.04 -36.48 18.19
CA PRO A 153 -10.40 -35.56 19.11
C PRO A 153 -9.34 -36.22 20.02
N ALA A 154 -9.22 -37.55 19.99
CA ALA A 154 -8.26 -38.28 20.86
C ALA A 154 -6.83 -37.90 20.47
N PRO A 155 -6.06 -37.20 21.34
CA PRO A 155 -4.73 -36.74 20.94
C PRO A 155 -3.71 -37.86 20.76
N ILE A 156 -2.74 -37.65 19.89
CA ILE A 156 -1.48 -38.43 19.87
C ILE A 156 -0.51 -37.62 20.71
N ASN A 157 0.02 -38.24 21.77
CA ASN A 157 0.84 -37.58 22.80
C ASN A 157 2.29 -37.93 22.51
N LEU A 158 3.10 -36.94 22.18
CA LEU A 158 4.52 -37.12 21.80
C LEU A 158 5.34 -36.25 22.73
N ARG A 159 6.40 -36.81 23.29
CA ARG A 159 7.38 -36.08 24.11
C ARG A 159 8.67 -36.06 23.28
N ILE A 160 9.33 -34.93 23.20
CA ILE A 160 10.68 -34.87 22.61
C ILE A 160 11.64 -34.33 23.67
N TYR A 161 12.70 -35.13 23.88
CA TYR A 161 13.77 -34.92 24.88
C TYR A 161 14.96 -34.31 24.14
N SER A 162 15.54 -33.24 24.67
CA SER A 162 16.73 -32.58 24.10
C SER A 162 17.33 -31.66 25.15
N PRO A 163 18.67 -31.46 25.15
CA PRO A 163 19.30 -30.50 26.06
C PRO A 163 19.01 -29.05 25.63
N HIS A 164 18.48 -28.88 24.41
CA HIS A 164 18.42 -27.57 23.71
C HIS A 164 17.00 -27.00 23.66
N VAL A 165 16.03 -27.59 24.36
CA VAL A 165 14.60 -27.16 24.26
C VAL A 165 14.10 -26.71 25.63
N LEU A 166 13.10 -25.86 25.61
CA LEU A 166 12.30 -25.46 26.79
C LEU A 166 11.27 -26.54 27.08
N ASN A 167 10.77 -26.55 28.31
CA ASN A 167 9.58 -27.34 28.71
C ASN A 167 8.37 -26.59 28.16
N LEU A 168 7.82 -27.07 27.05
CA LEU A 168 6.85 -26.30 26.24
C LEU A 168 5.95 -27.28 25.49
N THR A 169 4.66 -26.99 25.45
CA THR A 169 3.67 -27.79 24.69
C THR A 169 3.35 -27.03 23.39
N LEU A 170 3.39 -27.74 22.25
CA LEU A 170 2.86 -27.28 20.93
C LEU A 170 1.78 -28.26 20.46
N VAL A 171 0.75 -27.72 19.81
CA VAL A 171 -0.40 -28.52 19.33
C VAL A 171 -0.60 -28.29 17.83
N ASP A 172 -0.62 -29.36 17.04
CA ASP A 172 -1.11 -29.39 15.64
C ASP A 172 -2.52 -29.96 15.66
N LEU A 173 -3.41 -29.40 14.83
CA LEU A 173 -4.87 -29.70 14.86
C LEU A 173 -5.37 -29.89 13.45
N PRO A 174 -6.35 -30.78 13.26
CA PRO A 174 -7.04 -30.87 11.97
C PRO A 174 -7.54 -29.48 11.57
N GLY A 175 -7.51 -29.15 10.30
CA GLY A 175 -8.04 -27.87 9.78
C GLY A 175 -9.56 -27.87 9.82
N LEU A 176 -10.16 -26.68 9.99
CA LEU A 176 -11.62 -26.46 9.83
C LEU A 176 -12.03 -26.65 8.38
N THR A 177 -13.12 -27.34 8.12
CA THR A 177 -13.66 -27.64 6.76
C THR A 177 -15.08 -27.14 6.70
N ARG A 178 -15.66 -27.15 5.51
CA ARG A 178 -17.07 -26.78 5.29
C ARG A 178 -17.87 -28.01 4.84
N VAL A 179 -17.28 -28.97 4.12
CA VAL A 179 -18.03 -30.04 3.38
C VAL A 179 -17.45 -31.38 3.83
N PRO A 180 -18.25 -32.24 4.50
CA PRO A 180 -17.84 -33.56 4.92
C PRO A 180 -17.30 -34.37 3.74
N VAL A 181 -16.19 -35.08 3.93
CA VAL A 181 -15.73 -36.03 2.87
C VAL A 181 -15.56 -37.40 3.50
N GLY A 182 -15.57 -38.42 2.66
CA GLY A 182 -15.34 -39.82 3.06
C GLY A 182 -16.29 -40.24 4.19
N ASP A 183 -15.72 -40.68 5.32
CA ASP A 183 -16.49 -41.26 6.44
C ASP A 183 -16.97 -40.14 7.37
N GLN A 184 -16.75 -38.90 7.02
CA GLN A 184 -17.04 -37.80 7.96
C GLN A 184 -18.55 -37.69 8.06
N PRO A 185 -19.08 -37.46 9.29
CA PRO A 185 -20.49 -37.14 9.46
C PRO A 185 -20.87 -35.71 9.04
N ARG A 186 -22.18 -35.48 8.84
CA ARG A 186 -22.85 -34.20 8.51
C ARG A 186 -22.30 -33.03 9.33
N ASP A 187 -22.05 -33.23 10.62
CA ASP A 187 -21.74 -32.12 11.57
C ASP A 187 -20.23 -32.09 11.84
N ILE A 188 -19.40 -32.55 10.90
CA ILE A 188 -17.93 -32.59 11.08
C ILE A 188 -17.42 -31.16 11.36
N GLU A 189 -17.99 -30.14 10.74
CA GLU A 189 -17.53 -28.77 10.96
C GLU A 189 -17.65 -28.39 12.43
N ARG A 190 -18.81 -28.61 13.06
CA ARG A 190 -19.00 -28.35 14.50
C ARG A 190 -18.03 -29.24 15.31
N GLN A 191 -17.79 -30.48 14.92
CA GLN A 191 -16.94 -31.36 15.77
C GLN A 191 -15.51 -30.82 15.72
N ILE A 192 -15.03 -30.38 14.56
CA ILE A 192 -13.63 -29.85 14.47
C ILE A 192 -13.57 -28.51 15.18
N ARG A 193 -14.59 -27.68 15.03
CA ARG A 193 -14.66 -26.38 15.75
C ARG A 193 -14.59 -26.62 17.28
N ASP A 194 -15.32 -27.59 17.82
CA ASP A 194 -15.37 -27.86 19.29
C ASP A 194 -14.02 -28.45 19.74
N MET A 195 -13.42 -29.32 18.96
CA MET A 195 -12.09 -29.90 19.24
C MET A 195 -11.03 -28.78 19.31
N ILE A 196 -11.04 -27.85 18.37
CA ILE A 196 -10.06 -26.73 18.38
C ILE A 196 -10.27 -25.78 19.57
N LEU A 197 -11.50 -25.39 19.89
CA LEU A 197 -11.79 -24.49 21.04
C LEU A 197 -11.23 -25.07 22.34
N LYS A 198 -11.31 -26.37 22.54
CA LYS A 198 -10.71 -27.02 23.74
C LYS A 198 -9.29 -26.48 23.93
N TYR A 199 -8.50 -26.35 22.86
CA TYR A 199 -7.05 -26.06 22.99
C TYR A 199 -6.79 -24.56 23.04
N ILE A 200 -7.64 -23.73 22.43
CA ILE A 200 -7.31 -22.28 22.33
C ILE A 200 -8.09 -21.45 23.33
N GLN A 201 -9.10 -22.00 23.99
CA GLN A 201 -9.84 -21.27 25.07
C GLN A 201 -8.94 -21.08 26.29
N LYS A 202 -7.97 -21.98 26.53
CA LYS A 202 -6.91 -21.81 27.55
C LYS A 202 -6.32 -20.41 27.39
N PRO A 203 -6.42 -19.53 28.42
CA PRO A 203 -5.79 -18.21 28.35
C PRO A 203 -4.26 -18.29 28.24
N ASN A 204 -3.66 -19.43 28.59
CA ASN A 204 -2.19 -19.60 28.50
C ASN A 204 -1.81 -20.23 27.15
N ALA A 205 -2.43 -19.80 26.04
CA ALA A 205 -2.17 -20.42 24.72
C ALA A 205 -1.93 -19.32 23.68
N ILE A 206 -0.76 -19.33 23.05
CA ILE A 206 -0.49 -18.48 21.87
C ILE A 206 -1.14 -19.15 20.65
N ILE A 207 -2.04 -18.42 20.01
CA ILE A 207 -2.78 -18.89 18.82
C ILE A 207 -2.05 -18.38 17.59
N LEU A 208 -1.49 -19.32 16.82
CA LEU A 208 -1.03 -19.07 15.45
C LEU A 208 -2.20 -19.31 14.51
N ALA A 209 -2.84 -18.22 14.12
CA ALA A 209 -3.98 -18.23 13.18
C ALA A 209 -3.41 -18.27 11.76
N VAL A 210 -3.43 -19.43 11.14
CA VAL A 210 -2.79 -19.65 9.82
C VAL A 210 -3.85 -19.46 8.73
N THR A 211 -3.52 -18.66 7.73
CA THR A 211 -4.35 -18.46 6.53
C THR A 211 -3.43 -18.48 5.31
N ALA A 212 -3.83 -19.19 4.29
CA ALA A 212 -3.22 -19.18 2.97
C ALA A 212 -3.42 -17.76 2.42
N ALA A 213 -2.37 -17.11 1.92
CA ALA A 213 -2.40 -15.77 1.31
C ALA A 213 -3.14 -15.80 -0.01
N ASN A 214 -3.31 -16.97 -0.61
CA ASN A 214 -4.02 -17.13 -1.90
C ASN A 214 -5.53 -17.31 -1.64
N VAL A 215 -6.05 -17.01 -0.44
CA VAL A 215 -7.52 -16.79 -0.22
C VAL A 215 -7.68 -15.42 0.44
N ASP A 216 -8.82 -14.77 0.24
CA ASP A 216 -9.14 -13.50 0.94
C ASP A 216 -9.12 -13.78 2.45
N LEU A 217 -8.48 -12.88 3.17
CA LEU A 217 -8.32 -12.91 4.63
C LEU A 217 -9.69 -13.06 5.32
N ALA A 218 -10.75 -12.45 4.80
CA ALA A 218 -12.07 -12.41 5.47
C ALA A 218 -12.69 -13.84 5.45
N ASN A 219 -12.10 -14.78 4.72
CA ASN A 219 -12.53 -16.19 4.68
C ASN A 219 -11.77 -17.04 5.71
N SER A 220 -10.85 -16.45 6.45
CA SER A 220 -9.96 -17.16 7.38
C SER A 220 -10.77 -17.70 8.56
N ASP A 221 -10.83 -19.01 8.68
CA ASP A 221 -11.44 -19.70 9.86
C ASP A 221 -10.51 -19.56 11.04
N GLY A 222 -9.21 -19.63 10.79
CA GLY A 222 -8.21 -19.32 11.83
C GLY A 222 -8.49 -17.97 12.49
N LEU A 223 -8.71 -16.90 11.74
CA LEU A 223 -8.93 -15.56 12.32
C LEU A 223 -10.30 -15.53 13.00
N LYS A 224 -11.32 -16.15 12.42
CA LYS A 224 -12.67 -16.12 13.03
C LYS A 224 -12.64 -16.76 14.41
N LEU A 225 -12.04 -17.93 14.52
CA LEU A 225 -11.94 -18.67 15.80
C LEU A 225 -11.04 -17.93 16.77
N ALA A 226 -9.88 -17.48 16.33
CA ALA A 226 -8.97 -16.72 17.21
C ALA A 226 -9.71 -15.49 17.76
N ARG A 227 -10.54 -14.82 16.96
CA ARG A 227 -11.20 -13.59 17.44
C ARG A 227 -12.33 -13.92 18.41
N GLU A 228 -12.98 -15.07 18.29
CA GLU A 228 -13.97 -15.53 19.27
C GLU A 228 -13.37 -15.67 20.67
N VAL A 229 -12.15 -16.20 20.82
CA VAL A 229 -11.61 -16.54 22.17
C VAL A 229 -10.60 -15.47 22.59
N ASP A 230 -10.06 -14.69 21.65
CA ASP A 230 -9.06 -13.64 21.96
C ASP A 230 -9.47 -12.40 21.20
N PRO A 231 -10.68 -11.86 21.45
CA PRO A 231 -11.16 -10.69 20.69
C PRO A 231 -10.22 -9.47 20.76
N GLU A 232 -9.50 -9.32 21.86
CA GLU A 232 -8.53 -8.21 22.05
C GLU A 232 -7.23 -8.48 21.27
N GLY A 233 -7.03 -9.68 20.72
CA GLY A 233 -5.86 -10.01 19.88
C GLY A 233 -4.55 -9.91 20.64
N GLN A 234 -4.55 -10.40 21.88
CA GLN A 234 -3.47 -10.34 22.89
C GLN A 234 -2.59 -11.58 22.84
N ARG A 235 -3.08 -12.67 22.27
CA ARG A 235 -2.27 -13.91 22.19
C ARG A 235 -2.46 -14.54 20.79
N THR A 236 -2.72 -13.73 19.77
CA THR A 236 -2.91 -14.19 18.38
C THR A 236 -1.86 -13.57 17.45
N ILE A 237 -1.09 -14.43 16.78
CA ILE A 237 -0.23 -14.02 15.65
C ILE A 237 -0.84 -14.56 14.36
N GLY A 238 -1.09 -13.69 13.39
CA GLY A 238 -1.57 -14.12 12.05
C GLY A 238 -0.40 -14.64 11.22
N VAL A 239 -0.54 -15.83 10.66
CA VAL A 239 0.49 -16.36 9.74
C VAL A 239 -0.13 -16.47 8.36
N LEU A 240 0.53 -15.91 7.34
CA LEU A 240 0.10 -15.96 5.94
C LEU A 240 1.03 -16.91 5.19
N THR A 241 0.55 -18.08 4.86
CA THR A 241 1.33 -19.09 4.11
C THR A 241 1.10 -18.87 2.61
N LYS A 242 1.89 -19.55 1.80
CA LYS A 242 1.64 -19.72 0.36
C LYS A 242 1.73 -18.38 -0.34
N VAL A 243 2.58 -17.49 0.17
CA VAL A 243 2.73 -16.14 -0.45
C VAL A 243 3.31 -16.32 -1.87
N ASP A 244 4.10 -17.38 -2.09
CA ASP A 244 4.64 -17.74 -3.43
C ASP A 244 3.51 -18.15 -4.40
N LEU A 245 2.28 -18.37 -3.96
CA LEU A 245 1.24 -18.87 -4.89
C LEU A 245 0.28 -17.74 -5.26
N MET A 246 0.57 -16.50 -4.95
CA MET A 246 -0.42 -15.41 -5.16
C MET A 246 -0.49 -15.05 -6.63
N ASP A 247 -1.66 -14.64 -7.08
CA ASP A 247 -1.86 -14.06 -8.44
C ASP A 247 -0.77 -12.99 -8.66
N GLU A 248 -0.09 -13.02 -9.79
CA GLU A 248 0.97 -12.04 -10.20
C GLU A 248 0.45 -10.61 -9.96
N GLY A 249 1.25 -9.80 -9.27
CA GLY A 249 0.92 -8.38 -9.00
C GLY A 249 0.07 -8.18 -7.75
N THR A 250 -0.37 -9.25 -7.06
CA THR A 250 -1.05 -9.16 -5.75
C THR A 250 -0.02 -9.40 -4.66
N ASP A 251 -0.29 -8.95 -3.44
CA ASP A 251 0.67 -9.13 -2.32
C ASP A 251 -0.12 -9.00 -1.02
N VAL A 252 0.50 -9.27 0.10
CA VAL A 252 -0.17 -9.14 1.42
C VAL A 252 0.29 -7.85 2.14
N VAL A 253 0.85 -6.87 1.44
CA VAL A 253 1.43 -5.66 2.07
C VAL A 253 0.33 -4.92 2.82
N ASP A 254 -0.86 -4.76 2.27
CA ASP A 254 -1.99 -4.07 2.97
C ASP A 254 -2.31 -4.81 4.28
N ILE A 255 -2.17 -6.11 4.32
CA ILE A 255 -2.44 -6.87 5.57
C ILE A 255 -1.29 -6.61 6.55
N LEU A 256 -0.06 -6.62 6.07
CA LEU A 256 1.12 -6.46 6.97
C LEU A 256 1.12 -5.04 7.53
N ALA A 257 0.66 -4.07 6.73
CA ALA A 257 0.59 -2.63 7.09
C ALA A 257 -0.55 -2.37 8.09
N GLY A 258 -1.39 -3.35 8.43
CA GLY A 258 -2.44 -3.21 9.45
C GLY A 258 -3.77 -2.71 8.90
N ARG A 259 -3.97 -2.69 7.59
CA ARG A 259 -5.19 -2.08 6.98
C ARG A 259 -6.37 -3.04 6.87
N ILE A 260 -6.22 -4.30 7.26
CA ILE A 260 -7.25 -5.36 7.00
C ILE A 260 -7.18 -6.32 8.18
N ILE A 261 -8.30 -6.43 8.89
CA ILE A 261 -8.39 -7.22 10.15
C ILE A 261 -7.07 -7.08 10.91
N PRO A 262 -6.83 -5.90 11.53
CA PRO A 262 -5.58 -5.67 12.27
C PRO A 262 -5.49 -6.56 13.49
N LEU A 263 -4.27 -7.00 13.82
CA LEU A 263 -3.99 -7.79 15.03
C LEU A 263 -2.96 -7.03 15.85
N ARG A 264 -3.11 -6.96 17.16
CA ARG A 264 -2.13 -6.26 18.03
C ARG A 264 -0.75 -6.83 17.71
N LEU A 265 -0.62 -8.15 17.62
CA LEU A 265 0.70 -8.80 17.47
C LEU A 265 1.07 -8.96 15.98
N GLY A 266 0.20 -8.55 15.07
CA GLY A 266 0.55 -8.50 13.64
C GLY A 266 0.55 -9.88 12.97
N TYR A 267 0.96 -9.85 11.71
CA TYR A 267 1.00 -10.99 10.79
C TYR A 267 2.44 -11.20 10.34
N VAL A 268 2.79 -12.45 10.06
CA VAL A 268 4.08 -12.81 9.42
C VAL A 268 3.78 -13.65 8.20
N PRO A 269 4.22 -13.21 7.00
CA PRO A 269 4.15 -14.01 5.79
C PRO A 269 5.27 -15.05 5.78
N VAL A 270 4.94 -16.27 5.34
CA VAL A 270 5.94 -17.35 5.19
C VAL A 270 5.74 -18.05 3.85
N VAL A 271 6.79 -18.71 3.40
CA VAL A 271 6.83 -19.59 2.22
C VAL A 271 7.45 -20.92 2.68
N ASN A 272 6.61 -21.94 2.87
CA ASN A 272 6.96 -23.33 3.20
C ASN A 272 7.11 -24.12 1.87
N ARG A 273 7.53 -25.36 1.97
CA ARG A 273 7.74 -26.29 0.84
C ARG A 273 6.38 -26.57 0.19
N GLY A 274 6.32 -26.49 -1.13
CA GLY A 274 5.20 -26.95 -1.97
C GLY A 274 5.21 -28.47 -2.08
N GLN A 275 4.20 -29.07 -2.72
CA GLN A 275 4.04 -30.55 -2.69
C GLN A 275 5.20 -31.17 -3.50
N ARG A 276 5.71 -30.47 -4.52
CA ARG A 276 6.87 -30.92 -5.31
C ARG A 276 8.11 -30.99 -4.41
N ASP A 277 8.40 -29.96 -3.62
CA ASP A 277 9.48 -29.99 -2.61
C ASP A 277 9.27 -31.20 -1.70
N ILE A 278 8.05 -31.46 -1.23
CA ILE A 278 7.85 -32.62 -0.29
C ILE A 278 8.16 -33.94 -1.03
N ASP A 279 7.62 -34.16 -2.21
CA ASP A 279 7.87 -35.34 -3.07
C ASP A 279 9.38 -35.49 -3.35
N ASN A 280 10.15 -34.41 -3.54
CA ASN A 280 11.61 -34.40 -3.79
C ASN A 280 12.39 -34.47 -2.48
N LYS A 281 11.70 -34.62 -1.33
CA LYS A 281 12.33 -34.67 0.01
C LYS A 281 13.35 -33.53 0.17
N LYS A 282 12.98 -32.32 -0.18
CA LYS A 282 13.84 -31.13 0.01
C LYS A 282 14.01 -30.85 1.49
N PRO A 283 15.25 -30.69 1.98
CA PRO A 283 15.47 -30.46 3.41
C PRO A 283 15.09 -29.06 3.91
N ILE A 284 14.83 -28.98 5.22
CA ILE A 284 14.31 -27.76 5.89
C ILE A 284 15.30 -26.60 5.63
N THR A 285 16.62 -26.86 5.62
CA THR A 285 17.61 -25.76 5.53
C THR A 285 17.53 -25.08 4.16
N ALA A 286 17.44 -25.87 3.10
CA ALA A 286 17.30 -25.35 1.73
C ALA A 286 15.93 -24.65 1.60
N ALA A 287 14.88 -25.12 2.27
CA ALA A 287 13.55 -24.48 2.23
C ALA A 287 13.64 -23.09 2.89
N LEU A 288 14.31 -22.99 4.04
CA LEU A 288 14.58 -21.69 4.73
C LEU A 288 15.37 -20.74 3.83
N GLU A 289 16.35 -21.21 3.07
CA GLU A 289 17.16 -20.36 2.15
C GLU A 289 16.27 -19.90 0.98
N ALA A 290 15.41 -20.78 0.44
CA ALA A 290 14.49 -20.42 -0.67
C ALA A 290 13.52 -19.32 -0.18
N GLU A 291 13.04 -19.42 1.05
CA GLU A 291 12.08 -18.44 1.63
C GLU A 291 12.78 -17.09 1.75
N LYS A 292 14.01 -17.06 2.26
CA LYS A 292 14.77 -15.77 2.37
C LYS A 292 14.94 -15.12 0.99
N ALA A 293 15.29 -15.91 -0.01
CA ALA A 293 15.52 -15.41 -1.39
C ALA A 293 14.21 -14.90 -1.97
N PHE A 294 13.11 -15.62 -1.78
CA PHE A 294 11.82 -15.18 -2.35
C PHE A 294 11.52 -13.77 -1.81
N PHE A 295 11.63 -13.56 -0.50
CA PHE A 295 11.28 -12.25 0.12
C PHE A 295 12.29 -11.15 -0.24
N GLU A 296 13.59 -11.47 -0.31
CA GLU A 296 14.61 -10.45 -0.67
C GLU A 296 14.48 -10.05 -2.15
N ASN A 297 13.88 -10.88 -3.00
CA ASN A 297 13.90 -10.66 -4.47
C ASN A 297 12.52 -10.20 -4.96
N HIS A 298 11.49 -10.20 -4.13
CA HIS A 298 10.14 -9.74 -4.52
C HIS A 298 10.04 -8.21 -4.40
N LYS A 299 9.55 -7.52 -5.43
CA LYS A 299 9.38 -6.03 -5.40
C LYS A 299 8.73 -5.63 -4.07
N ALA A 300 7.66 -6.31 -3.67
CA ALA A 300 6.73 -5.86 -2.61
C ALA A 300 7.24 -6.24 -1.22
N TYR A 301 8.19 -7.15 -1.07
CA TYR A 301 8.64 -7.61 0.27
C TYR A 301 10.12 -7.26 0.47
N ARG A 302 10.80 -6.76 -0.56
CA ARG A 302 12.19 -6.27 -0.47
C ARG A 302 12.30 -5.24 0.68
N ASN A 303 11.28 -4.41 0.91
CA ASN A 303 11.22 -3.44 2.04
C ASN A 303 11.10 -4.16 3.39
N LYS A 304 12.09 -4.02 4.30
CA LYS A 304 12.05 -4.57 5.69
C LYS A 304 11.79 -6.10 5.62
N SER A 305 12.47 -6.74 4.70
CA SER A 305 12.36 -8.19 4.38
C SER A 305 12.66 -9.08 5.61
N ALA A 306 13.40 -8.59 6.58
CA ALA A 306 13.71 -9.25 7.88
C ALA A 306 12.43 -9.50 8.70
N TYR A 307 11.32 -8.82 8.41
CA TYR A 307 10.01 -9.01 9.07
C TYR A 307 9.15 -10.04 8.30
N CYS A 308 9.76 -10.76 7.37
CA CYS A 308 9.12 -11.80 6.54
C CYS A 308 9.79 -13.14 6.85
N GLY A 309 9.00 -14.20 6.96
CA GLY A 309 9.56 -15.55 6.94
C GLY A 309 9.59 -16.20 8.28
N THR A 310 9.90 -17.49 8.25
CA THR A 310 9.81 -18.40 9.42
C THR A 310 10.72 -17.83 10.49
N PRO A 311 11.94 -17.34 10.18
CA PRO A 311 12.83 -16.83 11.22
C PRO A 311 12.21 -15.63 11.97
N TYR A 312 11.43 -14.81 11.32
CA TYR A 312 10.79 -13.69 12.02
C TYR A 312 9.65 -14.21 12.92
N LEU A 313 8.87 -15.18 12.45
CA LEU A 313 7.83 -15.79 13.32
C LEU A 313 8.48 -16.41 14.57
N ALA A 314 9.60 -17.12 14.42
CA ALA A 314 10.34 -17.75 15.54
C ALA A 314 10.82 -16.66 16.53
N ARG A 315 11.25 -15.52 16.03
CA ARG A 315 11.72 -14.37 16.83
C ARG A 315 10.54 -13.78 17.61
N LYS A 316 9.39 -13.55 16.96
CA LYS A 316 8.18 -13.06 17.66
C LYS A 316 7.89 -13.99 18.84
N LEU A 317 7.96 -15.29 18.62
CA LEU A 317 7.61 -16.28 19.68
C LEU A 317 8.68 -16.23 20.76
N ASN A 318 9.94 -16.14 20.38
CA ASN A 318 11.07 -15.99 21.33
C ASN A 318 10.79 -14.81 22.26
N LEU A 319 10.36 -13.65 21.75
CA LEU A 319 10.14 -12.43 22.56
C LEU A 319 8.95 -12.62 23.51
N ILE A 320 7.88 -13.23 23.06
CA ILE A 320 6.69 -13.48 23.91
C ILE A 320 7.12 -14.39 25.08
N LEU A 321 7.83 -15.46 24.78
CA LEU A 321 8.36 -16.41 25.77
C LEU A 321 9.28 -15.66 26.75
N MET A 322 10.12 -14.77 26.24
CA MET A 322 11.00 -13.95 27.11
C MET A 322 10.09 -13.08 28.00
N MET A 323 9.06 -12.44 27.46
CA MET A 323 8.14 -11.62 28.30
C MET A 323 7.52 -12.51 29.39
N HIS A 324 7.14 -13.76 29.12
CA HIS A 324 6.54 -14.65 30.16
C HIS A 324 7.55 -14.92 31.28
N ILE A 325 8.80 -15.20 30.95
CA ILE A 325 9.86 -15.49 31.96
C ILE A 325 10.12 -14.22 32.79
N LYS A 326 10.37 -13.08 32.17
CA LYS A 326 10.63 -11.80 32.87
C LYS A 326 9.40 -11.36 33.68
N GLN A 327 8.17 -11.67 33.25
CA GLN A 327 6.91 -11.38 33.98
C GLN A 327 6.97 -11.90 35.42
N THR A 328 7.79 -12.91 35.74
CA THR A 328 7.87 -13.53 37.10
C THR A 328 8.80 -12.76 38.05
N LEU A 329 9.68 -11.90 37.54
CA LEU A 329 10.81 -11.32 38.31
C LEU A 329 10.34 -10.34 39.39
N PRO A 330 9.36 -9.44 39.12
CA PRO A 330 8.90 -8.49 40.13
C PRO A 330 8.53 -9.20 41.44
N ASP A 331 7.64 -10.20 41.34
CA ASP A 331 7.17 -11.03 42.48
C ASP A 331 8.39 -11.61 43.19
N ILE A 332 9.37 -12.11 42.43
CA ILE A 332 10.60 -12.75 42.99
C ILE A 332 11.46 -11.71 43.70
N LYS A 333 11.67 -10.53 43.12
CA LYS A 333 12.54 -9.47 43.70
C LYS A 333 11.99 -9.10 45.08
N GLN A 334 10.66 -9.03 45.16
CA GLN A 334 9.85 -8.72 46.38
C GLN A 334 10.15 -9.76 47.47
N ARG A 335 9.97 -11.04 47.14
CA ARG A 335 10.20 -12.18 48.08
C ARG A 335 11.67 -12.21 48.52
N ILE A 336 12.63 -11.98 47.61
CA ILE A 336 14.08 -11.96 47.95
C ILE A 336 14.32 -10.88 49.00
N SER A 337 13.91 -9.63 48.76
CA SER A 337 14.35 -8.51 49.62
C SER A 337 13.68 -8.66 50.99
N SER A 338 12.42 -9.10 51.02
CA SER A 338 11.62 -9.16 52.27
C SER A 338 12.14 -10.32 53.13
N SER A 339 12.58 -11.43 52.52
CA SER A 339 13.20 -12.53 53.29
C SER A 339 14.64 -12.11 53.64
N LEU A 340 15.32 -11.31 52.84
CA LEU A 340 16.67 -10.81 53.12
C LEU A 340 16.62 -9.94 54.37
N GLN A 341 15.62 -9.04 54.40
CA GLN A 341 15.42 -8.09 55.52
C GLN A 341 15.18 -8.88 56.81
N LYS A 342 14.38 -9.94 56.72
CA LYS A 342 13.98 -10.79 57.87
C LYS A 342 15.22 -11.46 58.47
N TYR A 343 16.06 -12.08 57.64
CA TYR A 343 17.24 -12.82 58.13
C TYR A 343 18.27 -11.81 58.66
N GLN A 344 18.35 -10.62 58.07
CA GLN A 344 19.32 -9.57 58.50
C GLN A 344 18.95 -9.10 59.90
N GLN A 345 17.65 -8.89 60.15
CA GLN A 345 17.10 -8.50 61.48
C GLN A 345 17.34 -9.61 62.49
N GLU A 346 17.04 -10.86 62.12
CA GLU A 346 17.24 -12.04 63.00
C GLU A 346 18.72 -12.10 63.37
N LEU A 347 19.63 -11.72 62.47
CA LEU A 347 21.08 -11.86 62.67
C LEU A 347 21.66 -10.89 63.73
N GLU A 348 20.97 -10.54 64.83
CA GLU A 348 21.52 -9.60 65.87
C GLU A 348 22.42 -10.34 66.87
N ALA A 361 31.26 -19.01 74.50
CA ALA A 361 30.67 -17.66 74.68
C ALA A 361 29.14 -17.78 74.74
N GLU A 362 28.52 -18.40 73.71
CA GLU A 362 27.05 -18.57 73.56
C GLU A 362 26.69 -20.07 73.31
N SER A 363 25.40 -20.40 73.33
CA SER A 363 24.86 -21.80 73.20
C SER A 363 25.14 -22.37 71.81
N ASP A 364 25.12 -23.71 71.72
CA ASP A 364 25.21 -24.49 70.46
C ASP A 364 24.11 -23.97 69.52
N TYR A 365 22.93 -23.69 70.05
CA TYR A 365 21.80 -23.16 69.25
C TYR A 365 22.24 -21.85 68.60
N THR A 366 22.62 -20.86 69.43
CA THR A 366 22.84 -19.49 68.93
C THR A 366 23.94 -19.53 67.87
N VAL A 367 24.98 -20.35 68.03
CA VAL A 367 26.11 -20.32 67.06
C VAL A 367 25.62 -20.91 65.73
N ARG A 368 24.98 -22.07 65.78
CA ARG A 368 24.37 -22.80 64.63
C ARG A 368 23.42 -21.84 63.92
N ARG A 369 22.56 -21.14 64.65
CA ARG A 369 21.52 -20.25 64.04
C ARG A 369 22.17 -19.04 63.36
N ARG A 370 23.21 -18.45 63.94
CA ARG A 370 23.98 -17.31 63.34
C ARG A 370 24.56 -17.81 62.01
N LYS A 371 25.16 -19.00 61.99
CA LYS A 371 25.74 -19.64 60.77
C LYS A 371 24.67 -19.85 59.70
N GLU A 372 23.56 -20.52 60.05
CA GLU A 372 22.48 -20.81 59.06
C GLU A 372 21.99 -19.48 58.48
N CYS A 373 21.71 -18.48 59.33
CA CYS A 373 21.17 -17.16 58.89
C CYS A 373 22.18 -16.48 57.96
N GLN A 374 23.48 -16.60 58.24
CA GLN A 374 24.56 -15.98 57.45
C GLN A 374 24.63 -16.69 56.09
N GLN A 375 24.61 -18.04 56.06
CA GLN A 375 24.56 -18.82 54.79
C GLN A 375 23.35 -18.36 53.96
N MET A 376 22.22 -18.12 54.63
CA MET A 376 20.97 -17.69 53.99
C MET A 376 21.14 -16.31 53.38
N VAL A 377 21.65 -15.34 54.15
CA VAL A 377 21.87 -13.94 53.68
C VAL A 377 22.72 -14.00 52.42
N GLU A 378 23.78 -14.81 52.40
CA GLU A 378 24.72 -14.83 51.25
C GLU A 378 23.99 -15.34 50.00
N SER A 379 23.20 -16.40 50.13
CA SER A 379 22.40 -16.97 49.01
C SER A 379 21.45 -15.91 48.48
N LEU A 380 20.78 -15.16 49.35
CA LEU A 380 19.78 -14.17 48.91
C LEU A 380 20.48 -12.99 48.23
N GLN A 381 21.66 -12.57 48.70
CA GLN A 381 22.51 -11.57 48.00
C GLN A 381 22.81 -12.12 46.60
N ARG A 382 23.36 -13.33 46.54
CA ARG A 382 23.78 -14.00 45.29
C ARG A 382 22.57 -14.03 44.35
N ALA A 383 21.41 -14.48 44.87
CA ALA A 383 20.16 -14.57 44.10
C ALA A 383 19.77 -13.18 43.58
N ALA A 384 19.80 -12.17 44.42
CA ALA A 384 19.45 -10.76 44.07
C ALA A 384 20.35 -10.30 42.92
N GLU A 385 21.63 -10.66 42.97
CA GLU A 385 22.60 -10.30 41.90
C GLU A 385 22.15 -10.92 40.57
N ILE A 386 21.90 -12.22 40.57
CA ILE A 386 21.54 -12.97 39.32
C ILE A 386 20.26 -12.38 38.71
N VAL A 387 19.32 -11.94 39.54
CA VAL A 387 18.02 -11.37 39.05
C VAL A 387 18.25 -10.00 38.42
N SER A 388 19.14 -9.18 38.99
CA SER A 388 19.44 -7.81 38.49
C SER A 388 20.03 -7.89 37.08
N GLN A 389 20.93 -8.85 36.83
CA GLN A 389 21.67 -9.06 35.55
C GLN A 389 20.84 -9.96 34.63
N VAL A 390 19.63 -9.51 34.26
CA VAL A 390 18.80 -10.17 33.20
C VAL A 390 18.95 -9.40 31.88
N THR B 11 -21.67 -9.72 -32.01
CA THR B 11 -22.97 -9.90 -31.29
C THR B 11 -22.79 -10.97 -30.19
N LEU B 12 -23.76 -11.09 -29.27
CA LEU B 12 -23.76 -12.04 -28.11
C LEU B 12 -24.06 -13.48 -28.54
N ALA B 13 -24.32 -13.73 -29.83
CA ALA B 13 -24.49 -15.09 -30.39
C ALA B 13 -23.16 -15.81 -30.21
N GLN B 14 -23.22 -17.00 -29.64
CA GLN B 14 -22.06 -17.88 -29.39
C GLN B 14 -22.56 -19.30 -29.59
N PRO B 15 -22.15 -19.98 -30.68
CA PRO B 15 -22.45 -21.40 -30.86
C PRO B 15 -22.07 -22.19 -29.60
N GLY B 16 -22.81 -23.23 -29.25
CA GLY B 16 -22.38 -24.17 -28.20
C GLY B 16 -22.82 -23.75 -26.81
N GLY B 17 -23.15 -22.46 -26.56
CA GLY B 17 -23.49 -21.99 -25.21
C GLY B 17 -24.96 -21.71 -24.98
N ILE B 18 -25.28 -20.83 -24.04
CA ILE B 18 -26.70 -20.53 -23.68
C ILE B 18 -27.36 -19.65 -24.77
N SER B 19 -26.55 -19.07 -25.65
CA SER B 19 -26.94 -18.18 -26.76
C SER B 19 -26.52 -18.81 -28.08
N ASP B 20 -26.64 -20.13 -28.16
CA ASP B 20 -26.47 -20.90 -29.40
C ASP B 20 -27.62 -20.49 -30.33
N PRO B 21 -27.34 -20.00 -31.56
CA PRO B 21 -28.40 -19.61 -32.49
C PRO B 21 -29.47 -20.69 -32.74
N ASN B 22 -29.13 -21.98 -32.74
CA ASN B 22 -30.09 -23.09 -32.98
C ASN B 22 -31.06 -23.22 -31.80
N LEU B 23 -30.56 -22.97 -30.61
CA LEU B 23 -31.38 -23.04 -29.40
C LEU B 23 -32.37 -21.87 -29.48
N ILE B 24 -31.91 -20.67 -29.85
CA ILE B 24 -32.79 -19.47 -30.02
C ILE B 24 -33.84 -19.79 -31.10
N LYS B 25 -33.43 -20.32 -32.26
CA LYS B 25 -34.37 -20.59 -33.38
C LYS B 25 -35.46 -21.52 -32.85
N LEU B 26 -35.05 -22.61 -32.20
CA LEU B 26 -35.96 -23.69 -31.71
C LEU B 26 -37.05 -23.13 -30.77
N VAL B 27 -36.66 -22.29 -29.81
CA VAL B 27 -37.55 -21.77 -28.76
C VAL B 27 -38.55 -20.82 -29.40
N ASN B 28 -38.10 -19.96 -30.32
CA ASN B 28 -38.99 -18.97 -30.98
C ASN B 28 -40.01 -19.70 -31.86
N LYS B 29 -39.59 -20.75 -32.55
CA LYS B 29 -40.46 -21.56 -33.43
C LYS B 29 -41.55 -22.22 -32.58
N LEU B 30 -41.19 -22.83 -31.45
CA LEU B 30 -42.17 -23.53 -30.58
C LEU B 30 -43.14 -22.50 -29.95
N GLN B 31 -42.62 -21.36 -29.52
CA GLN B 31 -43.45 -20.30 -28.90
C GLN B 31 -44.46 -19.80 -29.95
N ASP B 32 -44.06 -19.69 -31.21
CA ASP B 32 -44.98 -19.21 -32.27
C ASP B 32 -46.09 -20.26 -32.47
N VAL B 33 -45.74 -21.54 -32.52
CA VAL B 33 -46.72 -22.65 -32.57
C VAL B 33 -47.72 -22.56 -31.39
N PHE B 34 -47.23 -22.51 -30.15
CA PHE B 34 -48.08 -22.56 -28.93
C PHE B 34 -49.12 -21.44 -28.97
N THR B 35 -48.67 -20.23 -29.30
CA THR B 35 -49.53 -19.02 -29.31
C THR B 35 -50.51 -19.12 -30.50
N THR B 36 -50.12 -19.63 -31.67
CA THR B 36 -51.04 -19.72 -32.83
C THR B 36 -52.09 -20.81 -32.54
N VAL B 37 -51.80 -21.87 -31.78
CA VAL B 37 -52.79 -22.99 -31.66
C VAL B 37 -53.53 -22.94 -30.32
N GLY B 38 -53.11 -22.10 -29.36
CA GLY B 38 -53.84 -21.94 -28.08
C GLY B 38 -53.46 -23.00 -27.07
N VAL B 39 -52.17 -23.31 -27.00
CA VAL B 39 -51.56 -24.34 -26.11
C VAL B 39 -50.58 -23.66 -25.14
N ASN B 40 -50.67 -24.02 -23.86
CA ASN B 40 -49.86 -23.44 -22.75
C ASN B 40 -48.40 -23.79 -23.08
N ASN B 41 -47.52 -22.82 -23.05
CA ASN B 41 -46.05 -22.96 -23.30
C ASN B 41 -45.48 -23.62 -22.05
N PRO B 42 -44.99 -24.87 -22.08
CA PRO B 42 -44.41 -25.49 -20.89
C PRO B 42 -42.89 -25.24 -20.77
N ILE B 43 -42.27 -24.51 -21.67
CA ILE B 43 -40.83 -24.20 -21.57
C ILE B 43 -40.65 -23.33 -20.29
N ASP B 44 -39.98 -23.87 -19.30
CA ASP B 44 -39.66 -23.23 -18.00
C ASP B 44 -38.15 -23.36 -17.76
N LEU B 45 -37.35 -22.46 -18.32
CA LEU B 45 -35.87 -22.57 -18.27
C LEU B 45 -35.42 -22.23 -16.87
N PRO B 46 -34.48 -22.99 -16.28
CA PRO B 46 -33.97 -22.68 -14.95
C PRO B 46 -33.24 -21.34 -14.96
N GLN B 47 -33.22 -20.67 -13.82
CA GLN B 47 -32.27 -19.58 -13.56
C GLN B 47 -30.87 -20.21 -13.41
N ILE B 48 -29.84 -19.45 -13.67
CA ILE B 48 -28.43 -19.87 -13.49
C ILE B 48 -27.83 -18.93 -12.42
N VAL B 49 -27.39 -19.52 -11.32
CA VAL B 49 -26.96 -18.78 -10.10
C VAL B 49 -25.55 -19.19 -9.74
N VAL B 50 -24.62 -18.23 -9.64
CA VAL B 50 -23.23 -18.45 -9.16
C VAL B 50 -23.13 -18.14 -7.68
N VAL B 51 -22.41 -18.99 -7.00
CA VAL B 51 -22.32 -18.98 -5.53
C VAL B 51 -20.91 -19.44 -5.21
N GLY B 52 -20.26 -18.78 -4.28
CA GLY B 52 -19.00 -19.28 -3.71
C GLY B 52 -18.49 -18.40 -2.62
N SER B 53 -17.34 -18.76 -2.09
CA SER B 53 -16.56 -17.89 -1.20
C SER B 53 -16.29 -16.53 -1.90
N GLN B 54 -16.13 -15.50 -1.11
CA GLN B 54 -15.71 -14.19 -1.62
C GLN B 54 -14.35 -14.41 -2.30
N SER B 55 -14.18 -13.83 -3.49
CA SER B 55 -12.98 -13.81 -4.38
C SER B 55 -12.69 -15.20 -5.00
N SER B 56 -13.64 -16.13 -5.05
CA SER B 56 -13.55 -17.41 -5.79
C SER B 56 -13.57 -17.16 -7.32
N GLY B 57 -14.07 -16.03 -7.80
CA GLY B 57 -14.09 -15.76 -9.24
C GLY B 57 -15.46 -15.88 -9.86
N ALA B 58 -16.50 -15.69 -9.06
CA ALA B 58 -17.90 -15.89 -9.47
C ALA B 58 -18.28 -14.89 -10.56
N SER B 59 -18.01 -13.57 -10.34
CA SER B 59 -18.45 -12.55 -11.29
C SER B 59 -17.83 -12.89 -12.67
N SER B 60 -16.57 -13.34 -12.73
CA SER B 60 -15.86 -13.63 -13.99
C SER B 60 -16.50 -14.87 -14.65
N VAL B 61 -16.84 -15.88 -13.90
CA VAL B 61 -17.53 -17.05 -14.49
C VAL B 61 -18.86 -16.62 -15.14
N LEU B 62 -19.65 -15.79 -14.45
CA LEU B 62 -20.98 -15.37 -14.99
C LEU B 62 -20.79 -14.55 -16.26
N GLU B 63 -19.89 -13.59 -16.24
CA GLU B 63 -19.52 -12.75 -17.41
C GLU B 63 -19.18 -13.65 -18.62
N ASN B 64 -18.36 -14.66 -18.44
CA ASN B 64 -17.92 -15.53 -19.54
C ASN B 64 -19.10 -16.30 -20.13
N ILE B 65 -20.11 -16.66 -19.33
CA ILE B 65 -21.31 -17.36 -19.86
C ILE B 65 -22.11 -16.40 -20.77
N VAL B 66 -22.22 -15.13 -20.40
CA VAL B 66 -22.91 -14.12 -21.27
C VAL B 66 -22.07 -13.82 -22.52
N GLY B 67 -20.74 -13.71 -22.39
CA GLY B 67 -19.82 -13.59 -23.56
C GLY B 67 -19.41 -12.15 -23.87
N ARG B 68 -19.87 -11.14 -23.11
CA ARG B 68 -19.34 -9.76 -23.19
C ARG B 68 -19.11 -9.26 -21.77
N ASP B 69 -18.11 -8.40 -21.59
CA ASP B 69 -17.76 -7.83 -20.27
C ASP B 69 -18.84 -6.82 -19.86
N PHE B 70 -19.33 -6.94 -18.64
CA PHE B 70 -20.19 -5.94 -17.99
C PHE B 70 -20.22 -6.06 -16.46
N LEU B 71 -19.58 -7.05 -15.82
CA LEU B 71 -19.65 -7.17 -14.34
C LEU B 71 -18.38 -6.63 -13.71
N PRO B 72 -18.50 -5.84 -12.61
CA PRO B 72 -17.30 -5.45 -11.87
C PRO B 72 -16.60 -6.71 -11.34
N ARG B 73 -15.30 -6.75 -11.56
CA ARG B 73 -14.36 -7.79 -11.08
C ARG B 73 -13.12 -7.07 -10.55
N GLY B 74 -12.48 -7.66 -9.57
CA GLY B 74 -11.15 -7.24 -9.09
C GLY B 74 -10.89 -7.78 -7.70
N GLN B 75 -9.98 -7.13 -6.97
CA GLN B 75 -9.53 -7.47 -5.62
C GLN B 75 -10.47 -6.89 -4.57
N GLY B 76 -10.39 -7.40 -3.35
CA GLY B 76 -11.28 -7.04 -2.22
C GLY B 76 -12.67 -7.60 -2.42
N ILE B 77 -13.63 -6.96 -1.76
CA ILE B 77 -15.06 -7.31 -1.79
C ILE B 77 -15.64 -6.52 -2.96
N VAL B 78 -16.10 -7.16 -4.04
CA VAL B 78 -16.53 -6.42 -5.26
C VAL B 78 -18.04 -6.49 -5.42
N THR B 79 -18.61 -7.67 -5.59
CA THR B 79 -20.10 -7.83 -5.66
C THR B 79 -20.70 -7.66 -4.26
N ARG B 80 -21.47 -6.59 -4.06
CA ARG B 80 -21.98 -6.18 -2.72
C ARG B 80 -23.51 -6.04 -2.76
N ARG B 81 -24.13 -6.35 -3.90
CA ARG B 81 -25.59 -6.50 -4.04
C ARG B 81 -25.85 -7.60 -5.08
N PRO B 82 -27.01 -8.29 -5.04
CA PRO B 82 -27.37 -9.23 -6.10
C PRO B 82 -27.51 -8.45 -7.43
N LEU B 83 -27.01 -9.05 -8.52
CA LEU B 83 -27.21 -8.61 -9.90
C LEU B 83 -28.08 -9.67 -10.56
N VAL B 84 -29.36 -9.34 -10.73
CA VAL B 84 -30.38 -10.20 -11.39
C VAL B 84 -30.45 -9.73 -12.82
N LEU B 85 -29.89 -10.54 -13.72
CA LEU B 85 -29.86 -10.22 -15.16
C LEU B 85 -30.98 -10.98 -15.84
N GLN B 86 -31.92 -10.28 -16.49
CA GLN B 86 -32.90 -10.90 -17.41
C GLN B 86 -32.38 -10.73 -18.84
N LEU B 87 -31.96 -11.82 -19.48
CA LEU B 87 -31.69 -11.79 -20.93
C LEU B 87 -33.04 -11.87 -21.62
N ILE B 88 -33.31 -10.98 -22.56
CA ILE B 88 -34.61 -10.95 -23.28
C ILE B 88 -34.34 -10.94 -24.79
N ASN B 89 -34.88 -11.96 -25.46
CA ASN B 89 -34.87 -12.10 -26.93
C ASN B 89 -35.72 -10.99 -27.55
N ARG B 90 -35.14 -10.17 -28.42
CA ARG B 90 -35.88 -9.16 -29.22
C ARG B 90 -35.29 -9.15 -30.63
N GLN B 91 -36.12 -9.43 -31.63
CA GLN B 91 -35.81 -9.28 -33.07
C GLN B 91 -35.72 -7.78 -33.36
N SER B 92 -34.78 -7.36 -34.23
CA SER B 92 -34.57 -5.90 -34.51
C SER B 92 -35.59 -5.37 -35.50
N SER B 93 -35.62 -4.04 -35.65
CA SER B 93 -36.50 -3.28 -36.60
C SER B 93 -35.91 -3.29 -38.02
N ASP B 105 -19.90 7.66 -29.70
CA ASP B 105 -19.04 8.04 -28.54
C ASP B 105 -18.82 6.78 -27.67
N SER B 106 -19.11 5.58 -28.19
CA SER B 106 -19.03 4.28 -27.48
C SER B 106 -17.54 3.92 -27.30
N THR B 107 -17.18 3.33 -26.16
CA THR B 107 -15.84 2.72 -25.92
C THR B 107 -15.91 1.20 -26.09
N ASP B 108 -17.07 0.68 -26.50
CA ASP B 108 -17.31 -0.78 -26.62
C ASP B 108 -17.33 -1.13 -28.12
N LYS B 109 -16.27 -1.80 -28.60
CA LYS B 109 -16.07 -2.22 -30.01
C LYS B 109 -17.15 -3.21 -30.46
N ALA B 110 -17.94 -3.79 -29.55
CA ALA B 110 -19.04 -4.71 -29.90
C ALA B 110 -20.41 -4.00 -29.91
N ALA B 111 -20.44 -2.69 -29.59
CA ALA B 111 -21.69 -1.91 -29.45
C ALA B 111 -22.45 -1.87 -30.79
N ASN B 112 -23.76 -2.12 -30.76
CA ASN B 112 -24.64 -2.20 -31.95
C ASN B 112 -26.10 -1.94 -31.53
N LEU B 113 -26.93 -1.41 -32.46
CA LEU B 113 -28.30 -0.90 -32.16
C LEU B 113 -29.26 -2.04 -31.76
N ASP B 114 -28.90 -3.30 -31.99
CA ASP B 114 -29.76 -4.46 -31.69
C ASP B 114 -29.59 -4.96 -30.25
N GLU B 115 -28.56 -4.50 -29.53
CA GLU B 115 -28.20 -5.02 -28.18
C GLU B 115 -27.96 -3.88 -27.22
N TRP B 116 -28.74 -3.84 -26.12
CA TRP B 116 -28.56 -2.82 -25.05
C TRP B 116 -29.03 -3.36 -23.70
N GLY B 117 -28.58 -2.70 -22.64
CA GLY B 117 -29.06 -2.96 -21.27
C GLY B 117 -29.93 -1.85 -20.75
N GLU B 118 -30.92 -2.20 -19.96
CA GLU B 118 -31.76 -1.26 -19.16
C GLU B 118 -31.84 -1.75 -17.73
N PHE B 119 -31.52 -0.85 -16.84
CA PHE B 119 -31.66 -0.98 -15.37
C PHE B 119 -33.01 -0.42 -14.96
N LEU B 120 -33.77 -1.23 -14.23
CA LEU B 120 -35.01 -0.84 -13.55
C LEU B 120 -34.88 0.53 -12.86
N HIS B 121 -33.79 0.81 -12.18
CA HIS B 121 -33.62 2.06 -11.40
C HIS B 121 -33.31 3.25 -12.34
N LEU B 122 -33.05 3.01 -13.63
CA LEU B 122 -32.91 4.09 -14.65
C LEU B 122 -33.90 3.87 -15.78
N PRO B 123 -35.23 4.03 -15.56
CA PRO B 123 -36.22 3.58 -16.56
C PRO B 123 -36.07 4.38 -17.87
N GLY B 124 -36.00 3.68 -19.01
CA GLY B 124 -35.88 4.26 -20.37
C GLY B 124 -34.49 4.73 -20.77
N GLN B 125 -33.47 4.67 -19.91
CA GLN B 125 -32.05 4.81 -20.35
C GLN B 125 -31.62 3.47 -20.97
N LYS B 126 -30.90 3.53 -22.09
CA LYS B 126 -30.42 2.35 -22.85
C LYS B 126 -28.90 2.41 -22.88
N PHE B 127 -28.24 1.28 -22.59
CA PHE B 127 -26.76 1.21 -22.60
C PHE B 127 -26.36 0.26 -23.71
N TYR B 128 -25.85 0.83 -24.78
CA TYR B 128 -25.30 0.10 -25.95
C TYR B 128 -23.86 -0.26 -25.61
N ASP B 129 -23.23 0.56 -24.76
CA ASP B 129 -21.83 0.39 -24.28
C ASP B 129 -21.82 -0.43 -22.98
N PHE B 130 -21.28 -1.66 -23.02
CA PHE B 130 -21.33 -2.60 -21.87
C PHE B 130 -20.33 -2.15 -20.80
N ASN B 131 -19.33 -1.35 -21.14
CA ASN B 131 -18.47 -0.69 -20.13
C ASN B 131 -19.35 0.23 -19.27
N LYS B 132 -20.37 0.88 -19.85
CA LYS B 132 -21.20 1.83 -19.08
C LYS B 132 -22.08 1.00 -18.13
N ILE B 133 -22.52 -0.16 -18.60
CA ILE B 133 -23.29 -1.08 -17.73
C ILE B 133 -22.42 -1.37 -16.52
N ARG B 134 -21.16 -1.70 -16.75
CA ARG B 134 -20.24 -2.05 -15.64
C ARG B 134 -20.13 -0.87 -14.67
N ASP B 135 -19.86 0.32 -15.21
CA ASP B 135 -19.77 1.60 -14.46
C ASP B 135 -21.04 1.82 -13.63
N GLU B 136 -22.21 1.55 -14.20
CA GLU B 136 -23.47 1.81 -13.50
C GLU B 136 -23.66 0.83 -12.35
N ILE B 137 -23.22 -0.42 -12.49
CA ILE B 137 -23.33 -1.40 -11.39
C ILE B 137 -22.45 -0.94 -10.25
N ASN B 138 -21.23 -0.46 -10.54
CA ASN B 138 -20.34 0.11 -9.52
C ASN B 138 -21.02 1.31 -8.83
N ARG B 139 -21.66 2.20 -9.58
CA ARG B 139 -22.25 3.47 -9.05
C ARG B 139 -23.48 3.17 -8.20
N GLU B 140 -24.38 2.35 -8.73
CA GLU B 140 -25.61 1.95 -8.00
C GLU B 140 -25.25 1.13 -6.73
N THR B 141 -24.14 0.41 -6.75
CA THR B 141 -23.67 -0.32 -5.56
C THR B 141 -23.27 0.72 -4.51
N GLU B 142 -22.44 1.70 -4.89
CA GLU B 142 -21.90 2.74 -3.96
C GLU B 142 -23.05 3.60 -3.44
N ALA B 143 -24.02 3.96 -4.27
CA ALA B 143 -25.17 4.81 -3.87
C ALA B 143 -25.86 4.20 -2.64
N LYS B 144 -25.99 2.87 -2.56
CA LYS B 144 -26.79 2.18 -1.50
C LYS B 144 -25.91 1.66 -0.36
N VAL B 145 -24.66 1.26 -0.60
CA VAL B 145 -23.84 0.53 0.44
C VAL B 145 -22.42 1.09 0.51
N GLY B 146 -22.13 2.20 -0.16
CA GLY B 146 -20.90 2.99 0.10
C GLY B 146 -19.69 2.25 -0.41
N ARG B 147 -18.50 2.59 0.10
CA ARG B 147 -17.20 2.12 -0.41
C ARG B 147 -16.36 1.56 0.73
N ASN B 148 -16.98 1.03 1.78
CA ASN B 148 -16.23 0.42 2.91
C ASN B 148 -16.82 -0.97 3.19
N ALA B 149 -17.17 -1.71 2.15
CA ALA B 149 -17.44 -3.17 2.18
C ALA B 149 -18.87 -3.50 2.57
N GLY B 150 -19.74 -2.51 2.76
CA GLY B 150 -21.15 -2.75 3.12
C GLY B 150 -21.83 -3.64 2.09
N ILE B 151 -22.82 -4.42 2.51
CA ILE B 151 -23.54 -5.35 1.60
C ILE B 151 -25.04 -5.22 1.79
N SER B 152 -25.82 -5.31 0.72
CA SER B 152 -27.31 -5.22 0.78
C SER B 152 -27.92 -6.34 -0.04
N PRO B 153 -29.05 -6.92 0.41
CA PRO B 153 -29.79 -7.88 -0.40
C PRO B 153 -30.65 -7.24 -1.49
N ALA B 154 -30.77 -5.91 -1.51
CA ALA B 154 -31.57 -5.19 -2.54
C ALA B 154 -30.94 -5.44 -3.93
N PRO B 155 -31.60 -6.15 -4.86
CA PRO B 155 -31.01 -6.44 -6.15
C PRO B 155 -30.85 -5.24 -7.08
N ILE B 156 -29.83 -5.26 -7.93
CA ILE B 156 -29.72 -4.38 -9.11
C ILE B 156 -30.31 -5.20 -10.26
N ASN B 157 -31.33 -4.69 -10.92
CA ASN B 157 -32.15 -5.41 -11.92
C ASN B 157 -31.73 -4.91 -13.29
N LEU B 158 -31.18 -5.82 -14.09
CA LEU B 158 -30.61 -5.48 -15.42
C LEU B 158 -31.30 -6.38 -16.42
N ARG B 159 -31.76 -5.78 -17.51
CA ARG B 159 -32.34 -6.49 -18.66
C ARG B 159 -31.37 -6.28 -19.80
N ILE B 160 -31.02 -7.35 -20.53
CA ILE B 160 -30.23 -7.21 -21.77
C ILE B 160 -31.04 -7.77 -22.93
N TYR B 161 -31.25 -6.89 -23.90
CA TYR B 161 -32.09 -7.11 -25.10
C TYR B 161 -31.16 -7.46 -26.26
N SER B 162 -31.47 -8.52 -26.98
CA SER B 162 -30.65 -9.01 -28.12
C SER B 162 -31.48 -9.99 -28.92
N PRO B 163 -31.26 -10.07 -30.26
CA PRO B 163 -31.90 -11.09 -31.08
C PRO B 163 -31.31 -12.47 -30.81
N HIS B 164 -30.16 -12.52 -30.14
CA HIS B 164 -29.26 -13.70 -30.05
C HIS B 164 -29.27 -14.35 -28.66
N VAL B 165 -30.21 -13.97 -27.78
CA VAL B 165 -30.24 -14.55 -26.41
C VAL B 165 -31.57 -15.27 -26.18
N LEU B 166 -31.60 -16.20 -25.24
CA LEU B 166 -32.88 -16.74 -24.69
C LEU B 166 -33.46 -15.77 -23.68
N ASN B 167 -34.75 -15.92 -23.38
CA ASN B 167 -35.39 -15.43 -22.15
C ASN B 167 -34.86 -16.28 -20.98
N LEU B 168 -33.93 -15.73 -20.22
CA LEU B 168 -33.14 -16.49 -19.23
C LEU B 168 -32.70 -15.56 -18.12
N THR B 169 -32.80 -16.03 -16.87
CA THR B 169 -32.35 -15.23 -15.72
C THR B 169 -31.01 -15.81 -15.24
N LEU B 170 -30.00 -14.94 -15.07
CA LEU B 170 -28.72 -15.24 -14.40
C LEU B 170 -28.52 -14.31 -13.18
N VAL B 171 -27.98 -14.84 -12.09
CA VAL B 171 -27.78 -14.10 -10.83
C VAL B 171 -26.30 -14.16 -10.40
N ASP B 172 -25.68 -13.02 -10.18
CA ASP B 172 -24.39 -12.84 -9.47
C ASP B 172 -24.73 -12.38 -8.03
N LEU B 173 -23.97 -12.83 -7.06
CA LEU B 173 -24.23 -12.71 -5.62
C LEU B 173 -22.92 -12.41 -4.91
N PRO B 174 -22.94 -11.60 -3.84
CA PRO B 174 -21.79 -11.45 -2.97
C PRO B 174 -21.27 -12.82 -2.54
N GLY B 175 -19.96 -12.95 -2.36
CA GLY B 175 -19.33 -14.18 -1.83
C GLY B 175 -19.60 -14.36 -0.35
N LEU B 176 -19.66 -15.62 0.12
CA LEU B 176 -19.71 -15.96 1.57
C LEU B 176 -18.37 -15.62 2.23
N THR B 177 -18.42 -14.96 3.38
CA THR B 177 -17.22 -14.52 4.15
C THR B 177 -17.40 -15.03 5.55
N ARG B 178 -16.35 -14.96 6.37
CA ARG B 178 -16.36 -15.47 7.76
C ARG B 178 -16.13 -14.29 8.71
N VAL B 179 -15.32 -13.29 8.33
CA VAL B 179 -14.82 -12.23 9.25
C VAL B 179 -15.31 -10.89 8.71
N PRO B 180 -16.16 -10.17 9.48
CA PRO B 180 -16.69 -8.87 9.07
C PRO B 180 -15.54 -7.90 8.76
N VAL B 181 -15.63 -7.11 7.69
CA VAL B 181 -14.64 -6.04 7.45
C VAL B 181 -15.40 -4.75 7.21
N GLY B 182 -14.70 -3.63 7.40
CA GLY B 182 -15.27 -2.30 7.08
C GLY B 182 -16.59 -2.09 7.84
N ASP B 183 -17.64 -1.74 7.12
CA ASP B 183 -18.96 -1.36 7.68
C ASP B 183 -19.80 -2.60 8.00
N GLN B 184 -19.26 -3.79 7.77
CA GLN B 184 -20.09 -5.00 7.86
C GLN B 184 -20.40 -5.23 9.32
N PRO B 185 -21.63 -5.65 9.62
CA PRO B 185 -22.01 -6.03 10.98
C PRO B 185 -21.49 -7.44 11.37
N ARG B 186 -21.49 -7.72 12.69
CA ARG B 186 -21.04 -8.99 13.30
C ARG B 186 -21.67 -10.21 12.62
N ASP B 187 -22.91 -10.16 12.14
CA ASP B 187 -23.68 -11.33 11.63
C ASP B 187 -23.69 -11.30 10.09
N ILE B 188 -22.68 -10.67 9.46
CA ILE B 188 -22.62 -10.56 7.97
C ILE B 188 -22.70 -11.97 7.33
N GLU B 189 -22.06 -12.98 7.92
CA GLU B 189 -22.02 -14.33 7.35
C GLU B 189 -23.45 -14.86 7.18
N ARG B 190 -24.28 -14.80 8.23
CA ARG B 190 -25.69 -15.24 8.15
C ARG B 190 -26.43 -14.37 7.12
N GLN B 191 -26.15 -13.07 7.02
CA GLN B 191 -26.95 -12.23 6.11
C GLN B 191 -26.65 -12.64 4.68
N ILE B 192 -25.38 -12.89 4.38
CA ILE B 192 -25.00 -13.29 2.99
C ILE B 192 -25.55 -14.69 2.70
N ARG B 193 -25.45 -15.59 3.67
CA ARG B 193 -26.03 -16.94 3.54
C ARG B 193 -27.54 -16.86 3.26
N ASP B 194 -28.30 -16.02 3.94
CA ASP B 194 -29.78 -15.93 3.78
C ASP B 194 -30.11 -15.30 2.41
N MET B 195 -29.35 -14.29 2.00
CA MET B 195 -29.53 -13.66 0.68
C MET B 195 -29.27 -14.71 -0.44
N ILE B 196 -28.21 -15.51 -0.34
CA ILE B 196 -27.91 -16.56 -1.35
C ILE B 196 -28.98 -17.66 -1.41
N LEU B 197 -29.42 -18.16 -0.28
CA LEU B 197 -30.45 -19.24 -0.22
C LEU B 197 -31.73 -18.79 -0.93
N LYS B 198 -32.11 -17.54 -0.82
CA LYS B 198 -33.28 -17.01 -1.56
C LYS B 198 -33.21 -17.52 -2.99
N TYR B 199 -32.05 -17.45 -3.63
CA TYR B 199 -31.95 -17.64 -5.11
C TYR B 199 -31.73 -19.10 -5.44
N ILE B 200 -31.14 -19.88 -4.56
CA ILE B 200 -30.77 -21.27 -4.93
C ILE B 200 -31.73 -22.29 -4.32
N GLN B 201 -32.58 -21.91 -3.38
CA GLN B 201 -33.66 -22.77 -2.82
C GLN B 201 -34.67 -23.15 -3.92
N LYS B 202 -34.93 -22.24 -4.86
CA LYS B 202 -35.75 -22.51 -6.09
C LYS B 202 -35.31 -23.84 -6.70
N PRO B 203 -36.16 -24.88 -6.76
CA PRO B 203 -35.84 -26.11 -7.48
C PRO B 203 -35.52 -25.89 -8.98
N ASN B 204 -35.95 -24.77 -9.55
CA ASN B 204 -35.68 -24.46 -10.99
C ASN B 204 -34.45 -23.56 -11.10
N ALA B 205 -33.39 -23.86 -10.35
CA ALA B 205 -32.13 -23.11 -10.40
C ALA B 205 -30.96 -24.09 -10.62
N ILE B 206 -30.20 -23.84 -11.68
CA ILE B 206 -28.84 -24.43 -11.80
C ILE B 206 -27.88 -23.65 -10.89
N ILE B 207 -27.27 -24.35 -9.97
CA ILE B 207 -26.27 -23.78 -9.03
C ILE B 207 -24.90 -24.02 -9.64
N LEU B 208 -24.19 -22.95 -9.99
CA LEU B 208 -22.74 -22.97 -10.28
C LEU B 208 -22.02 -22.70 -8.96
N ALA B 209 -21.57 -23.77 -8.33
CA ALA B 209 -20.76 -23.71 -7.11
C ALA B 209 -19.32 -23.44 -7.50
N VAL B 210 -18.88 -22.21 -7.31
CA VAL B 210 -17.54 -21.73 -7.72
C VAL B 210 -16.61 -21.91 -6.54
N THR B 211 -15.49 -22.58 -6.81
CA THR B 211 -14.43 -22.82 -5.82
C THR B 211 -13.13 -22.56 -6.54
N ALA B 212 -12.26 -21.78 -5.91
CA ALA B 212 -10.86 -21.63 -6.36
C ALA B 212 -10.21 -23.01 -6.26
N ALA B 213 -9.54 -23.48 -7.31
CA ALA B 213 -8.83 -24.78 -7.37
C ALA B 213 -7.64 -24.78 -6.40
N ASN B 214 -7.18 -23.61 -5.97
CA ASN B 214 -6.00 -23.45 -5.09
C ASN B 214 -6.46 -23.54 -3.62
N VAL B 215 -7.67 -24.01 -3.32
CA VAL B 215 -8.05 -24.47 -1.96
C VAL B 215 -8.60 -25.89 -2.10
N ASP B 216 -8.45 -26.70 -1.06
CA ASP B 216 -9.03 -28.07 -1.01
C ASP B 216 -10.55 -27.88 -1.12
N LEU B 217 -11.15 -28.73 -1.91
CA LEU B 217 -12.58 -28.73 -2.21
C LEU B 217 -13.41 -28.82 -0.92
N ALA B 218 -12.92 -29.47 0.14
CA ALA B 218 -13.62 -29.60 1.43
C ALA B 218 -13.85 -28.23 2.10
N ASN B 219 -13.18 -27.18 1.62
CA ASN B 219 -13.33 -25.81 2.18
C ASN B 219 -14.32 -25.00 1.33
N SER B 220 -14.92 -25.58 0.30
CA SER B 220 -15.80 -24.85 -0.63
C SER B 220 -17.10 -24.40 0.06
N ASP B 221 -17.31 -23.09 0.18
CA ASP B 221 -18.62 -22.53 0.61
C ASP B 221 -19.67 -22.72 -0.47
N GLY B 222 -19.26 -22.56 -1.71
CA GLY B 222 -20.15 -22.90 -2.84
C GLY B 222 -20.75 -24.30 -2.72
N LEU B 223 -19.94 -25.31 -2.44
CA LEU B 223 -20.44 -26.70 -2.39
C LEU B 223 -21.24 -26.87 -1.09
N LYS B 224 -20.81 -26.28 0.02
CA LYS B 224 -21.56 -26.40 1.31
C LYS B 224 -22.98 -25.85 1.14
N LEU B 225 -23.13 -24.68 0.54
CA LEU B 225 -24.46 -24.06 0.34
C LEU B 225 -25.26 -24.87 -0.66
N ALA B 226 -24.65 -25.22 -1.77
CA ALA B 226 -25.31 -26.09 -2.78
C ALA B 226 -25.82 -27.36 -2.12
N ARG B 227 -25.09 -27.95 -1.18
CA ARG B 227 -25.51 -29.23 -0.55
C ARG B 227 -26.67 -29.02 0.43
N GLU B 228 -26.78 -27.88 1.06
CA GLU B 228 -27.95 -27.53 1.89
C GLU B 228 -29.26 -27.53 1.08
N VAL B 229 -29.29 -27.07 -0.17
CA VAL B 229 -30.58 -27.03 -0.91
C VAL B 229 -30.66 -28.14 -1.95
N ASP B 230 -29.53 -28.73 -2.33
CA ASP B 230 -29.44 -29.79 -3.37
C ASP B 230 -28.56 -30.90 -2.80
N PRO B 231 -28.96 -31.50 -1.67
CA PRO B 231 -28.13 -32.53 -1.02
C PRO B 231 -27.81 -33.73 -1.93
N GLU B 232 -28.67 -34.04 -2.86
CA GLU B 232 -28.45 -35.16 -3.81
C GLU B 232 -27.52 -34.73 -4.95
N GLY B 233 -27.15 -33.45 -5.07
CA GLY B 233 -26.21 -32.98 -6.09
C GLY B 233 -26.72 -33.19 -7.51
N GLN B 234 -27.99 -32.91 -7.76
CA GLN B 234 -28.71 -33.06 -9.03
C GLN B 234 -28.73 -31.78 -9.86
N ARG B 235 -28.51 -30.60 -9.29
CA ARG B 235 -28.65 -29.35 -10.10
C ARG B 235 -27.48 -28.39 -9.82
N THR B 236 -26.34 -28.96 -9.49
CA THR B 236 -25.11 -28.26 -9.10
C THR B 236 -23.98 -28.66 -10.06
N ILE B 237 -23.38 -27.67 -10.69
CA ILE B 237 -22.11 -27.80 -11.44
C ILE B 237 -21.01 -27.19 -10.57
N GLY B 238 -19.99 -27.95 -10.24
CA GLY B 238 -18.77 -27.40 -9.62
C GLY B 238 -17.88 -26.70 -10.63
N VAL B 239 -17.60 -25.44 -10.43
CA VAL B 239 -16.65 -24.67 -11.29
C VAL B 239 -15.39 -24.40 -10.47
N LEU B 240 -14.25 -24.83 -10.99
CA LEU B 240 -12.93 -24.74 -10.33
C LEU B 240 -12.14 -23.63 -11.03
N THR B 241 -12.03 -22.47 -10.38
CA THR B 241 -11.36 -21.30 -10.97
C THR B 241 -9.88 -21.33 -10.60
N LYS B 242 -9.09 -20.45 -11.17
CA LYS B 242 -7.71 -20.19 -10.67
C LYS B 242 -6.86 -21.46 -10.79
N VAL B 243 -7.11 -22.27 -11.80
CA VAL B 243 -6.32 -23.50 -12.01
C VAL B 243 -4.89 -23.09 -12.36
N ASP B 244 -4.72 -21.89 -12.97
CA ASP B 244 -3.38 -21.33 -13.29
C ASP B 244 -2.63 -20.98 -12.01
N LEU B 245 -3.25 -20.97 -10.84
CA LEU B 245 -2.53 -20.53 -9.60
C LEU B 245 -2.18 -21.73 -8.74
N MET B 246 -2.33 -22.95 -9.19
CA MET B 246 -2.12 -24.12 -8.32
C MET B 246 -0.62 -24.35 -8.05
N ASP B 247 -0.31 -24.85 -6.87
CA ASP B 247 1.02 -25.34 -6.48
C ASP B 247 1.54 -26.25 -7.61
N GLU B 248 2.77 -26.04 -8.06
CA GLU B 248 3.45 -26.79 -9.16
C GLU B 248 3.28 -28.31 -8.91
N GLY B 249 2.82 -29.04 -9.91
CA GLY B 249 2.64 -30.51 -9.85
C GLY B 249 1.31 -30.92 -9.20
N THR B 250 0.44 -29.99 -8.81
CA THR B 250 -0.93 -30.32 -8.35
C THR B 250 -1.87 -30.10 -9.53
N ASP B 251 -3.00 -30.77 -9.50
CA ASP B 251 -4.00 -30.63 -10.57
C ASP B 251 -5.36 -31.01 -9.99
N VAL B 252 -6.43 -30.84 -10.76
CA VAL B 252 -7.79 -31.13 -10.27
C VAL B 252 -8.30 -32.43 -10.90
N VAL B 253 -7.42 -33.27 -11.47
CA VAL B 253 -7.84 -34.49 -12.22
C VAL B 253 -8.69 -35.38 -11.32
N ASP B 254 -8.30 -35.60 -10.08
CA ASP B 254 -9.09 -36.48 -9.15
C ASP B 254 -10.51 -35.93 -8.98
N ILE B 255 -10.66 -34.61 -8.99
CA ILE B 255 -12.03 -34.02 -8.85
C ILE B 255 -12.77 -34.20 -10.18
N LEU B 256 -12.11 -34.01 -11.31
CA LEU B 256 -12.79 -34.15 -12.63
C LEU B 256 -13.19 -35.61 -12.84
N ALA B 257 -12.42 -36.54 -12.31
CA ALA B 257 -12.67 -38.00 -12.46
C ALA B 257 -13.81 -38.46 -11.54
N GLY B 258 -14.36 -37.58 -10.68
CA GLY B 258 -15.54 -37.90 -9.83
C GLY B 258 -15.15 -38.54 -8.50
N ARG B 259 -13.89 -38.51 -8.10
CA ARG B 259 -13.38 -39.28 -6.94
C ARG B 259 -13.46 -38.45 -5.66
N ILE B 260 -13.97 -37.24 -5.72
CA ILE B 260 -13.96 -36.26 -4.59
C ILE B 260 -15.26 -35.48 -4.72
N ILE B 261 -16.09 -35.57 -3.69
CA ILE B 261 -17.44 -34.96 -3.63
C ILE B 261 -18.05 -35.00 -5.03
N PRO B 262 -18.52 -36.18 -5.47
CA PRO B 262 -19.08 -36.32 -6.82
C PRO B 262 -20.39 -35.54 -6.98
N LEU B 263 -20.59 -35.01 -8.17
CA LEU B 263 -21.80 -34.27 -8.59
C LEU B 263 -22.32 -34.95 -9.85
N ARG B 264 -23.63 -35.14 -9.97
CA ARG B 264 -24.27 -35.68 -11.19
C ARG B 264 -23.73 -34.88 -12.39
N LEU B 265 -23.75 -33.56 -12.33
CA LEU B 265 -23.43 -32.68 -13.49
C LEU B 265 -21.94 -32.39 -13.54
N GLY B 266 -21.16 -32.89 -12.60
CA GLY B 266 -19.69 -32.80 -12.68
C GLY B 266 -19.14 -31.39 -12.48
N TYR B 267 -17.84 -31.29 -12.72
CA TYR B 267 -16.98 -30.13 -12.44
C TYR B 267 -16.39 -29.66 -13.76
N VAL B 268 -16.15 -28.38 -13.89
CA VAL B 268 -15.46 -27.75 -15.03
C VAL B 268 -14.34 -26.86 -14.47
N PRO B 269 -13.09 -27.12 -14.84
CA PRO B 269 -11.98 -26.23 -14.50
C PRO B 269 -11.98 -25.06 -15.49
N VAL B 270 -11.70 -23.87 -14.99
CA VAL B 270 -11.56 -22.67 -15.86
C VAL B 270 -10.35 -21.85 -15.44
N VAL B 271 -9.90 -21.00 -16.34
CA VAL B 271 -8.86 -19.96 -16.07
C VAL B 271 -9.41 -18.65 -16.66
N ASN B 272 -9.78 -17.74 -15.79
CA ASN B 272 -10.22 -16.33 -16.02
C ASN B 272 -9.00 -15.40 -15.97
N ARG B 273 -9.19 -14.14 -16.31
CA ARG B 273 -8.18 -13.06 -16.23
C ARG B 273 -7.77 -12.84 -14.76
N GLY B 274 -6.46 -12.80 -14.53
CA GLY B 274 -5.84 -12.40 -13.27
C GLY B 274 -5.91 -10.89 -13.12
N GLN B 275 -5.49 -10.35 -11.97
CA GLN B 275 -5.66 -8.93 -11.66
C GLN B 275 -4.82 -8.11 -12.65
N ARG B 276 -3.65 -8.60 -13.06
CA ARG B 276 -2.77 -7.93 -14.04
C ARG B 276 -3.48 -7.81 -15.39
N ASP B 277 -4.10 -8.89 -15.88
CA ASP B 277 -4.98 -8.85 -17.06
C ASP B 277 -6.04 -7.76 -16.87
N ILE B 278 -6.70 -7.70 -15.74
CA ILE B 278 -7.78 -6.67 -15.52
C ILE B 278 -7.18 -5.26 -15.58
N ASP B 279 -6.11 -4.99 -14.85
CA ASP B 279 -5.37 -3.70 -14.86
C ASP B 279 -4.97 -3.31 -16.29
N ASN B 280 -4.54 -4.26 -17.14
CA ASN B 280 -4.12 -4.06 -18.55
C ASN B 280 -5.34 -4.09 -19.49
N LYS B 281 -6.55 -4.14 -18.95
CA LYS B 281 -7.82 -4.19 -19.71
C LYS B 281 -7.76 -5.21 -20.84
N LYS B 282 -7.29 -6.42 -20.56
CA LYS B 282 -7.24 -7.50 -21.57
C LYS B 282 -8.66 -7.91 -21.97
N PRO B 283 -8.98 -7.97 -23.27
CA PRO B 283 -10.32 -8.32 -23.72
C PRO B 283 -10.69 -9.82 -23.56
N ILE B 284 -11.99 -10.07 -23.51
CA ILE B 284 -12.57 -11.41 -23.22
C ILE B 284 -12.06 -12.41 -24.25
N THR B 285 -11.94 -12.04 -25.52
CA THR B 285 -11.58 -12.99 -26.60
C THR B 285 -10.17 -13.51 -26.39
N ALA B 286 -9.23 -12.62 -26.07
CA ALA B 286 -7.83 -12.99 -25.80
C ALA B 286 -7.78 -13.82 -24.52
N ALA B 287 -8.62 -13.53 -23.53
CA ALA B 287 -8.65 -14.33 -22.27
C ALA B 287 -9.16 -15.75 -22.57
N LEU B 288 -10.18 -15.93 -23.40
CA LEU B 288 -10.68 -17.29 -23.82
C LEU B 288 -9.60 -18.04 -24.59
N GLU B 289 -8.83 -17.38 -25.44
CA GLU B 289 -7.70 -18.01 -26.19
C GLU B 289 -6.59 -18.37 -25.21
N ALA B 290 -6.27 -17.54 -24.21
CA ALA B 290 -5.23 -17.86 -23.18
C ALA B 290 -5.65 -19.11 -22.41
N GLU B 291 -6.94 -19.21 -22.05
CA GLU B 291 -7.52 -20.36 -21.32
C GLU B 291 -7.35 -21.63 -22.17
N LYS B 292 -7.69 -21.58 -23.46
CA LYS B 292 -7.60 -22.76 -24.34
C LYS B 292 -6.14 -23.23 -24.43
N ALA B 293 -5.20 -22.31 -24.59
CA ALA B 293 -3.75 -22.62 -24.68
C ALA B 293 -3.27 -23.22 -23.33
N PHE B 294 -3.68 -22.65 -22.22
CA PHE B 294 -3.27 -23.19 -20.90
C PHE B 294 -3.67 -24.69 -20.84
N PHE B 295 -4.92 -25.03 -21.15
CA PHE B 295 -5.42 -26.41 -21.01
C PHE B 295 -4.83 -27.34 -22.10
N GLU B 296 -4.66 -26.86 -23.34
CA GLU B 296 -4.04 -27.66 -24.42
C GLU B 296 -2.55 -27.94 -24.12
N ASN B 297 -1.90 -27.14 -23.32
CA ASN B 297 -0.42 -27.21 -23.13
C ASN B 297 -0.06 -27.80 -21.76
N HIS B 298 -1.01 -28.02 -20.85
CA HIS B 298 -0.71 -28.48 -19.46
C HIS B 298 -0.56 -30.00 -19.44
N LYS B 299 0.47 -30.51 -18.79
CA LYS B 299 0.73 -31.96 -18.58
C LYS B 299 -0.59 -32.67 -18.30
N ALA B 300 -1.37 -32.19 -17.35
CA ALA B 300 -2.50 -32.92 -16.74
C ALA B 300 -3.77 -32.79 -17.57
N TYR B 301 -3.89 -31.76 -18.42
CA TYR B 301 -5.20 -31.41 -19.05
C TYR B 301 -5.13 -31.61 -20.57
N ARG B 302 -3.94 -31.81 -21.14
CA ARG B 302 -3.73 -31.88 -22.62
C ARG B 302 -4.65 -32.93 -23.26
N ASN B 303 -4.75 -34.13 -22.70
CA ASN B 303 -5.56 -35.22 -23.31
C ASN B 303 -7.05 -35.01 -22.99
N LYS B 304 -7.40 -34.09 -22.09
CA LYS B 304 -8.81 -33.90 -21.64
C LYS B 304 -9.26 -32.47 -21.86
N SER B 305 -8.62 -31.75 -22.76
CA SER B 305 -8.85 -30.28 -22.91
C SER B 305 -10.27 -29.97 -23.37
N ALA B 306 -10.99 -30.88 -23.99
CA ALA B 306 -12.41 -30.65 -24.40
C ALA B 306 -13.35 -30.58 -23.19
N TYR B 307 -12.94 -31.14 -22.06
CA TYR B 307 -13.68 -31.13 -20.77
C TYR B 307 -13.19 -29.97 -19.92
N CYS B 308 -12.49 -29.00 -20.49
CA CYS B 308 -11.87 -27.89 -19.72
C CYS B 308 -12.36 -26.55 -20.28
N GLY B 309 -12.58 -25.58 -19.42
CA GLY B 309 -12.69 -24.18 -19.87
C GLY B 309 -14.12 -23.72 -19.95
N THR B 310 -14.27 -22.43 -20.18
CA THR B 310 -15.57 -21.77 -20.33
C THR B 310 -16.39 -22.51 -21.39
N PRO B 311 -15.83 -22.90 -22.55
CA PRO B 311 -16.64 -23.55 -23.59
C PRO B 311 -17.28 -24.85 -23.10
N TYR B 312 -16.63 -25.59 -22.23
CA TYR B 312 -17.24 -26.84 -21.75
C TYR B 312 -18.36 -26.49 -20.74
N LEU B 313 -18.15 -25.47 -19.89
CA LEU B 313 -19.23 -25.02 -18.97
C LEU B 313 -20.46 -24.58 -19.79
N ALA B 314 -20.25 -23.80 -20.85
CA ALA B 314 -21.30 -23.30 -21.75
C ALA B 314 -22.05 -24.48 -22.38
N ARG B 315 -21.35 -25.54 -22.78
CA ARG B 315 -21.91 -26.73 -23.43
C ARG B 315 -22.76 -27.47 -22.40
N LYS B 316 -22.25 -27.71 -21.19
CA LYS B 316 -23.08 -28.32 -20.11
C LYS B 316 -24.39 -27.56 -19.98
N LEU B 317 -24.36 -26.25 -19.95
CA LEU B 317 -25.58 -25.43 -19.72
C LEU B 317 -26.49 -25.54 -20.95
N ASN B 318 -25.89 -25.47 -22.15
CA ASN B 318 -26.63 -25.64 -23.42
C ASN B 318 -27.39 -26.97 -23.38
N LEU B 319 -26.76 -28.06 -22.96
CA LEU B 319 -27.34 -29.43 -23.01
C LEU B 319 -28.46 -29.52 -21.98
N ILE B 320 -28.30 -28.96 -20.79
CA ILE B 320 -29.37 -29.00 -19.75
C ILE B 320 -30.61 -28.29 -20.30
N LEU B 321 -30.41 -27.10 -20.85
CA LEU B 321 -31.48 -26.30 -21.46
C LEU B 321 -32.14 -27.11 -22.60
N MET B 322 -31.34 -27.78 -23.42
CA MET B 322 -31.88 -28.63 -24.50
C MET B 322 -32.70 -29.76 -23.87
N MET B 323 -32.22 -30.41 -22.82
CA MET B 323 -32.97 -31.53 -22.19
C MET B 323 -34.29 -30.97 -21.70
N HIS B 324 -34.33 -29.76 -21.12
CA HIS B 324 -35.60 -29.23 -20.55
C HIS B 324 -36.59 -29.02 -21.70
N ILE B 325 -36.16 -28.44 -22.82
CA ILE B 325 -37.06 -28.17 -23.97
C ILE B 325 -37.59 -29.48 -24.55
N LYS B 326 -36.73 -30.43 -24.88
CA LYS B 326 -37.14 -31.74 -25.47
C LYS B 326 -38.02 -32.54 -24.49
N GLN B 327 -37.75 -32.47 -23.19
CA GLN B 327 -38.53 -33.15 -22.12
C GLN B 327 -40.05 -32.81 -22.27
N THR B 328 -40.40 -31.62 -22.79
CA THR B 328 -41.80 -31.10 -22.80
C THR B 328 -42.59 -31.62 -24.02
N LEU B 329 -41.93 -32.13 -25.04
CA LEU B 329 -42.52 -32.32 -26.39
C LEU B 329 -43.56 -33.44 -26.42
N PRO B 330 -43.34 -34.59 -25.77
CA PRO B 330 -44.35 -35.66 -25.74
C PRO B 330 -45.71 -35.15 -25.27
N ASP B 331 -45.71 -34.51 -24.11
CA ASP B 331 -46.93 -33.89 -23.47
C ASP B 331 -47.56 -32.91 -24.46
N ILE B 332 -46.75 -32.12 -25.14
CA ILE B 332 -47.23 -31.11 -26.13
C ILE B 332 -47.86 -31.80 -27.33
N LYS B 333 -47.23 -32.84 -27.86
CA LYS B 333 -47.73 -33.54 -29.07
C LYS B 333 -49.12 -34.08 -28.79
N GLN B 334 -49.30 -34.59 -27.58
CA GLN B 334 -50.54 -35.17 -27.02
C GLN B 334 -51.63 -34.09 -26.99
N ARG B 335 -51.36 -32.94 -26.37
CA ARG B 335 -52.32 -31.78 -26.30
C ARG B 335 -52.68 -31.25 -27.70
N ILE B 336 -51.71 -31.16 -28.59
CA ILE B 336 -51.99 -30.70 -30.00
C ILE B 336 -52.93 -31.67 -30.70
N SER B 337 -52.68 -32.97 -30.66
CA SER B 337 -53.50 -33.90 -31.47
C SER B 337 -54.89 -34.02 -30.85
N SER B 338 -55.01 -33.96 -29.53
CA SER B 338 -56.32 -34.09 -28.84
C SER B 338 -57.16 -32.82 -29.07
N SER B 339 -56.54 -31.66 -29.19
CA SER B 339 -57.22 -30.43 -29.67
C SER B 339 -57.61 -30.57 -31.16
N LEU B 340 -56.74 -31.15 -31.97
CA LEU B 340 -57.01 -31.38 -33.42
C LEU B 340 -58.21 -32.32 -33.54
N GLN B 341 -58.23 -33.38 -32.74
CA GLN B 341 -59.33 -34.39 -32.75
C GLN B 341 -60.66 -33.71 -32.41
N LYS B 342 -60.64 -32.79 -31.46
CA LYS B 342 -61.84 -32.07 -30.96
C LYS B 342 -62.38 -31.17 -32.08
N TYR B 343 -61.54 -30.42 -32.76
CA TYR B 343 -61.97 -29.51 -33.86
C TYR B 343 -62.44 -30.35 -35.05
N GLN B 344 -61.84 -31.52 -35.27
CA GLN B 344 -62.23 -32.42 -36.39
C GLN B 344 -63.65 -32.95 -36.13
N GLN B 345 -63.95 -33.33 -34.89
CA GLN B 345 -65.28 -33.80 -34.44
C GLN B 345 -66.30 -32.66 -34.58
N GLU B 346 -65.96 -31.44 -34.16
CA GLU B 346 -66.86 -30.27 -34.33
C GLU B 346 -67.11 -30.05 -35.82
N LEU B 347 -66.09 -30.17 -36.65
CA LEU B 347 -66.15 -29.90 -38.11
C LEU B 347 -67.04 -30.92 -38.80
N GLU B 348 -67.06 -32.16 -38.31
CA GLU B 348 -67.83 -33.28 -38.91
C GLU B 348 -69.29 -33.10 -38.49
N ALA B 349 -69.54 -32.44 -37.34
CA ALA B 349 -70.87 -31.96 -36.92
C ALA B 349 -71.47 -31.05 -38.03
N LEU B 350 -70.69 -30.13 -38.60
CA LEU B 350 -71.10 -29.34 -39.81
C LEU B 350 -70.78 -30.14 -41.09
N GLY B 351 -71.71 -30.95 -41.61
CA GLY B 351 -71.45 -31.88 -42.74
C GLY B 351 -72.47 -31.77 -43.87
N SER B 363 -77.46 -20.29 -42.67
CA SER B 363 -76.93 -21.00 -43.86
C SER B 363 -75.70 -20.26 -44.40
N ASP B 364 -75.79 -18.94 -44.60
CA ASP B 364 -74.56 -18.11 -44.75
C ASP B 364 -73.70 -18.28 -43.47
N TYR B 365 -74.36 -18.38 -42.32
CA TYR B 365 -73.68 -18.68 -41.05
C TYR B 365 -72.96 -20.04 -41.15
N THR B 366 -73.70 -21.08 -41.52
CA THR B 366 -73.21 -22.49 -41.59
C THR B 366 -71.96 -22.54 -42.47
N VAL B 367 -71.95 -21.85 -43.61
CA VAL B 367 -70.81 -21.94 -44.57
C VAL B 367 -69.58 -21.26 -43.94
N ARG B 368 -69.75 -20.05 -43.39
CA ARG B 368 -68.66 -19.31 -42.68
C ARG B 368 -68.09 -20.18 -41.55
N ARG B 369 -68.96 -20.82 -40.76
CA ARG B 369 -68.59 -21.68 -39.61
C ARG B 369 -67.73 -22.89 -40.07
N ARG B 370 -68.12 -23.54 -41.17
CA ARG B 370 -67.40 -24.69 -41.78
C ARG B 370 -66.01 -24.22 -42.16
N LYS B 371 -65.88 -23.04 -42.77
CA LYS B 371 -64.56 -22.43 -43.15
C LYS B 371 -63.69 -22.17 -41.92
N GLU B 372 -64.23 -21.49 -40.91
CA GLU B 372 -63.45 -21.18 -39.67
C GLU B 372 -62.95 -22.49 -39.06
N CYS B 373 -63.81 -23.51 -38.90
CA CYS B 373 -63.42 -24.81 -38.30
C CYS B 373 -62.31 -25.48 -39.14
N GLN B 374 -62.41 -25.37 -40.46
CA GLN B 374 -61.44 -25.93 -41.45
C GLN B 374 -60.09 -25.22 -41.25
N GLN B 375 -60.08 -23.88 -41.21
CA GLN B 375 -58.85 -23.07 -40.97
C GLN B 375 -58.22 -23.51 -39.65
N MET B 376 -59.05 -23.80 -38.65
CA MET B 376 -58.56 -24.20 -37.32
C MET B 376 -57.87 -25.57 -37.43
N VAL B 377 -58.54 -26.55 -38.04
CA VAL B 377 -57.97 -27.93 -38.23
C VAL B 377 -56.59 -27.81 -38.90
N GLU B 378 -56.47 -26.97 -39.94
CA GLU B 378 -55.21 -26.84 -40.72
C GLU B 378 -54.10 -26.33 -39.82
N SER B 379 -54.37 -25.31 -38.99
CA SER B 379 -53.39 -24.80 -38.00
C SER B 379 -52.84 -25.91 -37.14
N LEU B 380 -53.74 -26.70 -36.57
CA LEU B 380 -53.29 -27.76 -35.61
C LEU B 380 -52.53 -28.86 -36.33
N GLN B 381 -52.93 -29.20 -37.56
CA GLN B 381 -52.14 -30.13 -38.46
C GLN B 381 -50.74 -29.55 -38.58
N ARG B 382 -50.68 -28.30 -39.04
CA ARG B 382 -49.41 -27.59 -39.33
C ARG B 382 -48.56 -27.59 -38.08
N ALA B 383 -49.16 -27.24 -36.93
CA ALA B 383 -48.48 -27.21 -35.62
C ALA B 383 -47.92 -28.60 -35.31
N ALA B 384 -48.72 -29.64 -35.45
CA ALA B 384 -48.33 -31.04 -35.15
C ALA B 384 -47.13 -31.42 -36.01
N GLU B 385 -47.14 -30.99 -37.28
CA GLU B 385 -46.00 -31.25 -38.21
C GLU B 385 -44.73 -30.61 -37.66
N ILE B 386 -44.78 -29.32 -37.35
CA ILE B 386 -43.59 -28.52 -36.93
C ILE B 386 -42.99 -29.17 -35.68
N VAL B 387 -43.83 -29.66 -34.76
CA VAL B 387 -43.33 -30.21 -33.47
C VAL B 387 -42.68 -31.57 -33.70
N SER B 388 -43.21 -32.39 -34.62
CA SER B 388 -42.68 -33.75 -34.94
C SER B 388 -41.24 -33.64 -35.46
N GLN B 389 -40.94 -32.68 -36.34
CA GLN B 389 -39.56 -32.45 -36.85
C GLN B 389 -38.54 -32.49 -35.71
N VAL B 390 -38.73 -31.70 -34.67
CA VAL B 390 -37.74 -31.57 -33.56
C VAL B 390 -37.23 -32.93 -33.06
N LEU C 12 -16.36 33.03 -15.84
CA LEU C 12 -14.86 33.17 -15.60
C LEU C 12 -14.45 34.65 -15.51
N ALA C 13 -15.40 35.58 -15.61
CA ALA C 13 -15.17 37.01 -15.27
C ALA C 13 -14.83 37.07 -13.78
N GLN C 14 -13.73 37.74 -13.47
CA GLN C 14 -13.24 37.95 -12.09
C GLN C 14 -12.59 39.32 -12.06
N PRO C 15 -13.22 40.32 -11.41
CA PRO C 15 -12.60 41.62 -11.19
C PRO C 15 -11.20 41.44 -10.59
N GLY C 16 -10.28 42.34 -10.91
CA GLY C 16 -8.96 42.42 -10.25
C GLY C 16 -7.93 41.50 -10.87
N GLY C 17 -8.33 40.44 -11.60
CA GLY C 17 -7.49 39.35 -12.09
C GLY C 17 -7.14 39.45 -13.56
N ILE C 18 -6.79 38.31 -14.17
CA ILE C 18 -6.40 38.26 -15.60
C ILE C 18 -7.66 38.36 -16.47
N SER C 19 -8.84 38.15 -15.88
CA SER C 19 -10.15 38.22 -16.58
C SER C 19 -11.00 39.32 -15.97
N ASP C 20 -10.35 40.41 -15.59
CA ASP C 20 -10.98 41.66 -15.13
C ASP C 20 -11.76 42.23 -16.32
N PRO C 21 -13.08 42.47 -16.21
CA PRO C 21 -13.85 43.06 -17.32
C PRO C 21 -13.24 44.32 -17.96
N ASN C 22 -12.63 45.19 -17.17
CA ASN C 22 -12.01 46.47 -17.65
C ASN C 22 -10.78 46.18 -18.52
N LEU C 23 -10.02 45.16 -18.18
CA LEU C 23 -8.85 44.73 -18.96
C LEU C 23 -9.37 44.18 -20.30
N ILE C 24 -10.44 43.38 -20.30
CA ILE C 24 -11.08 42.86 -21.55
C ILE C 24 -11.57 44.06 -22.38
N LYS C 25 -12.27 45.01 -21.77
CA LYS C 25 -12.85 46.15 -22.52
C LYS C 25 -11.68 46.91 -23.17
N LEU C 26 -10.61 47.17 -22.43
CA LEU C 26 -9.41 47.92 -22.90
C LEU C 26 -8.78 47.27 -24.16
N VAL C 27 -8.60 45.97 -24.14
CA VAL C 27 -7.97 45.21 -25.26
C VAL C 27 -8.87 45.25 -26.49
N ASN C 28 -10.19 45.10 -26.34
CA ASN C 28 -11.18 45.21 -27.46
C ASN C 28 -11.14 46.60 -28.08
N LYS C 29 -11.06 47.65 -27.27
CA LYS C 29 -11.00 49.07 -27.70
C LYS C 29 -9.71 49.28 -28.52
N LEU C 30 -8.58 48.79 -28.04
CA LEU C 30 -7.28 48.95 -28.75
C LEU C 30 -7.28 48.14 -30.06
N GLN C 31 -7.86 46.94 -30.05
CA GLN C 31 -7.96 46.08 -31.27
C GLN C 31 -8.82 46.82 -32.30
N ASP C 32 -9.86 47.53 -31.88
CA ASP C 32 -10.75 48.29 -32.81
C ASP C 32 -9.93 49.43 -33.42
N VAL C 33 -9.15 50.15 -32.63
CA VAL C 33 -8.21 51.19 -33.10
C VAL C 33 -7.25 50.61 -34.15
N PHE C 34 -6.52 49.54 -33.80
CA PHE C 34 -5.45 48.95 -34.66
C PHE C 34 -6.03 48.58 -36.03
N THR C 35 -7.20 47.95 -36.06
CA THR C 35 -7.83 47.47 -37.32
C THR C 35 -8.31 48.68 -38.15
N THR C 36 -8.78 49.81 -37.58
CA THR C 36 -9.05 51.03 -38.42
C THR C 36 -7.73 51.62 -38.93
N VAL C 37 -6.61 51.43 -38.24
CA VAL C 37 -5.27 51.91 -38.66
C VAL C 37 -4.51 50.88 -39.52
N GLY C 38 -5.06 49.69 -39.72
CA GLY C 38 -4.53 48.64 -40.59
C GLY C 38 -3.40 47.83 -39.97
N VAL C 39 -3.52 47.47 -38.70
CA VAL C 39 -2.76 46.35 -38.06
C VAL C 39 -3.82 45.35 -37.64
N ASN C 40 -4.08 44.32 -38.46
CA ASN C 40 -5.17 43.34 -38.20
C ASN C 40 -4.81 42.63 -36.90
N ASN C 41 -3.50 42.46 -36.62
CA ASN C 41 -2.96 41.56 -35.58
C ASN C 41 -3.03 42.22 -34.19
N PRO C 42 -2.96 41.39 -33.12
CA PRO C 42 -3.22 41.87 -31.77
C PRO C 42 -1.96 42.39 -31.04
N ILE C 43 -2.04 42.29 -29.71
CA ILE C 43 -1.03 42.67 -28.68
C ILE C 43 -0.25 41.37 -28.43
N ASP C 44 0.93 41.40 -27.79
CA ASP C 44 1.72 40.18 -27.50
C ASP C 44 1.78 39.89 -25.99
N LEU C 45 0.71 39.29 -25.47
CA LEU C 45 0.56 38.99 -24.03
C LEU C 45 1.51 37.87 -23.65
N PRO C 46 2.24 37.98 -22.53
CA PRO C 46 3.12 36.90 -22.09
C PRO C 46 2.31 35.66 -21.76
N GLN C 47 2.92 34.48 -21.93
CA GLN C 47 2.41 33.23 -21.34
C GLN C 47 2.59 33.35 -19.82
N ILE C 48 1.77 32.62 -19.07
CA ILE C 48 1.94 32.45 -17.60
C ILE C 48 2.29 30.99 -17.35
N VAL C 49 3.46 30.73 -16.78
CA VAL C 49 3.99 29.37 -16.55
C VAL C 49 4.24 29.17 -15.06
N VAL C 50 3.65 28.10 -14.49
CA VAL C 50 3.94 27.67 -13.10
C VAL C 50 5.03 26.61 -13.13
N VAL C 51 5.96 26.77 -12.19
CA VAL C 51 7.19 25.96 -12.11
C VAL C 51 7.44 25.73 -10.63
N GLY C 52 7.89 24.55 -10.27
CA GLY C 52 8.21 24.25 -8.87
C GLY C 52 8.56 22.81 -8.66
N SER C 53 9.00 22.52 -7.44
CA SER C 53 9.14 21.15 -6.94
C SER C 53 7.82 20.39 -7.10
N GLN C 54 7.90 19.08 -7.27
CA GLN C 54 6.72 18.20 -7.35
C GLN C 54 6.04 18.37 -5.99
N SER C 55 4.71 18.53 -6.00
CA SER C 55 3.77 18.64 -4.86
C SER C 55 3.91 19.99 -4.15
N SER C 56 4.50 21.02 -4.77
CA SER C 56 4.54 22.42 -4.27
C SER C 56 3.15 23.07 -4.35
N GLY C 57 2.23 22.55 -5.15
CA GLY C 57 0.88 23.12 -5.25
C GLY C 57 0.67 23.92 -6.49
N ALA C 58 1.45 23.63 -7.54
CA ALA C 58 1.48 24.35 -8.82
C ALA C 58 0.11 24.27 -9.50
N SER C 59 -0.44 23.06 -9.67
CA SER C 59 -1.69 22.87 -10.43
C SER C 59 -2.77 23.72 -9.73
N SER C 60 -2.82 23.75 -8.39
CA SER C 60 -3.84 24.51 -7.65
C SER C 60 -3.65 26.01 -7.89
N VAL C 61 -2.41 26.48 -7.88
CA VAL C 61 -2.20 27.92 -8.13
C VAL C 61 -2.70 28.31 -9.52
N LEU C 62 -2.42 27.51 -10.54
CA LEU C 62 -2.84 27.81 -11.93
C LEU C 62 -4.37 27.82 -12.01
N GLU C 63 -5.02 26.81 -11.46
CA GLU C 63 -6.51 26.70 -11.40
C GLU C 63 -7.11 27.97 -10.79
N ASN C 64 -6.56 28.48 -9.71
CA ASN C 64 -7.07 29.68 -9.02
C ASN C 64 -6.98 30.90 -9.92
N ILE C 65 -5.96 31.00 -10.75
CA ILE C 65 -5.84 32.17 -11.68
C ILE C 65 -6.93 32.11 -12.75
N VAL C 66 -7.27 30.92 -13.23
CA VAL C 66 -8.38 30.74 -14.20
C VAL C 66 -9.74 30.97 -13.52
N GLY C 67 -9.92 30.51 -12.27
CA GLY C 67 -11.12 30.81 -11.46
C GLY C 67 -12.18 29.72 -11.48
N ARG C 68 -12.00 28.63 -12.23
CA ARG C 68 -12.91 27.45 -12.18
C ARG C 68 -12.04 26.21 -12.16
N ASP C 69 -12.50 25.16 -11.52
CA ASP C 69 -11.76 23.89 -11.32
C ASP C 69 -11.73 23.15 -12.66
N PHE C 70 -10.54 22.70 -13.07
CA PHE C 70 -10.39 21.77 -14.23
C PHE C 70 -9.06 21.01 -14.18
N LEU C 71 -8.11 21.28 -13.26
CA LEU C 71 -6.80 20.59 -13.31
C LEU C 71 -6.79 19.49 -12.27
N PRO C 72 -6.25 18.30 -12.62
CA PRO C 72 -6.08 17.26 -11.62
C PRO C 72 -5.13 17.78 -10.53
N ARG C 73 -5.57 17.55 -9.29
CA ARG C 73 -4.84 17.92 -8.06
C ARG C 73 -4.92 16.72 -7.12
N GLY C 74 -3.87 16.51 -6.35
CA GLY C 74 -3.88 15.53 -5.26
C GLY C 74 -2.49 15.12 -4.86
N GLN C 75 -2.43 13.98 -4.19
CA GLN C 75 -1.21 13.37 -3.63
C GLN C 75 -0.45 12.64 -4.73
N GLY C 76 0.82 12.35 -4.52
CA GLY C 76 1.69 11.63 -5.47
C GLY C 76 2.08 12.52 -6.63
N ILE C 77 2.48 11.91 -7.72
CA ILE C 77 2.89 12.57 -8.97
C ILE C 77 1.63 12.71 -9.80
N VAL C 78 1.14 13.92 -10.05
CA VAL C 78 -0.20 14.12 -10.66
C VAL C 78 -0.04 14.64 -12.07
N THR C 79 0.54 15.82 -12.25
CA THR C 79 0.80 16.40 -13.59
C THR C 79 2.05 15.69 -14.16
N ARG C 80 1.86 14.93 -15.23
CA ARG C 80 2.88 14.03 -15.83
C ARG C 80 3.07 14.37 -17.32
N ARG C 81 2.35 15.36 -17.82
CA ARG C 81 2.55 15.99 -19.14
C ARG C 81 2.26 17.48 -19.01
N PRO C 82 2.87 18.36 -19.84
CA PRO C 82 2.52 19.77 -19.87
C PRO C 82 1.05 19.94 -20.29
N LEU C 83 0.35 20.86 -19.62
CA LEU C 83 -1.02 21.30 -19.98
C LEU C 83 -0.88 22.75 -20.45
N VAL C 84 -0.98 22.92 -21.76
CA VAL C 84 -0.91 24.22 -22.47
C VAL C 84 -2.35 24.64 -22.70
N LEU C 85 -2.78 25.62 -21.93
CA LEU C 85 -4.16 26.15 -21.99
C LEU C 85 -4.14 27.45 -22.79
N GLN C 86 -4.90 27.52 -23.89
CA GLN C 86 -5.14 28.78 -24.63
C GLN C 86 -6.50 29.34 -24.22
N LEU C 87 -6.53 30.44 -23.50
CA LEU C 87 -7.79 31.17 -23.25
C LEU C 87 -8.10 31.99 -24.51
N ILE C 88 -9.31 31.87 -25.04
CA ILE C 88 -9.70 32.59 -26.28
C ILE C 88 -11.02 33.32 -26.03
N ASN C 89 -10.99 34.63 -26.21
CA ASN C 89 -12.15 35.54 -26.14
C ASN C 89 -13.11 35.24 -27.29
N ARG C 90 -14.38 34.92 -26.96
CA ARG C 90 -15.46 34.67 -27.95
C ARG C 90 -16.76 35.24 -27.38
N GLN C 91 -17.35 36.23 -28.06
CA GLN C 91 -18.69 36.78 -27.76
C GLN C 91 -19.74 35.74 -28.19
N SER C 92 -20.84 35.59 -27.43
CA SER C 92 -21.86 34.54 -27.62
C SER C 92 -22.86 34.92 -28.71
N SER C 93 -23.74 33.97 -29.07
CA SER C 93 -24.81 34.10 -30.11
C SER C 93 -26.05 34.80 -29.53
N LEU C 103 -26.29 20.66 -22.18
CA LEU C 103 -25.94 20.78 -20.74
C LEU C 103 -26.74 19.80 -19.89
N ALA C 104 -27.60 18.96 -20.50
CA ALA C 104 -28.56 18.06 -19.82
C ALA C 104 -27.94 17.46 -18.54
N ASP C 105 -26.81 16.77 -18.67
CA ASP C 105 -26.28 15.87 -17.61
C ASP C 105 -24.93 16.42 -17.13
N SER C 106 -24.82 17.76 -17.08
CA SER C 106 -23.68 18.49 -16.48
C SER C 106 -23.65 18.27 -14.96
N THR C 107 -22.46 18.08 -14.39
CA THR C 107 -22.20 18.04 -12.93
C THR C 107 -21.58 19.37 -12.50
N ASP C 108 -21.45 20.34 -13.42
CA ASP C 108 -20.76 21.62 -13.16
C ASP C 108 -21.81 22.72 -13.04
N LYS C 109 -22.01 23.20 -11.80
CA LYS C 109 -23.00 24.24 -11.42
C LYS C 109 -22.70 25.58 -12.12
N ALA C 110 -21.51 25.76 -12.71
CA ALA C 110 -21.14 27.01 -13.43
C ALA C 110 -21.30 26.83 -14.96
N ALA C 111 -21.70 25.65 -15.44
CA ALA C 111 -21.72 25.30 -16.88
C ALA C 111 -22.72 26.20 -17.61
N ASN C 112 -22.33 26.75 -18.76
CA ASN C 112 -23.13 27.73 -19.56
C ASN C 112 -22.67 27.70 -21.02
N LEU C 113 -23.55 28.04 -21.95
CA LEU C 113 -23.37 27.86 -23.42
C LEU C 113 -22.30 28.81 -23.96
N ASP C 114 -21.88 29.82 -23.19
CA ASP C 114 -20.89 30.83 -23.63
C ASP C 114 -19.45 30.36 -23.35
N GLU C 115 -19.25 29.31 -22.53
CA GLU C 115 -17.91 28.87 -22.06
C GLU C 115 -17.76 27.36 -22.20
N TRP C 116 -16.77 26.92 -22.99
CA TRP C 116 -16.44 25.48 -23.15
C TRP C 116 -14.95 25.28 -23.45
N GLY C 117 -14.49 24.05 -23.28
CA GLY C 117 -13.13 23.62 -23.64
C GLY C 117 -13.12 22.72 -24.85
N GLU C 118 -12.04 22.81 -25.65
CA GLU C 118 -11.74 21.89 -26.78
C GLU C 118 -10.29 21.47 -26.72
N PHE C 119 -10.06 20.17 -26.74
CA PHE C 119 -8.73 19.53 -26.79
C PHE C 119 -8.39 19.27 -28.25
N LEU C 120 -7.20 19.71 -28.67
CA LEU C 120 -6.63 19.41 -30.00
C LEU C 120 -6.76 17.92 -30.33
N HIS C 121 -6.52 17.02 -29.38
CA HIS C 121 -6.53 15.57 -29.64
C HIS C 121 -7.98 15.04 -29.76
N LEU C 122 -8.99 15.85 -29.44
CA LEU C 122 -10.44 15.49 -29.61
C LEU C 122 -11.14 16.55 -30.46
N PRO C 123 -10.83 16.63 -31.77
CA PRO C 123 -11.37 17.71 -32.61
C PRO C 123 -12.90 17.70 -32.66
N GLY C 124 -13.52 18.87 -32.45
CA GLY C 124 -14.97 19.09 -32.58
C GLY C 124 -15.77 18.76 -31.32
N GLN C 125 -15.17 18.11 -30.32
CA GLN C 125 -15.85 17.88 -29.01
C GLN C 125 -15.73 19.17 -28.19
N LYS C 126 -16.81 19.53 -27.51
CA LYS C 126 -16.94 20.70 -26.63
C LYS C 126 -17.23 20.21 -25.21
N PHE C 127 -16.53 20.77 -24.23
CA PHE C 127 -16.73 20.43 -22.80
C PHE C 127 -17.24 21.68 -22.11
N TYR C 128 -18.53 21.68 -21.80
CA TYR C 128 -19.19 22.78 -21.04
C TYR C 128 -18.95 22.51 -19.57
N ASP C 129 -18.80 21.23 -19.21
CA ASP C 129 -18.60 20.71 -17.84
C ASP C 129 -17.09 20.61 -17.57
N PHE C 130 -16.58 21.44 -16.66
CA PHE C 130 -15.12 21.57 -16.40
C PHE C 130 -14.63 20.35 -15.61
N ASN C 131 -15.52 19.64 -14.93
CA ASN C 131 -15.18 18.33 -14.33
C ASN C 131 -14.78 17.36 -15.45
N LYS C 132 -15.41 17.44 -16.62
CA LYS C 132 -15.13 16.49 -17.71
C LYS C 132 -13.79 16.87 -18.33
N ILE C 133 -13.48 18.17 -18.35
CA ILE C 133 -12.14 18.63 -18.79
C ILE C 133 -11.12 17.95 -17.89
N ARG C 134 -11.35 17.99 -16.58
CA ARG C 134 -10.42 17.41 -15.59
C ARG C 134 -10.23 15.93 -15.89
N ASP C 135 -11.34 15.20 -16.03
CA ASP C 135 -11.38 13.75 -16.31
C ASP C 135 -10.60 13.46 -17.60
N GLU C 136 -10.75 14.31 -18.63
CA GLU C 136 -10.05 14.05 -19.92
C GLU C 136 -8.55 14.23 -19.74
N ILE C 137 -8.11 15.20 -18.95
CA ILE C 137 -6.66 15.43 -18.71
C ILE C 137 -6.10 14.19 -18.01
N ASN C 138 -6.81 13.63 -17.03
CA ASN C 138 -6.41 12.37 -16.38
C ASN C 138 -6.29 11.24 -17.41
N ARG C 139 -7.28 11.08 -18.29
CA ARG C 139 -7.35 9.94 -19.25
C ARG C 139 -6.27 10.10 -20.32
N GLU C 140 -6.14 11.27 -20.91
CA GLU C 140 -5.10 11.56 -21.92
C GLU C 140 -3.69 11.43 -21.32
N THR C 141 -3.53 11.70 -20.03
CA THR C 141 -2.24 11.48 -19.33
C THR C 141 -1.96 9.97 -19.31
N GLU C 142 -2.92 9.17 -18.85
CA GLU C 142 -2.77 7.70 -18.74
C GLU C 142 -2.59 7.06 -20.13
N ALA C 143 -3.28 7.53 -21.15
CA ALA C 143 -3.19 6.99 -22.54
C ALA C 143 -1.72 6.99 -22.97
N LYS C 144 -0.96 8.05 -22.65
CA LYS C 144 0.41 8.25 -23.18
C LYS C 144 1.49 7.75 -22.21
N VAL C 145 1.28 7.82 -20.89
CA VAL C 145 2.38 7.56 -19.91
C VAL C 145 1.90 6.68 -18.76
N GLY C 146 0.72 6.07 -18.88
CA GLY C 146 0.31 4.96 -18.00
C GLY C 146 0.02 5.47 -16.60
N ARG C 147 0.03 4.56 -15.64
CA ARG C 147 -0.46 4.77 -14.26
C ARG C 147 0.63 4.43 -13.25
N ASN C 148 1.91 4.45 -13.62
CA ASN C 148 2.99 4.15 -12.64
C ASN C 148 4.06 5.25 -12.71
N ALA C 149 3.63 6.51 -12.80
CA ALA C 149 4.45 7.71 -12.56
C ALA C 149 5.27 8.11 -13.80
N GLY C 150 5.10 7.45 -14.95
CA GLY C 150 5.78 7.87 -16.17
C GLY C 150 5.49 9.32 -16.52
N ILE C 151 6.41 9.97 -17.21
CA ILE C 151 6.30 11.40 -17.58
C ILE C 151 6.71 11.60 -19.04
N SER C 152 6.02 12.48 -19.75
CA SER C 152 6.32 12.80 -21.16
C SER C 152 6.27 14.31 -21.35
N PRO C 153 7.15 14.85 -22.22
CA PRO C 153 7.08 16.27 -22.59
C PRO C 153 5.97 16.59 -23.60
N ALA C 154 5.29 15.58 -24.15
CA ALA C 154 4.24 15.79 -25.18
C ALA C 154 3.07 16.58 -24.55
N PRO C 155 2.79 17.82 -24.97
CA PRO C 155 1.77 18.62 -24.28
C PRO C 155 0.35 18.14 -24.53
N ILE C 156 -0.53 18.36 -23.57
CA ILE C 156 -2.00 18.29 -23.78
C ILE C 156 -2.42 19.71 -24.10
N ASN C 157 -3.02 19.93 -25.27
CA ASN C 157 -3.38 21.26 -25.80
C ASN C 157 -4.87 21.47 -25.58
N LEU C 158 -5.22 22.46 -24.76
CA LEU C 158 -6.62 22.72 -24.36
C LEU C 158 -6.88 24.19 -24.68
N ARG C 159 -8.02 24.48 -25.28
CA ARG C 159 -8.51 25.85 -25.55
C ARG C 159 -9.73 26.05 -24.67
N ILE C 160 -9.86 27.21 -24.04
CA ILE C 160 -11.15 27.56 -23.37
C ILE C 160 -11.65 28.86 -23.98
N TYR C 161 -12.90 28.79 -24.42
CA TYR C 161 -13.66 29.87 -25.10
C TYR C 161 -14.56 30.52 -24.07
N SER C 162 -14.55 31.85 -24.00
CA SER C 162 -15.40 32.63 -23.08
C SER C 162 -15.44 34.07 -23.54
N PRO C 163 -16.54 34.81 -23.29
CA PRO C 163 -16.58 36.24 -23.58
C PRO C 163 -15.73 37.04 -22.60
N HIS C 164 -15.29 36.42 -21.50
CA HIS C 164 -14.75 37.12 -20.29
C HIS C 164 -13.24 36.94 -20.14
N VAL C 165 -12.55 36.38 -21.13
CA VAL C 165 -11.09 36.07 -20.99
C VAL C 165 -10.31 36.81 -22.07
N LEU C 166 -9.03 37.03 -21.79
CA LEU C 166 -8.04 37.52 -22.77
C LEU C 166 -7.54 36.36 -23.62
N ASN C 167 -6.94 36.67 -24.76
CA ASN C 167 -6.17 35.69 -25.57
C ASN C 167 -4.83 35.46 -24.87
N LEU C 168 -4.71 34.38 -24.12
CA LEU C 168 -3.63 34.19 -23.12
C LEU C 168 -3.31 32.72 -23.03
N THR C 169 -2.03 32.38 -23.00
CA THR C 169 -1.55 31.00 -22.81
C THR C 169 -1.07 30.85 -21.35
N LEU C 170 -1.55 29.81 -20.67
CA LEU C 170 -1.07 29.37 -19.33
C LEU C 170 -0.57 27.94 -19.43
N VAL C 171 0.51 27.62 -18.72
CA VAL C 171 1.14 26.27 -18.76
C VAL C 171 1.23 25.71 -17.35
N ASP C 172 0.70 24.51 -17.13
CA ASP C 172 0.97 23.66 -15.94
C ASP C 172 2.02 22.64 -16.34
N LEU C 173 2.95 22.34 -15.44
CA LEU C 173 4.11 21.47 -15.73
C LEU C 173 4.31 20.48 -14.60
N PRO C 174 4.81 19.27 -14.92
CA PRO C 174 5.25 18.35 -13.88
C PRO C 174 6.24 19.10 -12.98
N GLY C 175 6.26 18.78 -11.69
CA GLY C 175 7.20 19.34 -10.73
C GLY C 175 8.57 18.73 -10.92
N LEU C 176 9.64 19.47 -10.60
CA LEU C 176 11.01 18.93 -10.52
C LEU C 176 11.15 18.02 -9.29
N THR C 177 11.72 16.85 -9.46
CA THR C 177 11.92 15.79 -8.47
C THR C 177 13.41 15.48 -8.38
N ARG C 178 13.81 14.72 -7.40
CA ARG C 178 15.22 14.33 -7.15
C ARG C 178 15.39 12.83 -7.34
N VAL C 179 14.38 12.00 -7.07
CA VAL C 179 14.47 10.51 -7.01
C VAL C 179 13.43 9.93 -7.96
N PRO C 180 13.85 9.13 -8.97
CA PRO C 180 12.94 8.38 -9.83
C PRO C 180 11.96 7.53 -9.02
N VAL C 181 10.68 7.50 -9.38
CA VAL C 181 9.75 6.51 -8.79
C VAL C 181 9.04 5.80 -9.94
N GLY C 182 8.44 4.65 -9.63
CA GLY C 182 7.64 3.84 -10.58
C GLY C 182 8.45 3.58 -11.83
N ASP C 183 7.93 3.93 -13.00
CA ASP C 183 8.51 3.63 -14.32
C ASP C 183 9.53 4.68 -14.71
N GLN C 184 9.83 5.64 -13.85
CA GLN C 184 10.66 6.78 -14.29
C GLN C 184 12.08 6.26 -14.50
N PRO C 185 12.78 6.77 -15.52
CA PRO C 185 14.20 6.46 -15.73
C PRO C 185 15.15 7.20 -14.77
N ARG C 186 16.39 6.70 -14.63
CA ARG C 186 17.45 7.27 -13.76
C ARG C 186 17.63 8.78 -14.00
N ASP C 187 17.47 9.29 -15.22
CA ASP C 187 17.76 10.72 -15.54
C ASP C 187 16.46 11.55 -15.58
N ILE C 188 15.42 11.14 -14.83
CA ILE C 188 14.11 11.84 -14.85
C ILE C 188 14.30 13.31 -14.44
N GLU C 189 15.20 13.60 -13.48
CA GLU C 189 15.40 15.00 -13.03
C GLU C 189 15.79 15.88 -14.22
N ARG C 190 16.79 15.48 -14.98
CA ARG C 190 17.25 16.27 -16.14
C ARG C 190 16.14 16.30 -17.20
N GLN C 191 15.35 15.24 -17.36
CA GLN C 191 14.30 15.28 -18.41
C GLN C 191 13.25 16.32 -18.04
N ILE C 192 12.87 16.38 -16.76
CA ILE C 192 11.82 17.35 -16.35
C ILE C 192 12.43 18.75 -16.40
N ARG C 193 13.66 18.90 -15.98
CA ARG C 193 14.37 20.20 -16.04
C ARG C 193 14.41 20.71 -17.49
N ASP C 194 14.71 19.85 -18.47
CA ASP C 194 14.80 20.26 -19.91
C ASP C 194 13.41 20.61 -20.42
N MET C 195 12.40 19.84 -20.06
CA MET C 195 10.98 20.12 -20.44
C MET C 195 10.56 21.49 -19.87
N ILE C 196 10.85 21.80 -18.62
CA ILE C 196 10.49 23.12 -18.01
C ILE C 196 11.21 24.30 -18.69
N LEU C 197 12.51 24.19 -18.94
CA LEU C 197 13.29 25.27 -19.61
C LEU C 197 12.67 25.63 -20.97
N LYS C 198 12.22 24.65 -21.72
CA LYS C 198 11.53 24.90 -23.01
C LYS C 198 10.51 26.03 -22.80
N TYR C 199 9.74 26.04 -21.70
CA TYR C 199 8.60 26.97 -21.58
C TYR C 199 9.03 28.31 -20.99
N ILE C 200 10.08 28.35 -20.18
CA ILE C 200 10.39 29.59 -19.42
C ILE C 200 11.60 30.33 -20.00
N GLN C 201 12.32 29.72 -20.94
CA GLN C 201 13.39 30.38 -21.74
C GLN C 201 12.81 31.57 -22.54
N LYS C 202 11.60 31.41 -23.07
CA LYS C 202 10.85 32.46 -23.79
C LYS C 202 10.91 33.74 -22.95
N PRO C 203 11.50 34.85 -23.45
CA PRO C 203 11.46 36.13 -22.75
C PRO C 203 10.03 36.66 -22.52
N ASN C 204 9.05 36.15 -23.27
CA ASN C 204 7.64 36.59 -23.15
C ASN C 204 6.89 35.63 -22.21
N ALA C 205 7.48 35.23 -21.08
CA ALA C 205 6.84 34.29 -20.13
C ALA C 205 6.97 34.82 -18.69
N ILE C 206 5.83 35.04 -18.03
CA ILE C 206 5.78 35.29 -16.57
C ILE C 206 5.95 33.94 -15.85
N ILE C 207 6.97 33.83 -15.03
CA ILE C 207 7.31 32.61 -14.27
C ILE C 207 6.71 32.77 -12.87
N LEU C 208 5.73 31.94 -12.55
CA LEU C 208 5.25 31.73 -11.17
C LEU C 208 6.08 30.61 -10.56
N ALA C 209 7.09 31.00 -9.80
CA ALA C 209 7.97 30.05 -9.08
C ALA C 209 7.27 29.66 -7.79
N VAL C 210 6.70 28.47 -7.76
CA VAL C 210 5.87 27.98 -6.62
C VAL C 210 6.76 27.18 -5.68
N THR C 211 6.72 27.53 -4.40
CA THR C 211 7.47 26.84 -3.36
C THR C 211 6.51 26.65 -2.18
N ALA C 212 6.49 25.47 -1.63
CA ALA C 212 5.78 25.16 -0.37
C ALA C 212 6.49 25.97 0.72
N ALA C 213 5.76 26.69 1.55
CA ALA C 213 6.28 27.49 2.69
C ALA C 213 6.86 26.57 3.77
N ASN C 214 6.52 25.29 3.75
CA ASN C 214 6.91 24.31 4.80
C ASN C 214 8.20 23.64 4.33
N VAL C 215 8.94 24.19 3.36
CA VAL C 215 10.38 23.84 3.11
C VAL C 215 11.18 25.14 3.07
N ASP C 216 12.48 25.08 3.35
CA ASP C 216 13.39 26.24 3.27
C ASP C 216 13.35 26.71 1.81
N LEU C 217 13.26 28.00 1.63
CA LEU C 217 13.18 28.63 0.30
C LEU C 217 14.41 28.23 -0.53
N ALA C 218 15.57 28.02 0.06
CA ALA C 218 16.85 27.74 -0.63
C ALA C 218 16.78 26.35 -1.28
N ASN C 219 15.76 25.55 -0.98
CA ASN C 219 15.51 24.24 -1.63
C ASN C 219 14.57 24.39 -2.83
N SER C 220 14.11 25.59 -3.15
CA SER C 220 13.10 25.83 -4.19
C SER C 220 13.69 25.57 -5.57
N ASP C 221 13.17 24.57 -6.25
CA ASP C 221 13.50 24.27 -7.67
C ASP C 221 12.90 25.33 -8.56
N GLY C 222 11.69 25.76 -8.23
CA GLY C 222 11.04 26.92 -8.85
C GLY C 222 11.98 28.12 -8.92
N LEU C 223 12.59 28.50 -7.81
CA LEU C 223 13.42 29.71 -7.76
C LEU C 223 14.75 29.44 -8.46
N LYS C 224 15.32 28.25 -8.30
CA LYS C 224 16.60 27.93 -8.97
C LYS C 224 16.45 28.08 -10.49
N LEU C 225 15.40 27.50 -11.04
CA LEU C 225 15.21 27.51 -12.50
C LEU C 225 14.85 28.89 -12.97
N ALA C 226 13.95 29.57 -12.26
CA ALA C 226 13.59 30.97 -12.60
C ALA C 226 14.86 31.82 -12.65
N ARG C 227 15.81 31.62 -11.73
CA ARG C 227 17.01 32.49 -11.69
C ARG C 227 17.97 32.17 -12.84
N GLU C 228 18.00 30.93 -13.32
CA GLU C 228 18.78 30.55 -14.51
C GLU C 228 18.34 31.31 -15.76
N VAL C 229 17.05 31.57 -15.97
CA VAL C 229 16.59 32.21 -17.24
C VAL C 229 16.24 33.69 -16.98
N ASP C 230 16.00 34.09 -15.74
CA ASP C 230 15.57 35.45 -15.37
C ASP C 230 16.39 35.89 -14.16
N PRO C 231 17.73 35.92 -14.27
CA PRO C 231 18.59 36.25 -13.11
C PRO C 231 18.26 37.60 -12.47
N GLU C 232 17.77 38.56 -13.24
CA GLU C 232 17.43 39.90 -12.71
C GLU C 232 16.03 39.88 -12.06
N GLY C 233 15.28 38.78 -12.16
CA GLY C 233 13.97 38.63 -11.48
C GLY C 233 12.94 39.63 -11.98
N GLN C 234 12.92 39.86 -13.28
CA GLN C 234 12.08 40.83 -14.03
C GLN C 234 10.76 40.23 -14.49
N ARG C 235 10.66 38.90 -14.59
CA ARG C 235 9.41 38.24 -15.01
C ARG C 235 9.13 37.05 -14.07
N THR C 236 9.54 37.13 -12.81
CA THR C 236 9.37 36.07 -11.82
C THR C 236 8.56 36.58 -10.62
N ILE C 237 7.46 35.91 -10.31
CA ILE C 237 6.72 36.09 -9.03
C ILE C 237 6.91 34.83 -8.20
N GLY C 238 7.37 34.95 -6.98
CA GLY C 238 7.48 33.82 -6.02
C GLY C 238 6.15 33.57 -5.36
N VAL C 239 5.65 32.34 -5.43
CA VAL C 239 4.37 31.98 -4.79
C VAL C 239 4.68 30.98 -3.69
N LEU C 240 4.24 31.27 -2.46
CA LEU C 240 4.49 30.47 -1.25
C LEU C 240 3.19 29.77 -0.87
N THR C 241 3.11 28.47 -1.12
CA THR C 241 1.87 27.71 -0.85
C THR C 241 1.95 27.13 0.56
N LYS C 242 0.87 26.58 1.06
CA LYS C 242 0.90 25.69 2.26
C LYS C 242 1.33 26.48 3.47
N VAL C 243 1.00 27.76 3.52
CA VAL C 243 1.32 28.63 4.69
C VAL C 243 0.55 28.10 5.90
N ASP C 244 -0.61 27.47 5.69
CA ASP C 244 -1.43 26.84 6.76
C ASP C 244 -0.72 25.63 7.32
N LEU C 245 0.37 25.12 6.72
CA LEU C 245 0.96 23.87 7.25
C LEU C 245 2.27 24.18 7.97
N MET C 246 2.58 25.42 8.27
CA MET C 246 3.91 25.73 8.86
C MET C 246 4.02 25.30 10.33
N ASP C 247 5.21 24.91 10.75
CA ASP C 247 5.56 24.66 12.17
C ASP C 247 5.02 25.85 12.99
N GLU C 248 4.32 25.57 14.07
CA GLU C 248 3.69 26.54 14.99
C GLU C 248 4.70 27.65 15.34
N GLY C 249 4.31 28.90 15.19
CA GLY C 249 5.17 30.05 15.53
C GLY C 249 6.09 30.49 14.40
N THR C 250 6.16 29.77 13.26
CA THR C 250 7.00 30.15 12.10
C THR C 250 6.09 30.84 11.07
N ASP C 251 6.66 31.64 10.18
CA ASP C 251 5.89 32.44 9.22
C ASP C 251 6.82 32.80 8.07
N VAL C 252 6.30 33.36 7.00
CA VAL C 252 7.11 33.71 5.81
C VAL C 252 7.38 35.22 5.75
N VAL C 253 7.22 35.95 6.88
CA VAL C 253 7.27 37.43 6.84
C VAL C 253 8.65 37.86 6.34
N ASP C 254 9.73 37.25 6.83
CA ASP C 254 11.12 37.56 6.41
C ASP C 254 11.24 37.43 4.88
N ILE C 255 10.57 36.44 4.28
CA ILE C 255 10.67 36.23 2.82
C ILE C 255 9.86 37.31 2.13
N LEU C 256 8.66 37.63 2.64
CA LEU C 256 7.81 38.65 1.96
C LEU C 256 8.48 40.01 2.06
N ALA C 257 9.22 40.27 3.15
CA ALA C 257 9.90 41.56 3.40
C ALA C 257 11.16 41.68 2.52
N GLY C 258 11.55 40.65 1.78
CA GLY C 258 12.62 40.74 0.77
C GLY C 258 13.96 40.32 1.34
N ARG C 259 13.99 39.75 2.54
CA ARG C 259 15.27 39.54 3.27
C ARG C 259 15.87 38.18 2.96
N ILE C 260 15.29 37.42 2.05
CA ILE C 260 15.71 36.05 1.69
C ILE C 260 15.37 35.88 0.21
N ILE C 261 16.37 35.54 -0.58
CA ILE C 261 16.27 35.45 -2.06
C ILE C 261 15.27 36.49 -2.56
N PRO C 262 15.67 37.77 -2.62
CA PRO C 262 14.76 38.83 -3.08
C PRO C 262 14.37 38.67 -4.55
N LEU C 263 13.15 39.02 -4.90
CA LEU C 263 12.69 39.10 -6.31
C LEU C 263 12.12 40.49 -6.55
N ARG C 264 12.41 41.12 -7.68
CA ARG C 264 11.87 42.47 -8.01
C ARG C 264 10.35 42.43 -7.79
N LEU C 265 9.67 41.42 -8.30
CA LEU C 265 8.18 41.40 -8.31
C LEU C 265 7.65 40.76 -7.02
N GLY C 266 8.52 40.28 -6.15
CA GLY C 266 8.10 39.88 -4.80
C GLY C 266 7.42 38.52 -4.76
N TYR C 267 6.93 38.20 -3.57
CA TYR C 267 6.33 36.89 -3.23
C TYR C 267 4.88 37.11 -2.83
N VAL C 268 4.05 36.13 -3.09
CA VAL C 268 2.64 36.12 -2.61
C VAL C 268 2.41 34.82 -1.87
N PRO C 269 2.09 34.88 -0.56
CA PRO C 269 1.67 33.70 0.18
C PRO C 269 0.23 33.35 -0.16
N VAL C 270 -0.03 32.05 -0.35
CA VAL C 270 -1.40 31.53 -0.60
C VAL C 270 -1.68 30.33 0.30
N VAL C 271 -2.97 30.07 0.49
CA VAL C 271 -3.51 28.85 1.14
C VAL C 271 -4.56 28.27 0.20
N ASN C 272 -4.24 27.15 -0.46
CA ASN C 272 -5.14 26.37 -1.34
C ASN C 272 -5.76 25.22 -0.52
N ARG C 273 -6.62 24.43 -1.13
CA ARG C 273 -7.34 23.29 -0.54
C ARG C 273 -6.32 22.20 -0.19
N GLY C 274 -6.38 21.70 1.04
CA GLY C 274 -5.69 20.48 1.48
C GLY C 274 -6.36 19.24 0.89
N GLN C 275 -5.76 18.07 1.05
CA GLN C 275 -6.27 16.83 0.41
C GLN C 275 -7.64 16.49 1.00
N ARG C 276 -7.92 16.82 2.26
CA ARG C 276 -9.25 16.59 2.86
C ARG C 276 -10.31 17.46 2.15
N ASP C 277 -10.05 18.73 1.96
CA ASP C 277 -10.89 19.63 1.13
C ASP C 277 -11.09 18.98 -0.27
N ILE C 278 -10.05 18.46 -0.90
CA ILE C 278 -10.22 17.85 -2.25
C ILE C 278 -11.13 16.61 -2.16
N ASP C 279 -10.88 15.68 -1.26
CA ASP C 279 -11.72 14.48 -1.02
C ASP C 279 -13.18 14.87 -0.73
N ASN C 280 -13.45 15.97 -0.01
CA ASN C 280 -14.80 16.50 0.33
C ASN C 280 -15.35 17.37 -0.79
N LYS C 281 -14.64 17.47 -1.92
CA LYS C 281 -15.01 18.32 -3.09
C LYS C 281 -15.45 19.72 -2.63
N LYS C 282 -14.67 20.36 -1.80
CA LYS C 282 -14.92 21.76 -1.38
C LYS C 282 -14.78 22.70 -2.60
N PRO C 283 -15.75 23.58 -2.84
CA PRO C 283 -15.70 24.47 -3.99
C PRO C 283 -14.70 25.64 -3.87
N ILE C 284 -14.31 26.17 -5.03
CA ILE C 284 -13.25 27.20 -5.14
C ILE C 284 -13.64 28.43 -4.31
N THR C 285 -14.92 28.80 -4.30
CA THR C 285 -15.38 30.04 -3.62
C THR C 285 -15.18 29.91 -2.10
N ALA C 286 -15.55 28.78 -1.52
CA ALA C 286 -15.38 28.51 -0.08
C ALA C 286 -13.88 28.43 0.22
N ALA C 287 -13.05 27.89 -0.69
CA ALA C 287 -11.59 27.83 -0.48
C ALA C 287 -11.02 29.26 -0.45
N LEU C 288 -11.44 30.15 -1.36
CA LEU C 288 -11.05 31.59 -1.35
C LEU C 288 -11.47 32.29 -0.05
N GLU C 289 -12.64 31.99 0.50
CA GLU C 289 -13.11 32.57 1.79
C GLU C 289 -12.29 32.02 2.95
N ALA C 290 -11.93 30.73 2.94
CA ALA C 290 -11.09 30.14 4.01
C ALA C 290 -9.69 30.80 3.99
N GLU C 291 -9.17 31.06 2.80
CA GLU C 291 -7.84 31.72 2.61
C GLU C 291 -7.90 33.13 3.19
N LYS C 292 -8.93 33.90 2.88
CA LYS C 292 -9.10 35.28 3.43
C LYS C 292 -9.09 35.24 4.95
N ALA C 293 -9.86 34.34 5.54
CA ALA C 293 -10.01 34.24 7.02
C ALA C 293 -8.67 33.83 7.64
N PHE C 294 -7.96 32.88 7.02
CA PHE C 294 -6.65 32.46 7.57
C PHE C 294 -5.76 33.70 7.72
N PHE C 295 -5.61 34.49 6.68
CA PHE C 295 -4.68 35.65 6.64
C PHE C 295 -5.18 36.79 7.53
N GLU C 296 -6.48 37.06 7.55
CA GLU C 296 -7.05 38.15 8.39
C GLU C 296 -6.96 37.79 9.88
N ASN C 297 -6.84 36.50 10.23
CA ASN C 297 -6.89 36.08 11.65
C ASN C 297 -5.50 35.68 12.17
N HIS C 298 -4.49 35.57 11.33
CA HIS C 298 -3.13 35.14 11.77
C HIS C 298 -2.35 36.35 12.30
N LYS C 299 -1.76 36.26 13.48
CA LYS C 299 -0.95 37.34 14.11
C LYS C 299 -0.01 37.95 13.07
N ALA C 300 0.69 37.15 12.28
CA ALA C 300 1.83 37.60 11.43
C ALA C 300 1.37 38.19 10.11
N TYR C 301 0.15 37.92 9.65
CA TYR C 301 -0.31 38.36 8.31
C TYR C 301 -1.44 39.40 8.45
N ARG C 302 -2.03 39.52 9.63
CA ARG C 302 -3.20 40.39 9.94
C ARG C 302 -2.98 41.81 9.40
N ASN C 303 -1.83 42.43 9.70
CA ASN C 303 -1.53 43.85 9.36
C ASN C 303 -1.31 43.99 7.85
N LYS C 304 -1.02 42.91 7.14
CA LYS C 304 -0.55 42.94 5.73
C LYS C 304 -1.50 42.12 4.85
N SER C 305 -2.72 41.84 5.29
CA SER C 305 -3.61 40.82 4.68
C SER C 305 -3.95 41.13 3.21
N ALA C 306 -3.92 42.40 2.78
CA ALA C 306 -4.22 42.78 1.38
C ALA C 306 -3.13 42.30 0.42
N TYR C 307 -1.93 42.05 0.92
CA TYR C 307 -0.77 41.55 0.15
C TYR C 307 -0.71 40.02 0.25
N CYS C 308 -1.77 39.36 0.70
CA CYS C 308 -1.81 37.90 0.93
C CYS C 308 -2.90 37.29 0.05
N GLY C 309 -2.65 36.13 -0.52
CA GLY C 309 -3.71 35.29 -1.07
C GLY C 309 -3.79 35.35 -2.57
N THR C 310 -4.60 34.47 -3.12
CA THR C 310 -4.84 34.30 -4.55
C THR C 310 -5.29 35.66 -5.14
N PRO C 311 -6.19 36.43 -4.51
CA PRO C 311 -6.61 37.70 -5.12
C PRO C 311 -5.44 38.68 -5.27
N TYR C 312 -4.45 38.66 -4.38
CA TYR C 312 -3.31 39.58 -4.55
C TYR C 312 -2.44 39.09 -5.72
N LEU C 313 -2.24 37.78 -5.85
CA LEU C 313 -1.48 37.23 -6.99
C LEU C 313 -2.19 37.62 -8.30
N ALA C 314 -3.51 37.49 -8.38
CA ALA C 314 -4.34 37.87 -9.55
C ALA C 314 -4.13 39.36 -9.87
N ARG C 315 -4.08 40.22 -8.87
CA ARG C 315 -3.88 41.68 -9.01
C ARG C 315 -2.47 41.94 -9.57
N LYS C 316 -1.43 41.32 -9.00
CA LYS C 316 -0.05 41.43 -9.53
C LYS C 316 -0.06 41.08 -11.02
N LEU C 317 -0.73 40.01 -11.41
CA LEU C 317 -0.73 39.56 -12.83
C LEU C 317 -1.51 40.55 -13.67
N ASN C 318 -2.64 41.04 -13.17
CA ASN C 318 -3.43 42.08 -13.85
C ASN C 318 -2.51 43.28 -14.17
N LEU C 319 -1.70 43.76 -13.22
CA LEU C 319 -0.80 44.94 -13.41
C LEU C 319 0.30 44.64 -14.44
N ILE C 320 0.88 43.47 -14.39
CA ILE C 320 1.95 43.12 -15.37
C ILE C 320 1.35 43.10 -16.77
N LEU C 321 0.21 42.46 -16.92
CA LEU C 321 -0.55 42.44 -18.20
C LEU C 321 -0.87 43.87 -18.64
N MET C 322 -1.27 44.74 -17.72
CA MET C 322 -1.52 46.16 -18.04
C MET C 322 -0.19 46.77 -18.52
N MET C 323 0.93 46.53 -17.85
CA MET C 323 2.25 47.08 -18.31
C MET C 323 2.51 46.58 -19.75
N HIS C 324 2.24 45.32 -20.08
CA HIS C 324 2.52 44.80 -21.45
C HIS C 324 1.65 45.53 -22.47
N ILE C 325 0.37 45.75 -22.19
CA ILE C 325 -0.56 46.46 -23.12
C ILE C 325 -0.10 47.91 -23.30
N LYS C 326 0.14 48.65 -22.22
CA LYS C 326 0.59 50.06 -22.28
C LYS C 326 1.97 50.17 -22.94
N GLN C 327 2.85 49.19 -22.77
CA GLN C 327 4.19 49.11 -23.43
C GLN C 327 4.08 49.31 -24.95
N THR C 328 2.94 48.96 -25.59
CA THR C 328 2.78 48.98 -27.06
C THR C 328 2.32 50.36 -27.58
N LEU C 329 1.84 51.24 -26.71
CA LEU C 329 1.13 52.48 -27.11
C LEU C 329 2.06 53.49 -27.78
N PRO C 330 3.29 53.73 -27.29
CA PRO C 330 4.20 54.70 -27.93
C PRO C 330 4.35 54.41 -29.42
N ASP C 331 4.70 53.16 -29.76
CA ASP C 331 4.86 52.66 -31.15
C ASP C 331 3.58 52.98 -31.93
N ILE C 332 2.41 52.75 -31.33
CA ILE C 332 1.10 52.98 -32.00
C ILE C 332 0.85 54.49 -32.19
N LYS C 333 1.14 55.32 -31.18
CA LYS C 333 0.93 56.79 -31.26
C LYS C 333 1.76 57.33 -32.44
N GLN C 334 2.97 56.80 -32.61
CA GLN C 334 3.95 57.13 -33.67
C GLN C 334 3.34 56.80 -35.04
N ARG C 335 2.85 55.58 -35.24
CA ARG C 335 2.20 55.14 -36.50
C ARG C 335 0.96 56.00 -36.80
N ILE C 336 0.12 56.29 -35.80
CA ILE C 336 -1.08 57.17 -35.96
C ILE C 336 -0.64 58.55 -36.49
N SER C 337 0.30 59.23 -35.83
CA SER C 337 0.59 60.64 -36.15
C SER C 337 1.24 60.71 -37.53
N SER C 338 2.10 59.75 -37.87
CA SER C 338 2.86 59.79 -39.15
C SER C 338 1.91 59.48 -40.32
N SER C 339 0.94 58.60 -40.13
CA SER C 339 -0.19 58.39 -41.08
C SER C 339 -1.05 59.66 -41.18
N LEU C 340 -1.31 60.28 -40.04
CA LEU C 340 -2.17 61.49 -39.94
C LEU C 340 -1.49 62.61 -40.70
N GLN C 341 -0.19 62.77 -40.50
CA GLN C 341 0.65 63.81 -41.14
C GLN C 341 0.57 63.60 -42.65
N LYS C 342 0.67 62.36 -43.12
CA LYS C 342 0.70 62.01 -44.57
C LYS C 342 -0.63 62.40 -45.21
N TYR C 343 -1.75 62.04 -44.59
CA TYR C 343 -3.08 62.31 -45.18
C TYR C 343 -3.35 63.82 -45.10
N GLN C 344 -2.84 64.50 -44.08
CA GLN C 344 -3.06 65.97 -43.90
C GLN C 344 -2.30 66.70 -44.99
N GLN C 345 -1.09 66.27 -45.31
CA GLN C 345 -0.25 66.82 -46.41
C GLN C 345 -0.91 66.54 -47.75
N GLU C 346 -1.46 65.35 -47.98
CA GLU C 346 -2.17 65.07 -49.24
C GLU C 346 -3.38 66.01 -49.34
N LEU C 347 -4.10 66.20 -48.24
CA LEU C 347 -5.36 67.01 -48.18
C LEU C 347 -5.02 68.50 -48.45
N GLU C 348 -3.87 68.97 -48.00
CA GLU C 348 -3.39 70.36 -48.18
C GLU C 348 -2.88 70.51 -49.62
N ALA C 349 -2.35 69.45 -50.18
CA ALA C 349 -1.94 69.41 -51.59
C ALA C 349 -3.20 69.54 -52.46
N LEU C 350 -4.30 68.88 -52.07
CA LEU C 350 -5.58 68.88 -52.85
C LEU C 350 -6.42 70.11 -52.55
N GLY C 351 -6.38 70.57 -51.31
CA GLY C 351 -7.41 71.43 -50.73
C GLY C 351 -7.53 72.64 -51.63
N PRO C 352 -8.76 73.19 -51.75
CA PRO C 352 -8.98 74.34 -52.62
C PRO C 352 -8.03 75.49 -52.22
N SER C 353 -7.46 76.24 -53.16
CA SER C 353 -6.53 77.36 -52.81
C SER C 353 -7.31 78.55 -52.20
N LEU C 354 -6.62 79.50 -51.57
CA LEU C 354 -7.17 80.82 -51.12
C LEU C 354 -7.87 81.49 -52.29
N LEU C 355 -7.12 81.69 -53.37
CA LEU C 355 -7.56 82.44 -54.57
C LEU C 355 -8.51 81.55 -55.38
N ALA C 361 -15.96 72.16 -61.61
CA ALA C 361 -14.52 72.50 -61.54
C ALA C 361 -13.71 71.21 -61.52
N GLU C 362 -13.80 70.36 -60.48
CA GLU C 362 -12.85 69.22 -60.20
C GLU C 362 -13.30 67.86 -60.78
N SER C 363 -12.33 67.04 -61.21
CA SER C 363 -12.46 65.63 -61.67
C SER C 363 -13.05 64.72 -60.58
N ASP C 364 -13.68 63.63 -61.01
CA ASP C 364 -14.27 62.63 -60.12
C ASP C 364 -13.16 62.04 -59.25
N TYR C 365 -11.95 61.90 -59.78
CA TYR C 365 -10.78 61.41 -59.01
C TYR C 365 -10.60 62.36 -57.81
N THR C 366 -10.37 63.63 -58.10
CA THR C 366 -10.04 64.68 -57.10
C THR C 366 -11.12 64.68 -56.02
N VAL C 367 -12.40 64.62 -56.39
CA VAL C 367 -13.50 64.83 -55.42
C VAL C 367 -13.51 63.63 -54.48
N ARG C 368 -13.50 62.44 -55.09
CA ARG C 368 -13.50 61.13 -54.39
C ARG C 368 -12.30 61.11 -53.43
N ARG C 369 -11.12 61.47 -53.90
CA ARG C 369 -9.84 61.34 -53.15
C ARG C 369 -9.85 62.31 -51.95
N ARG C 370 -10.37 63.53 -52.12
CA ARG C 370 -10.48 64.51 -51.02
C ARG C 370 -11.40 63.92 -49.95
N LYS C 371 -12.52 63.33 -50.32
CA LYS C 371 -13.45 62.69 -49.34
C LYS C 371 -12.83 61.48 -48.64
N GLU C 372 -12.19 60.56 -49.37
CA GLU C 372 -11.52 59.41 -48.75
C GLU C 372 -10.49 59.92 -47.74
N CYS C 373 -9.64 60.86 -48.14
CA CYS C 373 -8.52 61.37 -47.27
C CYS C 373 -9.13 62.00 -46.01
N GLN C 374 -10.24 62.72 -46.16
CA GLN C 374 -10.94 63.38 -45.04
C GLN C 374 -11.52 62.30 -44.10
N GLN C 375 -12.18 61.26 -44.62
CA GLN C 375 -12.70 60.13 -43.80
C GLN C 375 -11.52 59.50 -43.04
N MET C 376 -10.38 59.40 -43.69
CA MET C 376 -9.16 58.80 -43.08
C MET C 376 -8.69 59.69 -41.93
N VAL C 377 -8.54 61.00 -42.17
CA VAL C 377 -8.07 61.98 -41.14
C VAL C 377 -8.98 61.83 -39.92
N GLU C 378 -10.30 61.76 -40.10
CA GLU C 378 -11.26 61.74 -38.96
C GLU C 378 -11.01 60.48 -38.10
N SER C 379 -10.88 59.31 -38.75
CA SER C 379 -10.66 58.04 -38.03
C SER C 379 -9.33 58.12 -37.26
N LEU C 380 -8.28 58.64 -37.87
CA LEU C 380 -6.94 58.69 -37.20
C LEU C 380 -6.98 59.68 -36.03
N GLN C 381 -7.70 60.80 -36.14
CA GLN C 381 -7.91 61.73 -35.02
C GLN C 381 -8.62 60.95 -33.91
N ARG C 382 -9.74 60.32 -34.25
CA ARG C 382 -10.58 59.56 -33.29
C ARG C 382 -9.68 58.52 -32.62
N ALA C 383 -8.92 57.76 -33.40
CA ALA C 383 -8.00 56.73 -32.89
C ALA C 383 -6.98 57.35 -31.92
N ALA C 384 -6.35 58.46 -32.31
CA ALA C 384 -5.34 59.18 -31.50
C ALA C 384 -5.97 59.58 -30.17
N GLU C 385 -7.24 60.01 -30.19
CA GLU C 385 -7.97 60.44 -28.97
C GLU C 385 -8.10 59.23 -28.03
N ILE C 386 -8.59 58.11 -28.55
CA ILE C 386 -8.87 56.89 -27.73
C ILE C 386 -7.57 56.44 -27.06
N VAL C 387 -6.43 56.55 -27.74
CA VAL C 387 -5.12 56.08 -27.22
C VAL C 387 -4.64 57.03 -26.11
N SER C 388 -4.86 58.33 -26.24
CA SER C 388 -4.41 59.36 -25.26
C SER C 388 -5.12 59.12 -23.92
N GLN C 389 -6.43 58.83 -23.95
CA GLN C 389 -7.26 58.57 -22.75
C GLN C 389 -6.50 57.64 -21.78
N VAL C 390 -6.09 56.48 -22.25
CA VAL C 390 -5.40 55.51 -21.36
C VAL C 390 -4.03 56.12 -21.04
N LEU D 12 24.16 8.45 29.72
CA LEU D 12 23.92 8.14 28.26
C LEU D 12 23.52 6.67 28.06
N ALA D 13 23.51 5.85 29.12
CA ALA D 13 22.95 4.49 29.13
C ALA D 13 21.47 4.59 28.75
N GLN D 14 21.07 3.79 27.77
CA GLN D 14 19.69 3.73 27.22
C GLN D 14 19.48 2.29 26.79
N PRO D 15 18.68 1.48 27.51
CA PRO D 15 18.34 0.12 27.07
C PRO D 15 17.77 0.17 25.65
N GLY D 16 18.02 -0.85 24.82
CA GLY D 16 17.40 -0.98 23.49
C GLY D 16 18.13 -0.22 22.38
N GLY D 17 18.98 0.76 22.70
CA GLY D 17 19.60 1.68 21.73
C GLY D 17 21.06 1.37 21.40
N ILE D 18 21.81 2.35 20.92
CA ILE D 18 23.24 2.13 20.58
C ILE D 18 24.08 2.08 21.86
N SER D 19 23.50 2.56 22.98
CA SER D 19 24.12 2.54 24.31
C SER D 19 23.35 1.61 25.26
N ASP D 20 22.84 0.50 24.74
CA ASP D 20 22.26 -0.61 25.51
C ASP D 20 23.36 -1.19 26.38
N PRO D 21 23.21 -1.23 27.74
CA PRO D 21 24.23 -1.79 28.62
C PRO D 21 24.75 -3.16 28.20
N ASN D 22 23.87 -4.03 27.71
CA ASN D 22 24.20 -5.44 27.36
C ASN D 22 25.09 -5.47 26.12
N LEU D 23 24.86 -4.58 25.19
CA LEU D 23 25.68 -4.46 23.97
C LEU D 23 27.09 -3.98 24.41
N ILE D 24 27.17 -2.99 25.30
CA ILE D 24 28.46 -2.49 25.84
C ILE D 24 29.19 -3.64 26.56
N LYS D 25 28.48 -4.37 27.44
CA LYS D 25 29.11 -5.44 28.25
C LYS D 25 29.71 -6.44 27.26
N LEU D 26 28.92 -6.86 26.26
CA LEU D 26 29.31 -7.90 25.29
C LEU D 26 30.61 -7.55 24.55
N VAL D 27 30.72 -6.32 24.04
CA VAL D 27 31.86 -5.83 23.24
C VAL D 27 33.11 -5.80 24.11
N ASN D 28 33.01 -5.33 25.35
CA ASN D 28 34.15 -5.23 26.30
C ASN D 28 34.65 -6.63 26.64
N LYS D 29 33.74 -7.56 26.88
CA LYS D 29 34.07 -8.97 27.20
C LYS D 29 34.82 -9.61 26.04
N LEU D 30 34.34 -9.42 24.80
CA LEU D 30 34.96 -10.04 23.61
C LEU D 30 36.32 -9.40 23.34
N GLN D 31 36.44 -8.09 23.52
CA GLN D 31 37.71 -7.36 23.29
C GLN D 31 38.73 -7.90 24.30
N ASP D 32 38.31 -8.18 25.54
CA ASP D 32 39.22 -8.68 26.59
C ASP D 32 39.68 -10.09 26.17
N VAL D 33 38.75 -10.94 25.71
CA VAL D 33 39.07 -12.30 25.17
C VAL D 33 40.11 -12.20 24.04
N PHE D 34 39.84 -11.41 23.00
CA PHE D 34 40.70 -11.33 21.78
C PHE D 34 42.14 -10.99 22.18
N THR D 35 42.29 -9.97 23.04
CA THR D 35 43.62 -9.46 23.44
C THR D 35 44.29 -10.51 24.36
N THR D 36 43.57 -11.20 25.25
CA THR D 36 44.18 -12.22 26.15
C THR D 36 44.62 -13.44 25.31
N VAL D 37 43.95 -13.76 24.20
CA VAL D 37 44.19 -14.99 23.39
C VAL D 37 45.17 -14.71 22.24
N GLY D 38 45.38 -13.43 21.86
CA GLY D 38 46.24 -13.07 20.71
C GLY D 38 45.53 -13.25 19.38
N VAL D 39 44.25 -12.88 19.32
CA VAL D 39 43.37 -12.97 18.12
C VAL D 39 43.00 -11.55 17.67
N ASN D 40 43.10 -11.32 16.36
CA ASN D 40 42.76 -10.03 15.71
C ASN D 40 41.30 -9.77 16.05
N ASN D 41 40.98 -8.60 16.59
CA ASN D 41 39.60 -8.17 16.90
C ASN D 41 38.98 -7.86 15.55
N PRO D 42 37.98 -8.64 15.09
CA PRO D 42 37.37 -8.39 13.78
C PRO D 42 36.17 -7.44 13.87
N ILE D 43 35.79 -7.00 15.06
CA ILE D 43 34.59 -6.14 15.22
C ILE D 43 34.88 -4.81 14.52
N ASP D 44 34.17 -4.54 13.42
CA ASP D 44 34.31 -3.30 12.64
C ASP D 44 32.93 -2.63 12.54
N LEU D 45 32.55 -1.84 13.53
CA LEU D 45 31.19 -1.22 13.57
C LEU D 45 31.10 -0.12 12.51
N PRO D 46 29.99 -0.07 11.77
CA PRO D 46 29.79 0.96 10.76
C PRO D 46 29.69 2.34 11.42
N GLN D 47 30.06 3.38 10.70
CA GLN D 47 29.75 4.76 11.11
C GLN D 47 28.26 4.98 10.84
N ILE D 48 27.67 5.93 11.54
CA ILE D 48 26.25 6.32 11.33
C ILE D 48 26.23 7.76 10.86
N VAL D 49 25.70 8.00 9.66
CA VAL D 49 25.80 9.28 8.94
C VAL D 49 24.40 9.74 8.55
N VAL D 50 24.03 10.98 8.95
CA VAL D 50 22.74 11.60 8.58
C VAL D 50 22.94 12.51 7.40
N VAL D 51 22.03 12.43 6.46
CA VAL D 51 22.07 13.13 5.17
C VAL D 51 20.63 13.48 4.85
N GLY D 52 20.42 14.71 4.43
CA GLY D 52 19.13 15.17 3.91
C GLY D 52 19.23 16.56 3.34
N SER D 53 18.08 17.03 2.86
CA SER D 53 17.88 18.42 2.50
C SER D 53 18.14 19.28 3.73
N GLN D 54 18.51 20.53 3.48
CA GLN D 54 18.68 21.52 4.56
C GLN D 54 17.28 21.64 5.18
N SER D 55 17.22 21.70 6.51
CA SER D 55 16.01 21.86 7.37
C SER D 55 15.14 20.59 7.42
N SER D 56 15.58 19.41 6.98
CA SER D 56 14.84 18.12 7.12
C SER D 56 14.81 17.62 8.57
N GLY D 57 15.70 18.08 9.43
CA GLY D 57 15.69 17.62 10.83
C GLY D 57 16.81 16.65 11.17
N ALA D 58 17.91 16.73 10.43
CA ALA D 58 19.05 15.80 10.55
C ALA D 58 19.70 15.95 11.92
N SER D 59 20.04 17.18 12.33
CA SER D 59 20.81 17.36 13.57
C SER D 59 19.95 16.79 14.72
N SER D 60 18.63 17.01 14.74
CA SER D 60 17.76 16.48 15.83
C SER D 60 17.75 14.95 15.80
N VAL D 61 17.70 14.33 14.65
CA VAL D 61 17.73 12.84 14.58
C VAL D 61 19.03 12.32 15.20
N LEU D 62 20.16 12.90 14.85
CA LEU D 62 21.47 12.42 15.35
C LEU D 62 21.54 12.57 16.86
N GLU D 63 21.18 13.74 17.37
CA GLU D 63 21.12 14.07 18.82
C GLU D 63 20.31 13.00 19.57
N ASN D 64 19.13 12.65 19.07
CA ASN D 64 18.24 11.66 19.73
C ASN D 64 18.89 10.30 19.81
N ILE D 65 19.73 9.92 18.85
CA ILE D 65 20.41 8.59 18.92
C ILE D 65 21.49 8.62 20.02
N VAL D 66 22.17 9.72 20.20
CA VAL D 66 23.12 9.91 21.35
C VAL D 66 22.35 9.95 22.70
N GLY D 67 21.21 10.63 22.77
CA GLY D 67 20.33 10.63 23.97
C GLY D 67 20.52 11.84 24.88
N ARG D 68 21.44 12.77 24.58
CA ARG D 68 21.55 14.06 25.29
C ARG D 68 21.68 15.15 24.24
N ASP D 69 21.19 16.36 24.56
CA ASP D 69 21.27 17.52 23.65
C ASP D 69 22.71 18.01 23.58
N PHE D 70 23.23 18.23 22.38
CA PHE D 70 24.50 18.95 22.16
C PHE D 70 24.60 19.55 20.75
N LEU D 71 23.70 19.26 19.79
CA LEU D 71 23.88 19.78 18.40
C LEU D 71 23.05 21.03 18.21
N PRO D 72 23.61 22.06 17.53
CA PRO D 72 22.80 23.23 17.18
C PRO D 72 21.68 22.77 16.26
N ARG D 73 20.49 23.26 16.59
CA ARG D 73 19.20 22.98 15.90
C ARG D 73 18.48 24.31 15.77
N GLY D 74 17.75 24.51 14.69
CA GLY D 74 16.93 25.74 14.52
C GLY D 74 16.52 25.95 13.09
N GLN D 75 15.99 27.14 12.85
CA GLN D 75 15.59 27.63 11.51
C GLN D 75 16.82 28.22 10.79
N GLY D 76 16.74 28.45 9.51
CA GLY D 76 17.87 28.89 8.66
C GLY D 76 18.81 27.74 8.35
N ILE D 77 20.00 28.08 7.89
CA ILE D 77 21.10 27.13 7.64
C ILE D 77 21.87 27.01 8.95
N VAL D 78 21.86 25.86 9.61
CA VAL D 78 22.46 25.75 10.98
C VAL D 78 23.78 24.95 10.91
N THR D 79 23.75 23.70 10.46
CA THR D 79 24.96 22.85 10.34
C THR D 79 25.71 23.29 9.09
N ARG D 80 26.90 23.88 9.28
CA ARG D 80 27.68 24.52 8.18
C ARG D 80 29.08 23.94 8.12
N ARG D 81 29.38 22.95 8.98
CA ARG D 81 30.60 22.11 8.84
C ARG D 81 30.22 20.69 9.26
N PRO D 82 30.95 19.64 8.82
CA PRO D 82 30.76 18.30 9.35
C PRO D 82 31.10 18.27 10.83
N LEU D 83 30.29 17.58 11.63
CA LEU D 83 30.54 17.24 13.05
C LEU D 83 30.77 15.74 13.09
N VAL D 84 32.02 15.33 13.27
CA VAL D 84 32.48 13.93 13.39
C VAL D 84 32.57 13.65 14.88
N LEU D 85 31.62 12.86 15.37
CA LEU D 85 31.53 12.52 16.80
C LEU D 85 32.10 11.13 17.02
N GLN D 86 33.17 10.99 17.82
CA GLN D 86 33.70 9.68 18.26
C GLN D 86 33.16 9.38 19.65
N LEU D 87 32.26 8.43 19.77
CA LEU D 87 31.87 7.92 21.12
C LEU D 87 32.96 6.96 21.55
N ILE D 88 33.50 7.15 22.76
CA ILE D 88 34.61 6.29 23.28
C ILE D 88 34.19 5.76 24.66
N ASN D 89 34.10 4.44 24.76
CA ASN D 89 33.85 3.70 26.03
C ASN D 89 35.04 3.92 26.97
N ARG D 90 34.79 4.44 28.18
CA ARG D 90 35.82 4.75 29.21
C ARG D 90 35.23 4.39 30.57
N GLN D 91 35.91 3.47 31.26
CA GLN D 91 35.40 2.85 32.51
C GLN D 91 35.58 3.84 33.65
N SER D 92 34.61 3.91 34.58
CA SER D 92 34.58 4.87 35.72
C SER D 92 35.72 4.56 36.72
N SER D 93 36.39 5.60 37.26
CA SER D 93 37.57 5.48 38.15
C SER D 93 37.13 5.23 39.61
N ASP D 100 31.57 18.54 43.80
CA ASP D 100 32.86 18.54 43.05
C ASP D 100 32.92 19.74 42.10
N GLU D 101 34.06 20.43 42.14
CA GLU D 101 34.26 21.83 41.66
C GLU D 101 34.06 21.89 40.13
N ARG D 102 34.46 20.86 39.39
CA ARG D 102 34.48 20.90 37.88
C ARG D 102 33.06 20.91 37.31
N LEU D 103 32.02 20.76 38.16
CA LEU D 103 30.60 20.84 37.76
C LEU D 103 29.97 22.13 38.29
N ALA D 104 30.74 23.01 38.95
CA ALA D 104 30.21 24.14 39.74
C ALA D 104 29.58 25.18 38.80
N ASP D 105 29.88 25.15 37.50
CA ASP D 105 29.43 26.18 36.53
C ASP D 105 28.30 25.62 35.65
N SER D 106 27.80 24.41 35.91
CA SER D 106 27.05 23.59 34.91
C SER D 106 25.62 24.09 34.81
N THR D 107 25.08 24.20 33.59
CA THR D 107 23.64 24.43 33.29
C THR D 107 23.01 23.10 32.84
N ASP D 108 23.75 22.00 32.90
CA ASP D 108 23.30 20.68 32.40
C ASP D 108 22.99 19.79 33.61
N LYS D 109 21.71 19.56 33.87
CA LYS D 109 21.16 18.70 34.96
C LYS D 109 21.66 17.26 34.87
N ALA D 110 22.21 16.81 33.73
CA ALA D 110 22.73 15.44 33.55
C ALA D 110 24.25 15.39 33.72
N ALA D 111 24.91 16.53 33.97
CA ALA D 111 26.39 16.64 34.05
C ALA D 111 26.94 15.73 35.15
N ASN D 112 27.98 14.93 34.85
CA ASN D 112 28.58 13.95 35.79
C ASN D 112 30.03 13.65 35.38
N LEU D 113 30.89 13.26 36.32
CA LEU D 113 32.37 13.17 36.14
C LEU D 113 32.74 11.98 35.25
N ASP D 114 31.81 11.09 34.97
CA ASP D 114 32.06 9.90 34.11
C ASP D 114 31.91 10.23 32.62
N GLU D 115 31.29 11.37 32.25
CA GLU D 115 30.94 11.70 30.85
C GLU D 115 31.34 13.15 30.53
N TRP D 116 32.18 13.30 29.50
CA TRP D 116 32.59 14.63 28.98
C TRP D 116 32.90 14.56 27.48
N GLY D 117 32.90 15.74 26.86
CA GLY D 117 33.36 15.93 25.47
C GLY D 117 34.71 16.61 25.41
N GLU D 118 35.51 16.25 24.40
CA GLU D 118 36.79 16.92 24.05
C GLU D 118 36.80 17.17 22.55
N PHE D 119 37.03 18.41 22.17
CA PHE D 119 37.27 18.86 20.80
C PHE D 119 38.77 18.85 20.55
N LEU D 120 39.17 18.19 19.46
CA LEU D 120 40.54 18.22 18.90
C LEU D 120 41.07 19.66 18.87
N HIS D 121 40.28 20.65 18.46
CA HIS D 121 40.76 22.03 18.29
C HIS D 121 40.93 22.72 19.66
N LEU D 122 40.44 22.12 20.76
CA LEU D 122 40.68 22.61 22.15
C LEU D 122 41.32 21.53 23.00
N PRO D 123 42.61 21.20 22.78
CA PRO D 123 43.26 20.14 23.54
C PRO D 123 43.29 20.44 25.05
N GLY D 124 42.92 19.42 25.84
CA GLY D 124 43.02 19.45 27.33
C GLY D 124 41.71 19.92 27.97
N GLN D 125 40.82 20.57 27.21
CA GLN D 125 39.54 21.06 27.78
C GLN D 125 38.57 19.87 27.79
N LYS D 126 37.82 19.75 28.87
CA LYS D 126 36.72 18.77 29.06
C LYS D 126 35.42 19.55 29.20
N PHE D 127 34.38 19.09 28.51
CA PHE D 127 33.02 19.67 28.62
C PHE D 127 32.13 18.62 29.26
N TYR D 128 31.82 18.85 30.52
CA TYR D 128 30.89 18.01 31.31
C TYR D 128 29.48 18.52 31.01
N ASP D 129 29.36 19.80 30.65
CA ASP D 129 28.09 20.50 30.33
C ASP D 129 27.86 20.43 28.82
N PHE D 130 26.83 19.71 28.38
CA PHE D 130 26.59 19.43 26.93
C PHE D 130 26.02 20.68 26.27
N ASN D 131 25.46 21.61 27.03
CA ASN D 131 25.11 22.96 26.50
C ASN D 131 26.40 23.65 26.04
N LYS D 132 27.52 23.45 26.73
CA LYS D 132 28.79 24.14 26.35
C LYS D 132 29.28 23.50 25.07
N ILE D 133 29.09 22.20 24.93
CA ILE D 133 29.46 21.50 23.66
C ILE D 133 28.70 22.19 22.55
N ARG D 134 27.40 22.41 22.74
CA ARG D 134 26.54 23.04 21.71
C ARG D 134 27.11 24.42 21.37
N ASP D 135 27.34 25.24 22.39
CA ASP D 135 27.89 26.61 22.29
C ASP D 135 29.23 26.57 21.53
N GLU D 136 30.09 25.59 21.79
CA GLU D 136 31.42 25.53 21.15
C GLU D 136 31.26 25.18 19.67
N ILE D 137 30.31 24.32 19.33
CA ILE D 137 30.06 23.98 17.91
C ILE D 137 29.62 25.23 17.19
N ASN D 138 28.72 26.02 17.79
CA ASN D 138 28.31 27.32 17.19
C ASN D 138 29.51 28.23 17.00
N ARG D 139 30.41 28.32 17.99
CA ARG D 139 31.53 29.28 17.97
C ARG D 139 32.57 28.86 16.94
N GLU D 140 32.96 27.59 16.98
CA GLU D 140 33.94 27.03 16.02
C GLU D 140 33.39 27.08 14.58
N THR D 141 32.09 27.02 14.41
CA THR D 141 31.44 27.15 13.08
C THR D 141 31.67 28.58 12.60
N GLU D 142 31.33 29.57 13.42
CA GLU D 142 31.45 31.01 13.05
C GLU D 142 32.92 31.39 12.83
N ALA D 143 33.87 30.85 13.61
CA ALA D 143 35.31 31.18 13.47
C ALA D 143 35.76 30.91 12.03
N LYS D 144 35.27 29.84 11.40
CA LYS D 144 35.76 29.38 10.07
C LYS D 144 34.85 29.86 8.94
N VAL D 145 33.53 30.01 9.14
CA VAL D 145 32.59 30.28 8.00
C VAL D 145 31.61 31.41 8.32
N GLY D 146 31.85 32.15 9.41
CA GLY D 146 31.15 33.43 9.65
C GLY D 146 29.68 33.19 9.95
N ARG D 147 28.84 34.20 9.73
CA ARG D 147 27.41 34.18 10.12
C ARG D 147 26.52 34.50 8.92
N ASN D 148 27.00 34.29 7.70
CA ASN D 148 26.21 34.68 6.49
C ASN D 148 26.07 33.46 5.58
N ALA D 149 25.86 32.27 6.19
CA ALA D 149 25.47 31.00 5.55
C ALA D 149 26.64 30.30 4.85
N GLY D 150 27.87 30.77 5.00
CA GLY D 150 29.08 30.11 4.48
C GLY D 150 29.14 28.66 4.94
N ILE D 151 29.74 27.80 4.15
CA ILE D 151 29.88 26.35 4.49
C ILE D 151 31.31 25.88 4.20
N SER D 152 31.85 25.00 5.03
CA SER D 152 33.22 24.46 4.88
C SER D 152 33.20 22.96 5.06
N PRO D 153 34.01 22.19 4.30
CA PRO D 153 34.14 20.76 4.54
C PRO D 153 35.05 20.40 5.72
N ALA D 154 35.70 21.39 6.32
CA ALA D 154 36.65 21.15 7.44
C ALA D 154 35.86 20.63 8.64
N PRO D 155 36.04 19.37 9.09
CA PRO D 155 35.25 18.84 10.19
C PRO D 155 35.55 19.45 11.54
N ILE D 156 34.54 19.48 12.39
CA ILE D 156 34.71 19.70 13.85
C ILE D 156 34.80 18.30 14.46
N ASN D 157 35.88 18.00 15.16
CA ASN D 157 36.18 16.66 15.72
C ASN D 157 35.83 16.63 17.21
N LEU D 158 34.82 15.87 17.58
CA LEU D 158 34.32 15.82 18.98
C LEU D 158 34.39 14.38 19.44
N ARG D 159 34.94 14.17 20.63
CA ARG D 159 34.99 12.84 21.28
C ARG D 159 34.07 12.94 22.50
N ILE D 160 33.24 11.94 22.73
CA ILE D 160 32.48 11.84 24.00
C ILE D 160 32.85 10.55 24.69
N TYR D 161 33.31 10.71 25.92
CA TYR D 161 33.81 9.63 26.82
C TYR D 161 32.69 9.30 27.79
N SER D 162 32.43 8.02 27.97
CA SER D 162 31.37 7.52 28.87
C SER D 162 31.59 6.03 29.08
N PRO D 163 31.25 5.50 30.27
CA PRO D 163 31.28 4.05 30.50
C PRO D 163 30.14 3.34 29.75
N HIS D 164 29.17 4.10 29.25
CA HIS D 164 27.85 3.60 28.77
C HIS D 164 27.73 3.68 27.26
N VAL D 165 28.81 3.95 26.50
CA VAL D 165 28.73 4.05 25.01
C VAL D 165 29.60 2.99 24.36
N LEU D 166 29.29 2.63 23.12
CA LEU D 166 30.22 1.90 22.21
C LEU D 166 31.29 2.83 21.64
N ASN D 167 32.36 2.24 21.14
CA ASN D 167 33.32 2.90 20.23
C ASN D 167 32.64 3.02 18.88
N LEU D 168 32.11 4.21 18.58
CA LEU D 168 31.24 4.44 17.42
C LEU D 168 31.43 5.84 16.86
N THR D 169 31.45 5.98 15.55
CA THR D 169 31.54 7.31 14.89
C THR D 169 30.14 7.64 14.32
N LEU D 170 29.64 8.83 14.67
CA LEU D 170 28.43 9.45 14.07
C LEU D 170 28.80 10.76 13.40
N VAL D 171 28.19 11.05 12.26
CA VAL D 171 28.49 12.28 11.47
C VAL D 171 27.21 13.10 11.22
N ASP D 172 27.19 14.36 11.62
CA ASP D 172 26.16 15.38 11.23
C ASP D 172 26.77 16.22 10.10
N LEU D 173 25.98 16.57 9.09
CA LEU D 173 26.44 17.18 7.81
C LEU D 173 25.48 18.30 7.43
N PRO D 174 26.01 19.36 6.79
CA PRO D 174 25.14 20.38 6.21
C PRO D 174 24.13 19.71 5.28
N GLY D 175 22.94 20.26 5.20
CA GLY D 175 21.88 19.82 4.29
C GLY D 175 22.19 20.23 2.86
N LEU D 176 21.72 19.42 1.90
CA LEU D 176 21.75 19.81 0.47
C LEU D 176 20.75 20.95 0.20
N THR D 177 21.20 21.97 -0.52
CA THR D 177 20.39 23.15 -0.92
C THR D 177 20.56 23.29 -2.42
N ARG D 178 19.71 24.10 -3.04
CA ARG D 178 19.66 24.31 -4.49
C ARG D 178 20.00 25.76 -4.83
N VAL D 179 19.68 26.74 -3.98
CA VAL D 179 19.83 28.18 -4.30
C VAL D 179 20.83 28.81 -3.33
N PRO D 180 21.99 29.29 -3.84
CA PRO D 180 23.01 29.93 -3.02
C PRO D 180 22.41 31.11 -2.24
N VAL D 181 22.72 31.25 -0.96
CA VAL D 181 22.34 32.50 -0.23
C VAL D 181 23.59 33.03 0.45
N GLY D 182 23.57 34.31 0.84
CA GLY D 182 24.62 34.95 1.64
C GLY D 182 25.98 34.79 0.98
N ASP D 183 26.95 34.20 1.66
CA ASP D 183 28.36 34.09 1.21
C ASP D 183 28.53 32.94 0.23
N GLN D 184 27.46 32.18 -0.02
CA GLN D 184 27.64 30.89 -0.70
C GLN D 184 27.95 31.18 -2.13
N PRO D 185 28.88 30.41 -2.73
CA PRO D 185 29.14 30.50 -4.17
C PRO D 185 28.07 29.82 -5.05
N ARG D 186 28.10 30.13 -6.35
CA ARG D 186 27.25 29.54 -7.43
C ARG D 186 27.13 28.01 -7.31
N ASP D 187 28.20 27.31 -6.98
CA ASP D 187 28.33 25.84 -7.08
C ASP D 187 28.23 25.25 -5.66
N ILE D 188 27.53 25.93 -4.74
CA ILE D 188 27.35 25.42 -3.36
C ILE D 188 26.73 24.00 -3.37
N GLU D 189 25.78 23.74 -4.25
CA GLU D 189 25.10 22.43 -4.30
C GLU D 189 26.12 21.32 -4.53
N ARG D 190 26.97 21.46 -5.54
CA ARG D 190 28.02 20.45 -5.82
C ARG D 190 28.99 20.37 -4.64
N GLN D 191 29.31 21.47 -3.98
CA GLN D 191 30.33 21.40 -2.88
C GLN D 191 29.72 20.61 -1.73
N ILE D 192 28.44 20.80 -1.43
CA ILE D 192 27.81 20.08 -0.30
C ILE D 192 27.65 18.61 -0.69
N ARG D 193 27.27 18.36 -1.93
CA ARG D 193 27.17 16.98 -2.45
C ARG D 193 28.52 16.26 -2.31
N ASP D 194 29.64 16.90 -2.67
CA ASP D 194 31.00 16.27 -2.63
C ASP D 194 31.42 16.05 -1.17
N MET D 195 31.14 16.99 -0.29
CA MET D 195 31.45 16.84 1.15
C MET D 195 30.68 15.66 1.75
N ILE D 196 29.40 15.52 1.45
CA ILE D 196 28.58 14.39 1.99
C ILE D 196 29.07 13.03 1.43
N LEU D 197 29.38 12.93 0.13
CA LEU D 197 29.82 11.66 -0.48
C LEU D 197 31.08 11.15 0.22
N LYS D 198 32.00 12.01 0.61
CA LYS D 198 33.20 11.61 1.36
C LYS D 198 32.77 10.63 2.46
N TYR D 199 31.68 10.90 3.17
CA TYR D 199 31.36 10.19 4.42
C TYR D 199 30.51 8.97 4.14
N ILE D 200 29.73 8.96 3.07
CA ILE D 200 28.74 7.86 2.85
C ILE D 200 29.23 6.87 1.80
N GLN D 201 30.27 7.20 1.03
CA GLN D 201 30.92 6.29 0.04
C GLN D 201 31.52 5.07 0.75
N LYS D 202 32.03 5.24 1.97
CA LYS D 202 32.43 4.13 2.90
C LYS D 202 31.38 3.02 2.83
N PRO D 203 31.68 1.79 2.34
CA PRO D 203 30.72 0.68 2.41
C PRO D 203 30.32 0.31 3.86
N ASN D 204 31.10 0.71 4.83
CA ASN D 204 30.86 0.46 6.27
C ASN D 204 30.19 1.70 6.89
N ALA D 205 29.18 2.27 6.22
CA ALA D 205 28.40 3.40 6.73
C ALA D 205 26.90 3.05 6.64
N ILE D 206 26.22 3.17 7.76
CA ILE D 206 24.74 3.23 7.76
C ILE D 206 24.36 4.67 7.38
N ILE D 207 23.61 4.79 6.31
CA ILE D 207 23.08 6.09 5.82
C ILE D 207 21.67 6.27 6.40
N LEU D 208 21.49 7.25 7.28
CA LEU D 208 20.16 7.72 7.71
C LEU D 208 19.79 8.83 6.75
N ALA D 209 18.97 8.47 5.75
CA ALA D 209 18.45 9.42 4.77
C ALA D 209 17.22 10.08 5.38
N VAL D 210 17.38 11.31 5.80
CA VAL D 210 16.34 12.10 6.52
C VAL D 210 15.55 12.89 5.51
N THR D 211 14.24 12.72 5.55
CA THR D 211 13.29 13.43 4.66
C THR D 211 12.15 13.90 5.53
N ALA D 212 11.78 15.14 5.37
CA ALA D 212 10.58 15.69 6.00
C ALA D 212 9.38 14.95 5.38
N ALA D 213 8.44 14.49 6.19
CA ALA D 213 7.23 13.78 5.73
C ALA D 213 6.26 14.72 5.01
N ASN D 214 6.44 16.01 5.18
CA ASN D 214 5.56 17.05 4.58
C ASN D 214 6.08 17.40 3.19
N VAL D 215 7.00 16.64 2.59
CA VAL D 215 7.28 16.71 1.12
C VAL D 215 7.19 15.30 0.57
N ASP D 216 6.85 15.16 -0.70
CA ASP D 216 6.77 13.83 -1.38
C ASP D 216 8.17 13.23 -1.30
N LEU D 217 8.25 11.95 -1.04
CA LEU D 217 9.50 11.16 -0.98
C LEU D 217 10.36 11.37 -2.24
N ALA D 218 9.77 11.57 -3.42
CA ALA D 218 10.48 11.77 -4.70
C ALA D 218 11.32 13.05 -4.67
N ASN D 219 11.09 13.92 -3.69
CA ASN D 219 11.84 15.20 -3.52
C ASN D 219 13.00 15.01 -2.52
N SER D 220 13.20 13.82 -1.98
CA SER D 220 14.21 13.57 -0.94
C SER D 220 15.62 13.68 -1.53
N ASP D 221 16.38 14.69 -1.12
CA ASP D 221 17.84 14.76 -1.40
C ASP D 221 18.58 13.70 -0.61
N GLY D 222 18.15 13.42 0.60
CA GLY D 222 18.70 12.29 1.36
C GLY D 222 18.67 11.00 0.58
N LEU D 223 17.55 10.64 -0.05
CA LEU D 223 17.45 9.37 -0.76
C LEU D 223 18.20 9.51 -2.07
N LYS D 224 18.20 10.65 -2.75
CA LYS D 224 18.99 10.83 -4.01
C LYS D 224 20.48 10.54 -3.74
N LEU D 225 21.04 11.12 -2.69
CA LEU D 225 22.46 10.93 -2.34
C LEU D 225 22.70 9.49 -1.90
N ALA D 226 21.87 8.97 -1.02
CA ALA D 226 21.93 7.56 -0.59
C ALA D 226 21.93 6.64 -1.82
N ARG D 227 21.14 6.91 -2.85
CA ARG D 227 21.06 6.02 -4.04
C ARG D 227 22.31 6.15 -4.93
N GLU D 228 23.01 7.25 -4.93
CA GLU D 228 24.30 7.39 -5.61
C GLU D 228 25.34 6.41 -5.03
N VAL D 229 25.41 6.17 -3.72
CA VAL D 229 26.46 5.24 -3.19
C VAL D 229 25.86 3.89 -2.77
N ASP D 230 24.55 3.79 -2.58
CA ASP D 230 23.84 2.56 -2.16
C ASP D 230 22.63 2.37 -3.06
N PRO D 231 22.85 2.27 -4.39
CA PRO D 231 21.75 2.10 -5.35
C PRO D 231 20.88 0.85 -5.06
N GLU D 232 21.43 -0.17 -4.43
CA GLU D 232 20.66 -1.38 -4.10
C GLU D 232 19.85 -1.17 -2.82
N GLY D 233 20.05 -0.06 -2.09
CA GLY D 233 19.28 0.25 -0.87
C GLY D 233 19.49 -0.77 0.24
N GLN D 234 20.71 -1.20 0.46
CA GLN D 234 21.13 -2.22 1.47
C GLN D 234 21.58 -1.60 2.79
N ARG D 235 22.04 -0.34 2.82
CA ARG D 235 22.62 0.21 4.07
C ARG D 235 22.05 1.61 4.39
N THR D 236 20.81 1.83 3.97
CA THR D 236 20.09 3.09 4.10
C THR D 236 18.82 2.83 4.94
N ILE D 237 18.63 3.61 5.99
CA ILE D 237 17.33 3.74 6.72
C ILE D 237 16.71 5.06 6.32
N GLY D 238 15.49 5.04 5.79
CA GLY D 238 14.73 6.29 5.54
C GLY D 238 14.14 6.82 6.83
N VAL D 239 14.53 7.98 7.32
CA VAL D 239 13.90 8.59 8.49
C VAL D 239 12.97 9.70 8.00
N LEU D 240 11.69 9.62 8.39
CA LEU D 240 10.64 10.58 8.00
C LEU D 240 10.34 11.48 9.18
N THR D 241 10.81 12.74 9.11
CA THR D 241 10.65 13.69 10.23
C THR D 241 9.37 14.48 10.02
N LYS D 242 8.96 15.29 11.01
CA LYS D 242 7.89 16.28 10.81
C LYS D 242 6.57 15.58 10.43
N VAL D 243 6.34 14.39 10.97
CA VAL D 243 5.07 13.65 10.72
C VAL D 243 3.94 14.43 11.38
N ASP D 244 4.22 15.19 12.44
CA ASP D 244 3.21 16.07 13.11
C ASP D 244 2.84 17.24 12.21
N LEU D 245 3.53 17.51 11.11
CA LEU D 245 3.21 18.72 10.30
C LEU D 245 2.49 18.32 9.03
N MET D 246 2.04 17.08 8.89
CA MET D 246 1.45 16.64 7.60
C MET D 246 0.06 17.24 7.39
N ASP D 247 -0.29 17.50 6.13
CA ASP D 247 -1.62 17.92 5.68
C ASP D 247 -2.62 16.94 6.35
N GLU D 248 -3.67 17.46 6.95
CA GLU D 248 -4.70 16.71 7.70
C GLU D 248 -5.23 15.55 6.83
N GLY D 249 -5.25 14.33 7.38
CA GLY D 249 -5.72 13.11 6.72
C GLY D 249 -4.71 12.49 5.77
N THR D 250 -3.46 13.01 5.67
CA THR D 250 -2.37 12.34 4.93
C THR D 250 -1.53 11.57 5.96
N ASP D 251 -0.77 10.58 5.51
CA ASP D 251 0.06 9.77 6.39
C ASP D 251 1.21 9.20 5.57
N VAL D 252 2.18 8.57 6.21
CA VAL D 252 3.33 7.98 5.50
C VAL D 252 3.20 6.47 5.38
N VAL D 253 2.01 5.90 5.62
CA VAL D 253 1.85 4.42 5.70
C VAL D 253 2.33 3.78 4.39
N ASP D 254 1.95 4.31 3.24
CA ASP D 254 2.40 3.82 1.90
C ASP D 254 3.92 3.79 1.83
N ILE D 255 4.60 4.77 2.41
CA ILE D 255 6.08 4.79 2.37
C ILE D 255 6.60 3.72 3.32
N LEU D 256 6.05 3.59 4.52
CA LEU D 256 6.54 2.58 5.50
C LEU D 256 6.31 1.17 4.92
N ALA D 257 5.23 0.98 4.16
CA ALA D 257 4.84 -0.33 3.60
C ALA D 257 5.71 -0.69 2.39
N GLY D 258 6.58 0.20 1.92
CA GLY D 258 7.55 -0.05 0.85
C GLY D 258 6.99 0.19 -0.54
N ARG D 259 5.84 0.84 -0.67
CA ARG D 259 5.21 1.03 -1.98
C ARG D 259 5.89 2.12 -2.83
N ILE D 260 6.68 3.01 -2.26
CA ILE D 260 7.15 4.22 -2.99
C ILE D 260 8.59 3.95 -3.41
N ILE D 261 9.50 3.84 -2.46
CA ILE D 261 10.87 3.33 -2.70
C ILE D 261 11.24 2.29 -1.65
N PRO D 262 11.44 1.00 -1.99
CA PRO D 262 11.75 0.01 -0.98
C PRO D 262 13.19 0.13 -0.49
N LEU D 263 13.42 -0.05 0.80
CA LEU D 263 14.78 -0.09 1.41
C LEU D 263 14.82 -1.38 2.23
N ARG D 264 15.90 -2.16 2.15
CA ARG D 264 16.10 -3.38 2.93
C ARG D 264 15.78 -3.10 4.41
N LEU D 265 16.30 -2.02 4.95
CA LEU D 265 16.25 -1.68 6.38
C LEU D 265 15.02 -0.81 6.66
N GLY D 266 14.21 -0.51 5.66
CA GLY D 266 12.93 0.21 5.87
C GLY D 266 13.07 1.68 6.22
N TYR D 267 11.97 2.24 6.71
CA TYR D 267 11.78 3.67 7.07
C TYR D 267 11.37 3.71 8.53
N VAL D 268 11.62 4.82 9.22
CA VAL D 268 11.13 5.04 10.60
C VAL D 268 10.57 6.45 10.62
N PRO D 269 9.28 6.62 10.95
CA PRO D 269 8.71 7.95 11.13
C PRO D 269 9.05 8.47 12.52
N VAL D 270 9.40 9.75 12.63
CA VAL D 270 9.71 10.40 13.92
C VAL D 270 9.01 11.74 14.02
N VAL D 271 8.81 12.18 15.26
CA VAL D 271 8.39 13.56 15.60
C VAL D 271 9.40 14.09 16.63
N ASN D 272 10.27 15.02 16.20
CA ASN D 272 11.25 15.78 17.04
C ASN D 272 10.59 17.10 17.48
N ARG D 273 11.27 17.87 18.31
CA ARG D 273 10.85 19.18 18.80
C ARG D 273 10.78 20.16 17.64
N GLY D 274 9.63 20.88 17.54
CA GLY D 274 9.41 22.04 16.67
C GLY D 274 10.18 23.23 17.20
N GLN D 275 10.18 24.33 16.46
CA GLN D 275 10.99 25.52 16.81
C GLN D 275 10.48 26.10 18.14
N ARG D 276 9.19 26.03 18.41
CA ARG D 276 8.57 26.54 19.67
C ARG D 276 9.11 25.69 20.83
N ASP D 277 9.12 24.38 20.72
CA ASP D 277 9.74 23.50 21.72
C ASP D 277 11.20 23.92 21.92
N ILE D 278 11.98 24.16 20.86
CA ILE D 278 13.39 24.58 21.03
C ILE D 278 13.48 25.92 21.78
N ASP D 279 12.73 26.94 21.37
CA ASP D 279 12.70 28.27 22.02
C ASP D 279 12.29 28.14 23.50
N ASN D 280 11.38 27.23 23.87
CA ASN D 280 10.92 26.97 25.26
C ASN D 280 11.87 25.99 25.96
N LYS D 281 12.98 25.62 25.34
CA LYS D 281 13.98 24.65 25.87
C LYS D 281 13.28 23.42 26.45
N LYS D 282 12.37 22.83 25.71
CA LYS D 282 11.68 21.58 26.11
C LYS D 282 12.68 20.46 26.16
N PRO D 283 12.72 19.70 27.28
CA PRO D 283 13.74 18.64 27.41
C PRO D 283 13.44 17.40 26.55
N ILE D 284 14.50 16.65 26.26
CA ILE D 284 14.48 15.47 25.39
C ILE D 284 13.46 14.47 25.94
N THR D 285 13.33 14.34 27.25
CA THR D 285 12.44 13.33 27.86
C THR D 285 10.98 13.62 27.52
N ALA D 286 10.57 14.86 27.69
CA ALA D 286 9.19 15.30 27.38
C ALA D 286 8.97 15.21 25.87
N ALA D 287 9.98 15.47 25.05
CA ALA D 287 9.86 15.35 23.57
C ALA D 287 9.63 13.88 23.18
N LEU D 288 10.35 12.95 23.79
CA LEU D 288 10.15 11.47 23.61
C LEU D 288 8.75 11.04 24.05
N GLU D 289 8.21 11.60 25.13
CA GLU D 289 6.83 11.26 25.60
C GLU D 289 5.81 11.84 24.62
N ALA D 290 6.03 13.07 24.11
CA ALA D 290 5.09 13.68 23.13
C ALA D 290 5.04 12.79 21.85
N GLU D 291 6.19 12.27 21.42
CA GLU D 291 6.31 11.45 20.21
C GLU D 291 5.54 10.14 20.42
N LYS D 292 5.70 9.49 21.58
CA LYS D 292 4.98 8.22 21.87
C LYS D 292 3.48 8.46 21.80
N ALA D 293 2.99 9.54 22.40
CA ALA D 293 1.56 9.88 22.42
C ALA D 293 1.08 10.19 21.00
N PHE D 294 1.85 10.94 20.23
CA PHE D 294 1.44 11.26 18.83
C PHE D 294 1.11 9.95 18.09
N PHE D 295 2.02 8.99 18.13
CA PHE D 295 1.90 7.73 17.36
C PHE D 295 0.83 6.81 17.95
N GLU D 296 0.72 6.74 19.28
CA GLU D 296 -0.30 5.87 19.92
C GLU D 296 -1.70 6.43 19.68
N ASN D 297 -1.85 7.72 19.39
CA ASN D 297 -3.19 8.35 19.31
C ASN D 297 -3.60 8.60 17.85
N HIS D 298 -2.72 8.44 16.87
CA HIS D 298 -3.04 8.75 15.46
C HIS D 298 -3.73 7.55 14.82
N LYS D 299 -4.87 7.75 14.14
CA LYS D 299 -5.64 6.65 13.52
C LYS D 299 -4.66 5.76 12.72
N ALA D 300 -3.77 6.35 11.90
CA ALA D 300 -2.99 5.63 10.88
C ALA D 300 -1.77 4.92 11.46
N TYR D 301 -1.30 5.25 12.67
CA TYR D 301 -0.05 4.66 13.22
C TYR D 301 -0.35 3.82 14.48
N ARG D 302 -1.54 3.97 15.05
CA ARG D 302 -2.00 3.32 16.30
C ARG D 302 -1.66 1.83 16.30
N ASN D 303 -2.01 1.09 15.24
CA ASN D 303 -1.88 -0.39 15.21
C ASN D 303 -0.40 -0.79 15.06
N LYS D 304 0.47 0.12 14.62
CA LYS D 304 1.88 -0.19 14.28
C LYS D 304 2.82 0.70 15.11
N SER D 305 2.37 1.23 16.25
CA SER D 305 3.05 2.29 17.00
C SER D 305 4.45 1.85 17.48
N ALA D 306 4.68 0.55 17.66
CA ALA D 306 5.99 0.03 18.13
C ALA D 306 7.08 0.20 17.06
N TYR D 307 6.69 0.34 15.80
CA TYR D 307 7.57 0.55 14.63
C TYR D 307 7.66 2.06 14.34
N CYS D 308 7.31 2.90 15.29
CA CYS D 308 7.31 4.38 15.10
C CYS D 308 8.21 5.03 16.13
N GLY D 309 8.94 6.06 15.74
CA GLY D 309 9.57 6.95 16.73
C GLY D 309 11.04 6.68 16.93
N THR D 310 11.67 7.56 17.65
CA THR D 310 13.13 7.57 17.90
C THR D 310 13.49 6.23 18.56
N PRO D 311 12.73 5.72 19.55
CA PRO D 311 13.11 4.45 20.18
C PRO D 311 13.14 3.29 19.16
N TYR D 312 12.28 3.29 18.14
CA TYR D 312 12.34 2.19 17.19
C TYR D 312 13.60 2.37 16.30
N LEU D 313 13.92 3.60 15.88
CA LEU D 313 15.20 3.85 15.16
C LEU D 313 16.41 3.36 15.97
N ALA D 314 16.46 3.65 17.26
CA ALA D 314 17.52 3.20 18.20
C ALA D 314 17.63 1.67 18.23
N ARG D 315 16.49 0.99 18.28
CA ARG D 315 16.38 -0.48 18.28
C ARG D 315 16.89 -1.03 16.95
N LYS D 316 16.45 -0.49 15.83
CA LYS D 316 16.92 -0.97 14.49
C LYS D 316 18.45 -0.85 14.46
N LEU D 317 19.03 0.23 14.97
CA LEU D 317 20.49 0.43 14.92
C LEU D 317 21.16 -0.57 15.87
N ASN D 318 20.57 -0.77 17.04
CA ASN D 318 21.06 -1.77 18.03
C ASN D 318 21.17 -3.13 17.32
N LEU D 319 20.16 -3.56 16.56
CA LEU D 319 20.11 -4.90 15.95
C LEU D 319 21.16 -5.01 14.84
N ILE D 320 21.32 -3.98 14.02
CA ILE D 320 22.33 -4.02 12.94
C ILE D 320 23.72 -4.21 13.56
N LEU D 321 24.02 -3.42 14.59
CA LEU D 321 25.28 -3.48 15.33
C LEU D 321 25.45 -4.89 15.92
N MET D 322 24.38 -5.44 16.49
CA MET D 322 24.44 -6.80 17.05
C MET D 322 24.72 -7.77 15.90
N MET D 323 24.08 -7.63 14.74
CA MET D 323 24.34 -8.55 13.59
C MET D 323 25.82 -8.48 13.23
N HIS D 324 26.45 -7.29 13.21
CA HIS D 324 27.88 -7.15 12.83
C HIS D 324 28.74 -7.94 13.83
N ILE D 325 28.49 -7.79 15.13
CA ILE D 325 29.29 -8.46 16.18
C ILE D 325 29.12 -9.99 16.08
N LYS D 326 27.90 -10.49 16.05
CA LYS D 326 27.61 -11.95 15.99
C LYS D 326 28.14 -12.56 14.68
N GLN D 327 28.09 -11.82 13.57
CA GLN D 327 28.59 -12.30 12.25
C GLN D 327 30.07 -12.75 12.35
N THR D 328 30.86 -12.22 13.30
CA THR D 328 32.33 -12.44 13.40
C THR D 328 32.66 -13.73 14.17
N LEU D 329 31.72 -14.24 14.97
CA LEU D 329 32.02 -15.20 16.06
C LEU D 329 32.45 -16.57 15.52
N PRO D 330 31.81 -17.14 14.47
CA PRO D 330 32.18 -18.48 13.98
C PRO D 330 33.68 -18.55 13.68
N ASP D 331 34.16 -17.62 12.85
CA ASP D 331 35.57 -17.46 12.45
C ASP D 331 36.44 -17.38 13.70
N ILE D 332 36.01 -16.62 14.70
CA ILE D 332 36.79 -16.40 15.96
C ILE D 332 36.83 -17.70 16.77
N LYS D 333 35.70 -18.40 16.92
CA LYS D 333 35.64 -19.64 17.73
C LYS D 333 36.64 -20.66 17.15
N GLN D 334 36.72 -20.68 15.82
CA GLN D 334 37.62 -21.55 15.00
C GLN D 334 39.09 -21.24 15.34
N ARG D 335 39.48 -19.97 15.25
CA ARG D 335 40.86 -19.49 15.57
C ARG D 335 41.21 -19.79 17.05
N ILE D 336 40.29 -19.60 17.98
CA ILE D 336 40.53 -19.89 19.42
C ILE D 336 40.86 -21.38 19.59
N SER D 337 40.02 -22.28 19.08
CA SER D 337 40.18 -23.73 19.37
C SER D 337 41.45 -24.25 18.68
N SER D 338 41.76 -23.74 17.48
CA SER D 338 42.95 -24.21 16.70
C SER D 338 44.24 -23.69 17.37
N SER D 339 44.23 -22.51 17.97
CA SER D 339 45.31 -22.02 18.88
C SER D 339 45.40 -22.89 20.14
N LEU D 340 44.24 -23.26 20.70
CA LEU D 340 44.17 -24.11 21.93
C LEU D 340 44.80 -25.48 21.60
N GLN D 341 44.44 -26.03 20.45
CA GLN D 341 44.93 -27.35 19.96
C GLN D 341 46.45 -27.31 19.85
N LYS D 342 46.97 -26.21 19.31
CA LYS D 342 48.43 -26.02 19.05
C LYS D 342 49.19 -26.01 20.39
N TYR D 343 48.71 -25.25 21.38
CA TYR D 343 49.40 -25.15 22.68
C TYR D 343 49.26 -26.48 23.43
N GLN D 344 48.15 -27.19 23.26
CA GLN D 344 47.92 -28.49 23.93
C GLN D 344 48.92 -29.52 23.39
N GLN D 345 49.15 -29.53 22.07
CA GLN D 345 50.13 -30.41 21.39
C GLN D 345 51.55 -30.05 21.86
N GLU D 346 51.91 -28.76 21.86
CA GLU D 346 53.24 -28.30 22.33
C GLU D 346 53.46 -28.80 23.76
N LEU D 347 52.39 -28.81 24.57
CA LEU D 347 52.37 -29.41 25.92
C LEU D 347 52.21 -30.94 25.79
N CYS D 373 53.23 -22.82 29.58
CA CYS D 373 52.21 -23.37 28.65
C CYS D 373 50.87 -23.48 29.39
N GLN D 374 50.91 -23.93 30.65
CA GLN D 374 49.75 -24.39 31.45
C GLN D 374 48.81 -23.21 31.67
N GLN D 375 49.34 -22.11 32.20
CA GLN D 375 48.57 -20.85 32.46
C GLN D 375 47.94 -20.38 31.15
N MET D 376 48.68 -20.53 30.04
CA MET D 376 48.18 -20.12 28.70
C MET D 376 47.01 -21.00 28.29
N VAL D 377 47.15 -22.32 28.37
CA VAL D 377 46.08 -23.28 28.01
C VAL D 377 44.82 -22.92 28.80
N GLU D 378 44.94 -22.61 30.09
CA GLU D 378 43.75 -22.33 30.96
C GLU D 378 43.03 -21.09 30.42
N SER D 379 43.75 -20.02 30.10
CA SER D 379 43.17 -18.79 29.53
C SER D 379 42.41 -19.10 28.24
N LEU D 380 43.01 -19.89 27.34
CA LEU D 380 42.40 -20.21 26.03
C LEU D 380 41.10 -21.03 26.25
N GLN D 381 41.11 -21.98 27.19
CA GLN D 381 39.90 -22.74 27.58
C GLN D 381 38.85 -21.72 28.04
N ARG D 382 39.22 -20.89 29.02
CA ARG D 382 38.34 -19.87 29.65
C ARG D 382 37.74 -19.01 28.52
N ALA D 383 38.59 -18.51 27.62
CA ALA D 383 38.19 -17.67 26.48
C ALA D 383 37.17 -18.42 25.61
N ALA D 384 37.48 -19.67 25.24
CA ALA D 384 36.61 -20.53 24.41
C ALA D 384 35.23 -20.66 25.06
N GLU D 385 35.21 -20.82 26.39
CA GLU D 385 33.94 -20.94 27.16
C GLU D 385 33.11 -19.67 27.00
N ILE D 386 33.73 -18.50 27.24
CA ILE D 386 33.01 -17.19 27.23
C ILE D 386 32.35 -17.00 25.86
N VAL D 387 33.03 -17.39 24.80
CA VAL D 387 32.58 -17.16 23.40
C VAL D 387 31.41 -18.09 23.07
N SER D 388 31.43 -19.33 23.56
CA SER D 388 30.36 -20.34 23.32
C SER D 388 29.05 -19.84 23.90
N GLN D 389 29.06 -19.30 25.13
CA GLN D 389 27.86 -18.88 25.91
C GLN D 389 27.52 -17.42 25.59
N VAL D 390 27.29 -17.08 24.32
CA VAL D 390 26.82 -15.71 23.94
C VAL D 390 25.31 -15.76 23.63
PG GCP E . -4.34 -30.49 7.18
O1G GCP E . -5.07 -31.56 6.43
O2G GCP E . -3.53 -30.98 8.39
O3G GCP E . -5.34 -29.38 7.58
C3B GCP E . -3.10 -29.79 6.05
PB GCP E . -2.17 -28.37 6.63
O1B GCP E . -3.03 -27.19 6.90
O2B GCP E . -1.48 -28.92 7.79
O3A GCP E . -1.10 -28.13 5.55
PA GCP E . 0.31 -28.84 5.26
O1A GCP E . 1.34 -28.51 6.19
O2A GCP E . 0.06 -30.35 5.31
O5' GCP E . 0.56 -28.54 3.71
C5' GCP E . -0.58 -28.62 2.85
C4' GCP E . -0.15 -28.50 1.43
O4' GCP E . 0.23 -27.13 1.17
C3' GCP E . 1.07 -29.35 1.03
O3' GCP E . 0.76 -29.76 -0.29
C2' GCP E . 2.23 -28.36 1.15
O2' GCP E . 3.38 -28.60 0.35
C1' GCP E . 1.54 -27.07 0.67
N9 GCP E . 2.16 -25.86 1.21
C8 GCP E . 2.24 -25.54 2.53
N7 GCP E . 2.68 -24.37 2.73
C5 GCP E . 2.97 -23.88 1.48
C6 GCP E . 3.61 -22.64 1.09
O6 GCP E . 4.00 -21.71 1.84
N1 GCP E . 3.88 -22.63 -0.25
C2 GCP E . 3.55 -23.62 -1.13
N2 GCP E . 3.81 -23.39 -2.42
N3 GCP E . 2.92 -24.74 -0.78
C4 GCP E . 2.67 -24.79 0.54
MG MG F . -1.71 -30.64 9.13
PG GCP G . -16.58 -10.95 -4.94
O1G GCP G . -16.86 -12.24 -4.14
O2G GCP G . -15.87 -9.92 -4.06
O3G GCP G . -17.64 -10.40 -5.93
C3B GCP G . -15.23 -11.34 -6.08
PB GCP G . -15.51 -12.73 -7.18
O1B GCP G . -15.68 -13.98 -6.46
O2B GCP G . -16.76 -12.32 -7.93
O3A GCP G . -14.32 -12.74 -8.25
PA GCP G . -13.88 -11.84 -9.46
O1A GCP G . -14.27 -12.22 -10.77
O2A GCP G . -14.25 -10.44 -9.11
O5' GCP G . -12.27 -12.06 -9.48
C5' GCP G . -11.65 -11.89 -8.19
C4' GCP G . -10.16 -11.73 -8.37
O4' GCP G . -9.68 -13.02 -8.79
C3' GCP G . -9.68 -10.74 -9.45
O3' GCP G . -8.37 -10.29 -9.17
C2' GCP G . -9.55 -11.63 -10.68
O2' GCP G . -8.67 -11.20 -11.69
C1' GCP G . -8.98 -12.90 -10.03
N9 GCP G . -9.26 -14.11 -10.78
C8 GCP G . -10.48 -14.52 -11.09
N7 GCP G . -10.50 -15.65 -11.66
C5 GCP G . -9.18 -16.02 -11.74
C6 GCP G . -8.56 -17.13 -12.49
O6 GCP G . -9.12 -18.10 -13.00
N1 GCP G . -7.20 -17.00 -12.53
C2 GCP G . -6.50 -15.98 -11.94
N2 GCP G . -5.18 -15.99 -12.13
N3 GCP G . -7.06 -15.00 -11.23
C4 GCP G . -8.41 -15.08 -11.20
MG MG H . -18.18 -10.73 -7.91
PG GCP I . 2.40 17.61 -9.18
O1G GCP I . 2.68 16.18 -8.86
O2G GCP I . 1.58 17.96 -10.44
O3G GCP I . 3.71 18.42 -9.21
C3B GCP I . 1.35 18.20 -7.84
PB GCP I . 1.37 19.98 -7.64
O1B GCP I . 2.68 20.62 -7.23
O2B GCP I . 0.71 20.43 -8.88
O3A GCP I . 0.29 20.21 -6.44
PA GCP I . -1.29 20.12 -6.37
O1A GCP I . -2.02 21.33 -6.69
O2A GCP I . -1.78 18.93 -7.10
O5' GCP I . -1.48 19.81 -4.72
C5' GCP I . -0.61 18.80 -4.16
C4' GCP I . -1.12 18.39 -2.80
O4' GCP I . -0.89 19.53 -1.98
C3' GCP I . -2.62 18.03 -2.65
O3' GCP I . -2.89 17.10 -1.60
C2' GCP I . -3.22 19.39 -2.29
O2' GCP I . -4.44 19.38 -1.56
C1' GCP I . -2.11 19.93 -1.38
N9 GCP I . -2.08 21.40 -1.23
C8 GCP I . -1.90 22.30 -2.23
N7 GCP I . -1.86 23.51 -1.82
C5 GCP I . -2.04 23.42 -0.46
C6 GCP I . -2.08 24.43 0.50
O6 GCP I . -1.79 25.60 0.38
N1 GCP I . -2.43 23.95 1.73
C2 GCP I . -2.68 22.65 2.02
N2 GCP I . -3.11 22.39 3.27
N3 GCP I . -2.54 21.68 1.12
C4 GCP I . -2.22 22.15 -0.09
MG MG J . 0.23 19.39 -10.67
PG GCP K . 20.48 22.20 8.82
O1G GCP K . 20.51 23.59 8.33
O2G GCP K . 21.60 21.67 9.69
O3G GCP K . 20.31 21.38 7.52
C3B GCP K . 19.01 22.01 9.80
PB GCP K . 18.55 20.31 10.08
O1B GCP K . 18.09 19.45 9.02
O2B GCP K . 19.74 19.80 10.89
O3A GCP K . 17.35 20.34 11.10
PA GCP K . 17.30 20.63 12.67
O1A GCP K . 17.27 19.51 13.56
O2A GCP K . 18.27 21.69 12.95
O5' GCP K . 15.79 21.19 12.68
C5' GCP K . 15.32 22.14 11.70
C4' GCP K . 14.02 22.78 12.12
O4' GCP K . 12.98 21.77 12.03
C3' GCP K . 13.96 23.31 13.57
O3' GCP K . 13.14 24.47 13.74
C2' GCP K . 13.31 22.15 14.31
O2' GCP K . 12.56 22.52 15.44
C1' GCP K . 12.29 21.70 13.25
N9 GCP K . 11.89 20.33 13.42
C8 GCP K . 12.77 19.30 13.36
N7 GCP K . 12.20 18.14 13.39
C5 GCP K . 10.86 18.42 13.46
C6 GCP K . 9.78 17.53 13.65
O6 GCP K . 9.78 16.30 13.56
N1 GCP K . 8.62 18.21 13.92
C2 GCP K . 8.49 19.57 13.87
N2 GCP K . 7.27 20.06 14.07
N3 GCP K . 9.51 20.40 13.62
C4 GCP K . 10.66 19.76 13.50
MG MG L . 21.68 20.42 11.14
#